data_2J3O
#
_entry.id   2J3O
#
_cell.length_a   200.520
_cell.length_b   84.510
_cell.length_c   144.090
_cell.angle_alpha   90.00
_cell.angle_beta   123.57
_cell.angle_gamma   90.00
#
_symmetry.space_group_name_H-M   'C 1 2 1'
#
loop_
_entity.id
_entity.type
_entity.pdbx_description
1 polymer FICOLIN-2
2 non-polymer 'CALCIUM ION'
3 non-polymer 'ACETATE ION'
4 non-polymer 2-acetamido-2-deoxy-beta-D-glucopyranose
5 water water
#
_entity_poly.entity_id   1
_entity_poly.type   'polypeptide(L)'
_entity_poly.pdbx_seq_one_letter_code
;PQPCLTGPRTCKDLLDRGHFLSGWHTIYLPDCRPLTVLCDMDTDGGGWTVFQRRVDGSVDFYRDWATYKQGFGSRLGEFW
LGNDNIHALTAQGTSELRTDLVDFEDNYQFAKYRSFKVADEAEKYNLVLGAFVEGSAGDSLTFHNNQSFSTKDQDNDLNT
GNCAVMFQGAWWYKNCHTSNLNGRYLRGTHGSFANGINWKSGKGYNYSYKVSEMKVRPA
;
_entity_poly.pdbx_strand_id   A,B,C,D,E,F
#
loop_
_chem_comp.id
_chem_comp.type
_chem_comp.name
_chem_comp.formula
ACT non-polymer 'ACETATE ION' 'C2 H3 O2 -1'
CA non-polymer 'CALCIUM ION' 'Ca 2'
NAG D-saccharide, beta linking 2-acetamido-2-deoxy-beta-D-glucopyranose 'C8 H15 N O6'
#
# COMPACT_ATOMS: atom_id res chain seq x y z
N PRO A 3 -21.25 -96.64 16.26
CA PRO A 3 -20.39 -95.44 16.22
C PRO A 3 -19.59 -95.33 14.90
N CYS A 4 -18.64 -96.25 14.71
CA CYS A 4 -17.77 -96.23 13.55
C CYS A 4 -18.53 -96.36 12.23
N LEU A 5 -19.49 -97.27 12.18
CA LEU A 5 -20.18 -97.58 10.92
C LEU A 5 -21.26 -96.53 10.55
N THR A 6 -21.51 -95.59 11.48
CA THR A 6 -22.45 -94.50 11.24
C THR A 6 -21.83 -93.08 11.10
N GLY A 7 -20.58 -92.90 11.56
CA GLY A 7 -19.89 -91.59 11.42
C GLY A 7 -19.07 -91.46 10.14
N PRO A 8 -18.69 -90.22 9.78
CA PRO A 8 -18.06 -89.87 8.50
C PRO A 8 -16.63 -90.39 8.38
N ARG A 9 -16.20 -90.77 7.18
CA ARG A 9 -14.82 -91.26 7.06
C ARG A 9 -13.84 -90.36 6.28
N THR A 10 -14.37 -89.24 5.75
CA THR A 10 -13.53 -88.16 5.25
C THR A 10 -14.24 -86.83 5.45
N CYS A 11 -13.53 -85.73 5.24
CA CYS A 11 -14.12 -84.41 5.33
C CYS A 11 -15.23 -84.23 4.29
N LYS A 12 -15.10 -84.95 3.17
CA LYS A 12 -16.13 -84.89 2.17
C LYS A 12 -17.45 -85.35 2.78
N ASP A 13 -17.45 -86.49 3.44
CA ASP A 13 -18.68 -86.98 4.07
C ASP A 13 -19.32 -85.91 4.97
N LEU A 14 -18.47 -85.17 5.69
CA LEU A 14 -18.95 -84.15 6.60
C LEU A 14 -19.56 -82.99 5.82
N LEU A 15 -18.99 -82.67 4.67
CA LEU A 15 -19.58 -81.62 3.89
C LEU A 15 -20.90 -82.07 3.32
N ASP A 16 -21.04 -83.36 2.98
CA ASP A 16 -22.32 -83.83 2.42
C ASP A 16 -23.42 -83.83 3.48
N ARG A 17 -23.04 -83.89 4.75
CA ARG A 17 -23.98 -83.90 5.88
C ARG A 17 -24.23 -82.48 6.37
N GLY A 18 -23.61 -81.51 5.73
CA GLY A 18 -23.98 -80.13 6.01
C GLY A 18 -23.10 -79.38 6.97
N HIS A 19 -21.83 -79.75 7.06
CA HIS A 19 -20.83 -78.93 7.76
C HIS A 19 -20.15 -78.03 6.75
N PHE A 20 -20.60 -76.79 6.69
CA PHE A 20 -20.18 -75.89 5.65
C PHE A 20 -19.01 -75.03 6.09
N LEU A 21 -18.70 -75.09 7.39
CA LEU A 21 -17.60 -74.28 7.94
C LEU A 21 -16.34 -75.14 8.09
N SER A 22 -15.21 -74.57 7.71
CA SER A 22 -13.92 -75.23 7.93
C SER A 22 -13.62 -75.32 9.43
N GLY A 23 -13.16 -76.50 9.85
CA GLY A 23 -12.61 -76.66 11.21
C GLY A 23 -12.30 -78.10 11.53
N TRP A 24 -11.93 -78.37 12.78
CA TRP A 24 -11.61 -79.72 13.20
C TRP A 24 -12.86 -80.56 13.49
N HIS A 25 -12.91 -81.76 12.94
CA HIS A 25 -14.02 -82.70 13.12
C HIS A 25 -13.39 -84.05 13.22
N THR A 26 -13.99 -84.96 13.94
CA THR A 26 -13.36 -86.26 13.97
C THR A 26 -13.91 -87.15 12.85
N ILE A 27 -13.04 -87.92 12.22
CA ILE A 27 -13.46 -88.87 11.19
C ILE A 27 -12.97 -90.24 11.60
N TYR A 28 -13.44 -91.27 10.91
CA TYR A 28 -13.03 -92.63 11.19
C TYR A 28 -12.31 -93.28 10.02
N LEU A 29 -11.05 -93.65 10.27
CA LEU A 29 -10.23 -94.29 9.24
C LEU A 29 -10.73 -95.68 8.81
N PRO A 30 -10.10 -96.22 7.76
CA PRO A 30 -10.34 -97.59 7.35
C PRO A 30 -10.50 -98.54 8.58
N ASP A 31 -9.47 -98.62 9.43
CA ASP A 31 -9.51 -99.57 10.56
C ASP A 31 -10.33 -99.12 11.77
N CYS A 32 -11.25 -98.17 11.57
CA CYS A 32 -12.14 -97.66 12.65
C CYS A 32 -11.49 -96.82 13.77
N ARG A 33 -10.20 -96.58 13.68
CA ARG A 33 -9.57 -95.66 14.59
C ARG A 33 -10.04 -94.24 14.26
N PRO A 34 -10.48 -93.47 15.28
CA PRO A 34 -10.93 -92.10 15.08
C PRO A 34 -9.75 -91.11 15.06
N LEU A 35 -9.90 -90.02 14.31
CA LEU A 35 -8.83 -89.04 14.09
C LEU A 35 -9.47 -87.69 13.92
N THR A 36 -8.94 -86.69 14.59
CA THR A 36 -9.53 -85.39 14.45
C THR A 36 -8.68 -84.58 13.48
N VAL A 37 -9.32 -84.23 12.37
CA VAL A 37 -8.66 -83.62 11.22
C VAL A 37 -9.28 -82.28 10.87
N LEU A 38 -8.48 -81.40 10.25
CA LEU A 38 -8.93 -80.10 9.79
C LEU A 38 -9.58 -80.21 8.41
N CYS A 39 -10.86 -79.89 8.29
CA CYS A 39 -11.53 -79.84 7.01
C CYS A 39 -11.54 -78.44 6.43
N ASP A 40 -11.07 -78.29 5.19
CA ASP A 40 -11.26 -77.05 4.42
C ASP A 40 -12.56 -77.27 3.68
N MET A 41 -13.61 -76.54 4.07
CA MET A 41 -14.93 -76.74 3.45
C MET A 41 -15.16 -75.68 2.39
N ASP A 42 -14.12 -74.90 2.17
CA ASP A 42 -14.25 -73.67 1.42
C ASP A 42 -13.69 -73.74 -0.01
N THR A 43 -12.37 -73.87 -0.10
CA THR A 43 -11.64 -73.98 -1.35
C THR A 43 -12.16 -75.04 -2.31
N ASP A 44 -12.33 -74.65 -3.58
CA ASP A 44 -12.62 -75.58 -4.67
C ASP A 44 -13.65 -76.61 -4.27
N GLY A 45 -14.87 -76.15 -4.01
CA GLY A 45 -15.98 -77.05 -3.70
C GLY A 45 -15.91 -77.64 -2.31
N GLY A 46 -14.81 -77.40 -1.59
CA GLY A 46 -14.64 -77.90 -0.23
C GLY A 46 -14.64 -79.41 -0.02
N GLY A 47 -14.34 -79.86 1.20
CA GLY A 47 -14.35 -81.28 1.54
C GLY A 47 -12.94 -81.85 1.55
N TRP A 48 -11.96 -80.99 1.82
CA TRP A 48 -10.55 -81.40 1.83
C TRP A 48 -10.08 -81.67 3.25
N THR A 49 -9.36 -82.77 3.44
CA THR A 49 -8.73 -83.04 4.71
C THR A 49 -7.33 -82.44 4.65
N VAL A 50 -7.06 -81.45 5.49
CA VAL A 50 -5.78 -80.74 5.44
C VAL A 50 -4.76 -81.47 6.29
N PHE A 51 -3.58 -81.78 5.74
CA PHE A 51 -2.60 -82.54 6.53
C PHE A 51 -1.32 -81.79 6.80
N GLN A 52 -1.17 -80.60 6.23
CA GLN A 52 -0.01 -79.75 6.52
C GLN A 52 -0.49 -78.33 6.47
N ARG A 53 0.07 -77.46 7.29
CA ARG A 53 -0.37 -76.09 7.28
C ARG A 53 0.70 -75.19 7.86
N ARG A 54 1.12 -74.19 7.07
CA ARG A 54 2.04 -73.17 7.54
C ARG A 54 1.36 -71.82 7.38
N VAL A 55 1.56 -70.93 8.34
CA VAL A 55 0.71 -69.74 8.40
C VAL A 55 1.35 -68.56 9.11
N ASP A 56 2.18 -68.83 10.11
CA ASP A 56 2.73 -67.72 10.91
C ASP A 56 4.14 -68.01 11.47
N GLY A 57 4.70 -69.17 11.11
CA GLY A 57 6.05 -69.53 11.53
C GLY A 57 6.22 -69.66 13.04
N SER A 58 5.19 -70.16 13.72
CA SER A 58 5.27 -70.24 15.18
C SER A 58 5.57 -71.67 15.61
N VAL A 59 5.51 -72.61 14.68
CA VAL A 59 5.85 -73.97 15.04
C VAL A 59 7.13 -74.38 14.36
N ASP A 60 8.03 -74.97 15.15
CA ASP A 60 9.31 -75.43 14.62
C ASP A 60 9.11 -76.64 13.72
N PHE A 61 9.32 -76.47 12.42
CA PHE A 61 9.25 -77.62 11.53
C PHE A 61 10.56 -78.38 11.33
N TYR A 62 11.60 -78.00 12.09
CA TYR A 62 12.89 -78.71 11.97
C TYR A 62 12.99 -79.95 12.88
N ARG A 63 12.38 -81.08 12.44
CA ARG A 63 12.01 -82.18 13.36
C ARG A 63 12.58 -83.53 12.91
N ASP A 64 12.49 -84.56 13.77
CA ASP A 64 13.05 -85.86 13.43
C ASP A 64 12.04 -86.88 12.89
N TRP A 65 12.50 -88.11 12.69
CA TRP A 65 11.67 -89.15 12.06
C TRP A 65 10.46 -89.48 12.93
N ALA A 66 10.72 -89.67 14.22
CA ALA A 66 9.68 -90.05 15.15
C ALA A 66 8.60 -88.95 15.19
N THR A 67 9.05 -87.70 15.37
CA THR A 67 8.16 -86.56 15.45
C THR A 67 7.35 -86.35 14.15
N TYR A 68 7.98 -86.53 12.99
CA TYR A 68 7.19 -86.48 11.76
C TYR A 68 6.31 -87.73 11.68
N LYS A 69 6.69 -88.76 12.42
CA LYS A 69 5.96 -90.01 12.25
C LYS A 69 4.59 -89.86 12.90
N GLN A 70 4.58 -89.44 14.15
CA GLN A 70 3.35 -89.39 14.93
C GLN A 70 2.51 -88.15 14.60
N GLY A 71 3.16 -87.06 14.17
CA GLY A 71 2.47 -85.81 13.89
C GLY A 71 2.89 -84.79 14.93
N PHE A 72 2.90 -83.51 14.57
CA PHE A 72 3.29 -82.45 15.51
C PHE A 72 2.62 -81.10 15.14
N GLY A 73 2.54 -80.19 16.11
CA GLY A 73 1.92 -78.90 15.84
C GLY A 73 0.72 -78.50 16.69
N SER A 74 -0.08 -77.55 16.18
CA SER A 74 -1.21 -76.98 16.91
C SER A 74 -2.47 -76.82 16.07
N ARG A 75 -3.58 -77.44 16.50
CA ARG A 75 -4.85 -77.30 15.79
C ARG A 75 -5.23 -75.84 15.57
N LEU A 76 -4.66 -74.96 16.39
CA LEU A 76 -4.98 -73.57 16.31
C LEU A 76 -4.20 -72.89 15.23
N GLY A 77 -3.21 -73.57 14.68
CA GLY A 77 -2.28 -72.93 13.76
C GLY A 77 -1.57 -73.84 12.79
N GLU A 78 -0.30 -74.09 13.03
CA GLU A 78 0.48 -74.84 12.07
C GLU A 78 0.64 -76.27 12.56
N PHE A 79 0.71 -77.23 11.65
CA PHE A 79 0.82 -78.61 12.07
C PHE A 79 1.24 -79.53 10.93
N TRP A 80 1.75 -80.73 11.26
CA TRP A 80 1.92 -81.81 10.29
C TRP A 80 1.05 -83.00 10.80
N LEU A 81 0.07 -83.46 10.02
CA LEU A 81 -0.90 -84.43 10.54
C LEU A 81 -0.21 -85.70 10.98
N GLY A 82 1.00 -85.95 10.46
CA GLY A 82 1.76 -87.14 10.83
C GLY A 82 1.77 -88.22 9.75
N ASN A 83 2.95 -88.72 9.41
CA ASN A 83 3.02 -89.71 8.32
C ASN A 83 2.19 -90.96 8.39
N ASP A 84 2.09 -91.64 9.55
CA ASP A 84 1.15 -92.80 9.54
C ASP A 84 -0.33 -92.44 9.53
N ASN A 85 -0.66 -91.21 9.90
CA ASN A 85 -2.03 -90.73 9.60
C ASN A 85 -2.16 -90.42 8.12
N ILE A 86 -1.23 -89.62 7.62
CA ILE A 86 -1.25 -89.26 6.21
C ILE A 86 -1.32 -90.57 5.45
N HIS A 87 -0.61 -91.58 5.96
CA HIS A 87 -0.65 -92.89 5.31
C HIS A 87 -2.03 -93.49 5.45
N ALA A 88 -2.52 -93.58 6.68
CA ALA A 88 -3.83 -94.15 6.93
C ALA A 88 -4.85 -93.48 6.03
N LEU A 89 -4.74 -92.17 5.83
CA LEU A 89 -5.76 -91.49 5.04
C LEU A 89 -5.71 -91.96 3.60
N THR A 90 -4.54 -91.71 2.99
CA THR A 90 -4.29 -92.09 1.60
C THR A 90 -4.07 -93.61 1.37
N ALA A 91 -4.52 -94.44 2.31
CA ALA A 91 -4.24 -95.89 2.27
C ALA A 91 -5.03 -96.59 1.17
N GLN A 92 -6.23 -97.06 1.51
CA GLN A 92 -7.07 -97.67 0.50
C GLN A 92 -7.90 -96.59 -0.21
N GLY A 93 -7.97 -96.64 -1.54
CA GLY A 93 -8.78 -95.69 -2.33
C GLY A 93 -7.85 -94.76 -3.11
N THR A 94 -8.37 -93.62 -3.57
CA THR A 94 -7.52 -92.63 -4.23
C THR A 94 -8.01 -91.18 -4.03
N SER A 95 -7.10 -90.29 -3.68
CA SER A 95 -7.50 -88.93 -3.38
C SER A 95 -6.58 -87.91 -4.03
N GLU A 96 -7.17 -86.79 -4.46
CA GLU A 96 -6.45 -85.75 -5.16
C GLU A 96 -5.72 -84.87 -4.16
N LEU A 97 -4.47 -84.51 -4.44
CA LEU A 97 -3.76 -83.60 -3.56
C LEU A 97 -3.86 -82.21 -4.16
N ARG A 98 -4.14 -81.21 -3.34
CA ARG A 98 -4.15 -79.85 -3.82
C ARG A 98 -3.25 -79.07 -2.90
N THR A 99 -2.51 -78.11 -3.42
CA THR A 99 -1.63 -77.34 -2.57
C THR A 99 -2.00 -75.89 -2.73
N ASP A 100 -1.91 -75.11 -1.64
CA ASP A 100 -2.36 -73.76 -1.67
C ASP A 100 -1.30 -72.91 -1.01
N LEU A 101 -0.85 -71.89 -1.75
CA LEU A 101 0.24 -71.05 -1.33
C LEU A 101 -0.20 -69.62 -1.34
N VAL A 102 0.42 -68.80 -0.48
CA VAL A 102 0.01 -67.43 -0.35
C VAL A 102 1.25 -66.64 0.08
N ASP A 103 1.64 -65.66 -0.74
CA ASP A 103 2.87 -64.94 -0.47
C ASP A 103 2.57 -63.74 0.40
N PHE A 104 3.63 -63.06 0.83
CA PHE A 104 3.47 -62.00 1.82
C PHE A 104 2.87 -60.71 1.24
N GLU A 105 2.20 -60.82 0.08
CA GLU A 105 1.49 -59.67 -0.49
C GLU A 105 0.10 -60.13 -0.86
N ASP A 106 -0.26 -61.30 -0.33
CA ASP A 106 -1.61 -61.81 -0.49
C ASP A 106 -1.97 -62.17 -1.95
N ASN A 107 -1.03 -62.78 -2.64
CA ASN A 107 -1.32 -63.44 -3.92
C ASN A 107 -1.55 -64.95 -3.78
N TYR A 108 -2.60 -65.45 -4.44
CA TYR A 108 -2.98 -66.87 -4.33
C TYR A 108 -2.37 -67.74 -5.41
N GLN A 109 -1.90 -68.91 -4.99
CA GLN A 109 -1.39 -69.87 -5.94
C GLN A 109 -1.71 -71.27 -5.44
N PHE A 110 -2.12 -72.13 -6.36
CA PHE A 110 -2.42 -73.52 -6.04
C PHE A 110 -1.88 -74.49 -7.10
N ALA A 111 -1.94 -75.79 -6.81
CA ALA A 111 -1.52 -76.86 -7.73
C ALA A 111 -2.35 -78.07 -7.35
N LYS A 112 -2.95 -78.76 -8.32
CA LYS A 112 -3.75 -79.93 -8.02
C LYS A 112 -3.02 -81.14 -8.58
N TYR A 113 -3.33 -82.36 -8.13
CA TYR A 113 -2.71 -83.57 -8.71
C TYR A 113 -3.73 -84.69 -8.74
N ARG A 114 -3.67 -85.55 -9.76
CA ARG A 114 -4.76 -86.51 -9.96
C ARG A 114 -4.88 -87.38 -8.72
N SER A 115 -3.72 -87.69 -8.11
CA SER A 115 -3.73 -88.54 -6.91
C SER A 115 -2.47 -88.33 -6.03
N PHE A 116 -2.56 -88.74 -4.77
CA PHE A 116 -1.46 -88.55 -3.83
C PHE A 116 -1.61 -89.52 -2.67
N LYS A 117 -0.51 -90.22 -2.37
CA LYS A 117 -0.45 -91.21 -1.26
C LYS A 117 0.99 -91.46 -0.81
N VAL A 118 1.19 -91.77 0.48
CA VAL A 118 2.53 -92.02 0.97
C VAL A 118 2.68 -93.49 1.40
N ALA A 119 3.86 -94.04 1.14
CA ALA A 119 4.13 -95.43 1.50
C ALA A 119 4.13 -95.55 3.02
N ASP A 120 3.86 -96.76 3.54
CA ASP A 120 3.67 -97.00 4.98
C ASP A 120 4.98 -97.00 5.78
N GLU A 121 4.85 -97.09 7.11
CA GLU A 121 6.02 -97.02 8.03
C GLU A 121 7.15 -97.88 7.48
N ALA A 122 6.78 -99.11 7.11
CA ALA A 122 7.73 -100.10 6.56
C ALA A 122 8.49 -99.52 5.35
N GLU A 123 7.74 -99.22 4.29
CA GLU A 123 8.36 -98.76 3.04
C GLU A 123 8.82 -97.32 3.08
N LYS A 124 9.43 -96.90 4.20
CA LYS A 124 9.66 -95.46 4.39
C LYS A 124 8.38 -94.64 4.08
N TYR A 125 8.52 -93.37 3.70
CA TYR A 125 7.30 -92.59 3.52
C TYR A 125 7.26 -92.06 2.11
N ASN A 126 7.41 -93.05 1.22
CA ASN A 126 7.65 -92.80 -0.19
C ASN A 126 6.50 -92.09 -0.87
N LEU A 127 6.88 -90.99 -1.55
CA LEU A 127 5.90 -90.11 -2.18
C LEU A 127 5.39 -90.73 -3.47
N VAL A 128 4.09 -91.04 -3.50
CA VAL A 128 3.53 -91.62 -4.72
C VAL A 128 2.51 -90.66 -5.31
N LEU A 129 3.02 -89.73 -6.13
CA LEU A 129 2.21 -88.62 -6.68
C LEU A 129 1.24 -89.12 -7.74
N GLY A 130 0.64 -88.17 -8.49
CA GLY A 130 -0.33 -88.54 -9.51
C GLY A 130 0.10 -88.00 -10.87
N ALA A 131 -0.05 -86.68 -11.04
CA ALA A 131 0.31 -86.00 -12.27
C ALA A 131 -0.21 -84.60 -12.08
N PHE A 132 0.56 -83.61 -12.59
CA PHE A 132 0.16 -82.22 -12.42
C PHE A 132 -1.10 -81.98 -13.23
N VAL A 133 -2.00 -81.14 -12.72
CA VAL A 133 -3.17 -80.77 -13.54
C VAL A 133 -3.75 -79.43 -13.08
N GLU A 134 -3.22 -78.35 -13.67
CA GLU A 134 -3.75 -76.99 -13.53
C GLU A 134 -3.32 -76.19 -12.30
N GLY A 135 -2.02 -75.89 -12.17
CA GLY A 135 -1.59 -75.05 -11.06
C GLY A 135 -0.93 -73.71 -11.39
N SER A 136 -1.47 -72.64 -10.83
CA SER A 136 -0.92 -71.30 -11.01
C SER A 136 0.39 -71.10 -10.25
N ALA A 137 0.92 -72.15 -9.63
CA ALA A 137 2.23 -72.03 -8.92
C ALA A 137 3.22 -73.01 -9.55
N GLY A 138 2.74 -73.67 -10.62
CA GLY A 138 3.63 -74.52 -11.39
C GLY A 138 3.72 -75.86 -10.71
N ASP A 139 4.50 -76.77 -11.31
CA ASP A 139 4.70 -78.08 -10.73
C ASP A 139 6.10 -78.18 -10.08
N SER A 140 6.17 -77.99 -8.76
CA SER A 140 7.43 -78.15 -8.03
C SER A 140 7.42 -79.45 -7.19
N LEU A 141 6.56 -80.39 -7.54
CA LEU A 141 6.54 -81.63 -6.78
C LEU A 141 6.79 -82.92 -7.58
N THR A 142 6.44 -82.90 -8.88
CA THR A 142 6.62 -84.06 -9.76
C THR A 142 8.06 -84.56 -9.69
N PHE A 143 8.99 -83.60 -9.49
CA PHE A 143 10.41 -83.95 -9.38
C PHE A 143 10.74 -84.76 -8.15
N HIS A 144 9.80 -84.82 -7.18
CA HIS A 144 10.05 -85.48 -5.87
C HIS A 144 9.31 -86.82 -5.83
N ASN A 145 8.35 -87.01 -6.77
CA ASN A 145 7.61 -88.28 -6.86
C ASN A 145 8.57 -89.46 -6.76
N ASN A 146 8.34 -90.35 -5.80
CA ASN A 146 9.06 -91.64 -5.70
C ASN A 146 10.30 -91.67 -4.76
N GLN A 147 10.45 -90.63 -3.93
CA GLN A 147 11.49 -90.64 -2.90
C GLN A 147 10.96 -90.84 -1.48
N SER A 148 11.86 -91.38 -0.65
CA SER A 148 11.55 -91.64 0.74
C SER A 148 11.50 -90.30 1.46
N PHE A 149 10.78 -90.27 2.58
CA PHE A 149 10.78 -89.06 3.36
C PHE A 149 12.10 -89.04 4.07
N SER A 150 12.73 -87.89 4.19
CA SER A 150 13.90 -87.88 5.07
C SER A 150 13.89 -86.73 6.07
N THR A 151 14.59 -86.93 7.18
CA THR A 151 14.64 -85.98 8.28
C THR A 151 16.07 -85.86 8.84
N LYS A 152 16.31 -84.80 9.61
CA LYS A 152 17.63 -84.54 10.19
C LYS A 152 18.33 -85.77 10.82
N ASP A 153 17.55 -86.75 11.27
CA ASP A 153 18.12 -87.94 11.91
C ASP A 153 17.88 -89.20 11.05
N GLN A 154 17.44 -89.01 9.81
CA GLN A 154 17.30 -90.16 8.91
C GLN A 154 17.44 -89.79 7.45
N ASP A 155 18.58 -90.24 6.86
CA ASP A 155 18.97 -89.98 5.46
C ASP A 155 18.37 -91.05 4.53
N ASN A 156 17.50 -90.60 3.64
CA ASN A 156 16.88 -91.48 2.68
C ASN A 156 16.98 -90.78 1.30
N ASP A 157 17.84 -89.73 1.25
CA ASP A 157 18.03 -89.01 -0.01
C ASP A 157 19.28 -89.40 -0.79
N LEU A 158 19.28 -88.88 -2.03
CA LEU A 158 20.26 -89.19 -3.09
C LEU A 158 21.35 -88.12 -3.09
N ASN A 159 22.24 -88.20 -2.11
CA ASN A 159 23.17 -87.11 -1.83
C ASN A 159 24.31 -87.58 -0.89
N THR A 160 25.35 -86.76 -0.80
CA THR A 160 26.52 -87.10 0.01
C THR A 160 26.32 -86.60 1.47
N GLY A 161 25.50 -85.54 1.59
CA GLY A 161 25.14 -84.93 2.91
C GLY A 161 23.62 -84.96 3.11
N ASN A 162 23.17 -84.81 4.36
CA ASN A 162 21.70 -84.71 4.66
C ASN A 162 21.09 -83.45 4.10
N CYS A 163 20.38 -83.64 2.99
CA CYS A 163 19.74 -82.54 2.30
C CYS A 163 18.74 -81.83 3.25
N ALA A 164 18.27 -82.61 4.23
CA ALA A 164 17.31 -82.13 5.21
C ALA A 164 18.07 -81.38 6.27
N VAL A 165 19.33 -81.77 6.49
CA VAL A 165 20.14 -81.03 7.47
C VAL A 165 20.59 -79.75 6.79
N MET A 166 20.91 -79.89 5.50
CA MET A 166 21.33 -78.77 4.64
C MET A 166 20.27 -77.66 4.65
N PHE A 167 19.01 -78.04 4.43
CA PHE A 167 17.97 -77.06 4.13
C PHE A 167 16.90 -76.96 5.21
N GLN A 168 17.23 -77.48 6.39
CA GLN A 168 16.38 -77.35 7.55
C GLN A 168 14.93 -77.57 7.14
N GLY A 169 14.63 -78.78 6.70
CA GLY A 169 13.28 -79.14 6.32
C GLY A 169 13.02 -80.61 6.62
N ALA A 170 12.10 -81.19 5.86
CA ALA A 170 11.76 -82.59 5.97
C ALA A 170 10.83 -82.81 4.81
N TRP A 171 11.14 -83.78 3.97
CA TRP A 171 10.53 -83.75 2.67
C TRP A 171 10.97 -85.02 1.97
N TRP A 172 10.45 -85.23 0.75
CA TRP A 172 10.94 -86.35 -0.08
C TRP A 172 12.17 -85.89 -0.93
N TYR A 173 13.30 -85.70 -0.25
CA TYR A 173 14.48 -85.10 -0.87
C TYR A 173 15.26 -86.05 -1.81
N LYS A 174 16.14 -85.45 -2.64
CA LYS A 174 16.94 -86.15 -3.67
C LYS A 174 17.92 -85.21 -4.33
N ASN A 175 18.89 -84.73 -3.57
CA ASN A 175 20.01 -84.05 -4.23
C ASN A 175 19.49 -83.16 -5.36
N CYS A 176 18.60 -82.20 -5.03
CA CYS A 176 18.19 -81.97 -3.63
C CYS A 176 16.68 -81.66 -3.45
N HIS A 177 16.26 -80.40 -3.63
CA HIS A 177 14.79 -80.11 -3.60
C HIS A 177 14.35 -78.97 -4.56
N THR A 178 13.08 -79.08 -5.06
CA THR A 178 12.45 -78.00 -5.85
C THR A 178 11.31 -77.32 -5.05
N SER A 179 10.99 -77.92 -3.88
CA SER A 179 9.91 -77.42 -3.00
C SER A 179 10.20 -77.84 -1.56
N ASN A 180 10.13 -76.86 -0.66
CA ASN A 180 10.61 -77.07 0.71
C ASN A 180 9.55 -76.72 1.74
N LEU A 181 8.33 -77.24 1.56
CA LEU A 181 7.17 -76.75 2.37
C LEU A 181 7.34 -76.89 3.90
N ASN A 182 8.11 -77.87 4.35
CA ASN A 182 8.43 -77.97 5.77
C ASN A 182 9.74 -77.25 6.13
N GLY A 183 10.18 -76.35 5.25
CA GLY A 183 11.41 -75.62 5.48
C GLY A 183 11.21 -74.61 6.60
N ARG A 184 12.11 -73.65 6.73
CA ARG A 184 11.86 -72.58 7.70
C ARG A 184 10.85 -71.51 7.22
N TYR A 185 10.18 -70.87 8.19
CA TYR A 185 9.26 -69.78 7.91
C TYR A 185 10.14 -68.52 7.85
N LEU A 186 11.01 -68.43 6.84
CA LEU A 186 12.00 -67.30 6.84
C LEU A 186 11.32 -65.96 6.55
N ARG A 187 9.99 -65.98 6.49
CA ARG A 187 9.15 -64.77 6.52
C ARG A 187 9.35 -63.88 5.29
N GLY A 188 9.35 -64.48 4.08
CA GLY A 188 9.60 -63.71 2.85
C GLY A 188 11.03 -63.67 2.35
N THR A 189 11.43 -62.52 1.83
CA THR A 189 12.72 -62.35 1.13
C THR A 189 13.90 -62.69 2.06
N HIS A 190 14.68 -63.73 1.74
CA HIS A 190 15.76 -64.17 2.66
C HIS A 190 17.14 -64.52 2.03
N GLY A 191 18.22 -64.22 2.79
CA GLY A 191 19.59 -64.32 2.27
C GLY A 191 20.31 -65.66 2.36
N SER A 192 19.60 -66.73 2.73
CA SER A 192 20.17 -68.08 2.66
C SER A 192 19.49 -68.83 1.52
N PHE A 193 20.06 -69.96 1.11
CA PHE A 193 19.56 -70.60 -0.10
C PHE A 193 18.63 -71.73 0.27
N ALA A 194 17.50 -71.80 -0.45
CA ALA A 194 16.57 -72.99 -0.44
C ALA A 194 16.20 -73.58 0.95
N ASN A 195 16.42 -72.82 2.01
CA ASN A 195 15.97 -73.29 3.34
C ASN A 195 14.70 -72.57 3.91
N GLY A 196 13.95 -71.88 3.05
CA GLY A 196 12.65 -71.32 3.47
C GLY A 196 11.52 -72.28 3.07
N ILE A 197 10.27 -71.84 3.26
CA ILE A 197 9.13 -72.57 2.73
C ILE A 197 9.10 -72.25 1.23
N ASN A 198 9.85 -73.06 0.47
CA ASN A 198 10.10 -72.72 -0.97
C ASN A 198 9.33 -73.59 -1.97
N TRP A 199 9.02 -72.99 -3.12
CA TRP A 199 8.39 -73.71 -4.25
C TRP A 199 8.87 -73.01 -5.54
N LYS A 200 9.87 -73.64 -6.20
CA LYS A 200 10.56 -73.09 -7.39
C LYS A 200 9.64 -72.33 -8.37
N SER A 201 8.79 -73.04 -9.12
CA SER A 201 7.81 -72.43 -10.05
C SER A 201 7.09 -71.22 -9.46
N GLY A 202 6.98 -71.21 -8.13
CA GLY A 202 6.22 -70.18 -7.42
C GLY A 202 7.04 -68.95 -7.04
N LYS A 203 8.02 -69.10 -6.18
CA LYS A 203 8.78 -67.93 -5.72
C LYS A 203 10.29 -68.07 -5.86
N GLY A 204 10.76 -69.25 -6.29
CA GLY A 204 12.20 -69.46 -6.48
C GLY A 204 12.81 -69.88 -5.16
N TYR A 205 14.13 -69.83 -5.05
CA TYR A 205 14.75 -70.41 -3.86
C TYR A 205 15.04 -69.44 -2.66
N ASN A 206 14.85 -68.12 -2.85
CA ASN A 206 15.21 -67.16 -1.78
C ASN A 206 14.05 -66.32 -1.29
N TYR A 207 12.84 -66.89 -1.36
CA TYR A 207 11.64 -66.25 -0.85
C TYR A 207 10.76 -67.26 -0.09
N SER A 208 10.37 -66.93 1.16
CA SER A 208 9.58 -67.91 1.99
C SER A 208 8.12 -67.51 2.28
N TYR A 209 7.21 -68.30 1.71
CA TYR A 209 5.75 -68.07 1.78
C TYR A 209 5.14 -67.72 3.13
N LYS A 210 4.03 -66.98 3.05
CA LYS A 210 3.24 -66.60 4.21
C LYS A 210 2.33 -67.78 4.58
N VAL A 211 1.81 -68.47 3.56
CA VAL A 211 0.87 -69.55 3.77
C VAL A 211 1.04 -70.76 2.84
N SER A 212 1.02 -71.94 3.45
CA SER A 212 1.15 -73.19 2.71
C SER A 212 0.19 -74.22 3.33
N GLU A 213 -0.49 -74.99 2.48
CA GLU A 213 -1.41 -75.97 2.95
C GLU A 213 -1.43 -77.09 1.95
N MET A 214 -1.30 -78.32 2.43
CA MET A 214 -1.44 -79.47 1.56
C MET A 214 -2.67 -80.26 2.02
N LYS A 215 -3.46 -80.79 1.10
CA LYS A 215 -4.75 -81.41 1.49
C LYS A 215 -5.24 -82.42 0.47
N VAL A 216 -6.12 -83.33 0.90
CA VAL A 216 -6.56 -84.44 0.06
C VAL A 216 -8.07 -84.62 0.03
N ARG A 217 -8.57 -85.30 -1.00
CA ARG A 217 -10.01 -85.46 -1.16
C ARG A 217 -10.27 -86.62 -2.11
N PRO A 218 -11.26 -87.48 -1.78
CA PRO A 218 -11.51 -88.64 -2.65
C PRO A 218 -11.99 -88.20 -4.05
N ALA A 219 -11.94 -89.14 -5.04
CA ALA A 219 -12.48 -88.88 -6.38
C ALA A 219 -13.39 -90.03 -6.85
N PRO B 1 -13.73 -84.33 47.06
CA PRO B 1 -13.99 -84.74 45.67
C PRO B 1 -12.84 -85.61 45.10
N PRO B 3 -10.71 -88.06 42.25
CA PRO B 3 -10.45 -88.10 40.79
C PRO B 3 -11.44 -88.99 40.02
N CYS B 4 -11.72 -88.63 38.77
CA CYS B 4 -12.62 -89.38 37.89
C CYS B 4 -11.92 -90.55 37.18
N LEU B 5 -12.43 -91.78 37.39
CA LEU B 5 -11.92 -92.95 36.65
C LEU B 5 -12.68 -93.15 35.34
N THR B 6 -13.70 -92.33 35.12
CA THR B 6 -14.49 -92.46 33.90
C THR B 6 -13.65 -92.33 32.61
N GLY B 7 -12.87 -91.24 32.48
CA GLY B 7 -12.03 -90.96 31.28
C GLY B 7 -10.82 -90.05 31.57
N PRO B 8 -10.38 -89.25 30.58
CA PRO B 8 -9.13 -88.47 30.71
C PRO B 8 -9.17 -87.33 31.77
N ARG B 9 -8.23 -87.36 32.71
CA ARG B 9 -8.20 -86.37 33.80
C ARG B 9 -7.28 -85.16 33.47
N THR B 10 -6.43 -85.31 32.45
CA THR B 10 -5.40 -84.34 32.15
C THR B 10 -5.04 -84.40 30.69
N CYS B 11 -4.35 -83.36 30.22
CA CYS B 11 -3.76 -83.37 28.89
C CYS B 11 -2.75 -84.49 28.73
N LYS B 12 -2.07 -84.84 29.82
CA LYS B 12 -1.15 -85.97 29.79
C LYS B 12 -1.86 -87.24 29.34
N ASP B 13 -3.06 -87.46 29.90
CA ASP B 13 -3.78 -88.66 29.56
C ASP B 13 -4.06 -88.60 28.08
N LEU B 14 -4.42 -87.41 27.62
CA LEU B 14 -4.83 -87.24 26.21
C LEU B 14 -3.64 -87.48 25.27
N LEU B 15 -2.45 -87.02 25.67
CA LEU B 15 -1.27 -87.20 24.85
C LEU B 15 -1.01 -88.68 24.76
N ASP B 16 -1.15 -89.37 25.89
CA ASP B 16 -0.94 -90.81 25.97
C ASP B 16 -1.87 -91.58 25.08
N ARG B 17 -3.03 -91.05 24.79
CA ARG B 17 -3.93 -91.77 23.90
C ARG B 17 -3.81 -91.26 22.45
N GLY B 18 -2.61 -90.81 22.08
CA GLY B 18 -2.35 -90.39 20.69
C GLY B 18 -2.90 -89.06 20.20
N HIS B 19 -3.08 -88.09 21.10
CA HIS B 19 -3.38 -86.72 20.69
C HIS B 19 -2.12 -85.90 20.66
N PHE B 20 -1.52 -85.82 19.48
CA PHE B 20 -0.21 -85.21 19.31
C PHE B 20 -0.26 -83.76 18.94
N LEU B 21 -1.42 -83.26 18.58
CA LEU B 21 -1.52 -81.86 18.22
C LEU B 21 -2.01 -81.06 19.42
N SER B 22 -1.41 -79.91 19.63
CA SER B 22 -1.92 -78.99 20.63
C SER B 22 -3.29 -78.48 20.21
N GLY B 23 -4.12 -78.13 21.18
CA GLY B 23 -5.47 -77.65 20.95
C GLY B 23 -6.40 -77.83 22.15
N TRP B 24 -7.66 -77.42 21.99
CA TRP B 24 -8.71 -77.58 23.03
C TRP B 24 -9.30 -79.00 23.09
N HIS B 25 -9.31 -79.58 24.28
CA HIS B 25 -9.82 -80.93 24.49
C HIS B 25 -10.59 -80.95 25.79
N THR B 26 -11.48 -81.90 25.95
CA THR B 26 -12.19 -81.94 27.21
C THR B 26 -11.57 -82.95 28.17
N ILE B 27 -11.31 -82.49 29.39
CA ILE B 27 -10.85 -83.36 30.46
C ILE B 27 -11.93 -83.45 31.54
N TYR B 28 -11.72 -84.38 32.46
CA TYR B 28 -12.69 -84.66 33.51
C TYR B 28 -12.07 -84.41 34.85
N LEU B 29 -12.52 -83.33 35.49
CA LEU B 29 -12.05 -82.96 36.82
C LEU B 29 -12.59 -83.88 37.90
N PRO B 30 -12.08 -83.74 39.12
CA PRO B 30 -12.56 -84.42 40.32
C PRO B 30 -14.02 -84.93 40.36
N ASP B 31 -15.05 -84.09 40.25
CA ASP B 31 -16.40 -84.71 40.40
C ASP B 31 -16.94 -85.20 39.06
N CYS B 32 -16.05 -85.80 38.26
CA CYS B 32 -16.21 -85.86 36.80
C CYS B 32 -16.86 -84.61 36.11
N ARG B 33 -16.54 -83.41 36.59
N ARG B 33 -16.49 -83.42 36.56
CA ARG B 33 -16.98 -82.21 35.86
CA ARG B 33 -16.90 -82.19 35.88
C ARG B 33 -16.10 -82.00 34.62
C ARG B 33 -16.07 -82.01 34.61
N PRO B 34 -16.72 -82.01 33.45
CA PRO B 34 -16.01 -81.82 32.19
C PRO B 34 -15.59 -80.35 31.97
N LEU B 35 -14.34 -80.14 31.54
CA LEU B 35 -13.81 -78.84 31.21
C LEU B 35 -13.10 -78.96 29.86
N THR B 36 -13.33 -78.00 28.97
CA THR B 36 -12.50 -77.88 27.78
C THR B 36 -11.26 -77.00 28.08
N VAL B 37 -10.07 -77.58 27.89
CA VAL B 37 -8.80 -76.94 28.22
C VAL B 37 -7.86 -76.98 27.03
N LEU B 38 -6.90 -76.06 27.02
CA LEU B 38 -5.90 -76.01 25.99
C LEU B 38 -4.78 -76.95 26.39
N CYS B 39 -4.47 -77.91 25.53
CA CYS B 39 -3.32 -78.77 25.78
C CYS B 39 -2.12 -78.37 24.95
N ASP B 40 -0.97 -78.26 25.60
CA ASP B 40 0.30 -78.07 24.90
C ASP B 40 0.89 -79.45 24.70
N MET B 41 0.80 -79.97 23.49
CA MET B 41 1.35 -81.28 23.22
C MET B 41 2.81 -81.28 22.74
N ASP B 42 3.50 -80.15 22.90
CA ASP B 42 4.80 -79.99 22.29
C ASP B 42 5.95 -79.61 23.22
N THR B 43 5.77 -78.56 24.00
CA THR B 43 6.77 -78.07 24.93
C THR B 43 7.21 -79.13 25.95
N ASP B 44 8.51 -79.44 25.98
CA ASP B 44 9.09 -80.23 27.07
C ASP B 44 8.40 -81.58 27.19
N GLY B 45 8.40 -82.30 26.08
CA GLY B 45 7.69 -83.58 26.02
C GLY B 45 6.16 -83.58 25.87
N GLY B 46 5.52 -82.42 26.07
CA GLY B 46 4.07 -82.33 25.85
C GLY B 46 3.19 -82.85 26.96
N GLY B 47 1.89 -82.61 26.85
CA GLY B 47 0.94 -82.96 27.91
C GLY B 47 0.76 -81.92 29.00
N TRP B 48 0.96 -80.64 28.68
CA TRP B 48 0.69 -79.59 29.64
C TRP B 48 -0.71 -79.02 29.45
N THR B 49 -1.41 -78.79 30.56
CA THR B 49 -2.68 -78.08 30.55
C THR B 49 -2.44 -76.61 30.77
N VAL B 50 -2.76 -75.79 29.78
CA VAL B 50 -2.52 -74.38 29.85
C VAL B 50 -3.66 -73.66 30.56
N PHE B 51 -3.34 -72.96 31.63
CA PHE B 51 -4.35 -72.22 32.29
C PHE B 51 -4.27 -70.70 32.12
N GLN B 52 -3.15 -70.21 31.59
CA GLN B 52 -3.03 -68.79 31.25
C GLN B 52 -2.36 -68.59 29.90
N ARG B 53 -2.95 -67.78 29.04
CA ARG B 53 -2.33 -67.50 27.76
C ARG B 53 -2.41 -66.01 27.32
N ARG B 54 -1.26 -65.44 26.96
CA ARG B 54 -1.19 -64.06 26.45
C ARG B 54 -0.43 -64.15 25.15
N VAL B 55 -0.88 -63.40 24.17
CA VAL B 55 -0.29 -63.53 22.87
C VAL B 55 -0.28 -62.17 22.12
N ASP B 56 -1.40 -61.44 22.12
CA ASP B 56 -1.51 -60.27 21.26
C ASP B 56 -2.04 -58.99 21.93
N GLY B 57 -2.33 -59.04 23.22
CA GLY B 57 -3.03 -57.92 23.88
C GLY B 57 -4.52 -57.77 23.51
N SER B 58 -5.08 -58.75 22.78
CA SER B 58 -6.50 -58.66 22.42
C SER B 58 -7.57 -58.67 23.55
N VAL B 59 -7.27 -59.27 24.69
CA VAL B 59 -8.21 -59.42 25.80
C VAL B 59 -7.72 -58.60 26.99
N ASP B 60 -8.65 -57.91 27.64
CA ASP B 60 -8.38 -57.17 28.86
C ASP B 60 -8.15 -58.09 30.08
N PHE B 61 -6.95 -58.04 30.67
CA PHE B 61 -6.63 -58.87 31.84
C PHE B 61 -6.82 -58.17 33.17
N TYR B 62 -7.23 -56.90 33.14
CA TYR B 62 -7.33 -56.12 34.34
C TYR B 62 -8.74 -56.24 34.93
N ARG B 63 -9.08 -57.43 35.41
CA ARG B 63 -10.44 -57.75 35.69
C ARG B 63 -10.69 -57.94 37.17
N ASP B 64 -11.95 -58.11 37.54
CA ASP B 64 -12.31 -58.16 38.95
C ASP B 64 -12.38 -59.59 39.46
N TRP B 65 -12.48 -59.71 40.77
CA TRP B 65 -12.52 -61.00 41.43
C TRP B 65 -13.41 -62.01 40.72
N ALA B 66 -14.68 -61.65 40.55
CA ALA B 66 -15.66 -62.53 39.88
C ALA B 66 -15.15 -63.07 38.54
N THR B 67 -14.68 -62.16 37.70
CA THR B 67 -14.19 -62.51 36.39
C THR B 67 -13.02 -63.48 36.51
N TYR B 68 -12.13 -63.27 37.48
CA TYR B 68 -11.00 -64.19 37.64
C TYR B 68 -11.42 -65.55 38.19
N LYS B 69 -12.46 -65.53 39.03
CA LYS B 69 -13.02 -66.72 39.64
C LYS B 69 -13.59 -67.65 38.56
N GLN B 70 -14.37 -67.06 37.67
CA GLN B 70 -15.08 -67.88 36.69
C GLN B 70 -14.25 -68.14 35.45
N GLY B 71 -13.22 -67.32 35.24
CA GLY B 71 -12.38 -67.36 34.05
C GLY B 71 -12.89 -66.42 32.94
N PHE B 72 -12.02 -66.08 32.00
CA PHE B 72 -12.41 -65.17 30.93
C PHE B 72 -11.47 -65.30 29.72
N GLY B 73 -11.89 -64.74 28.58
CA GLY B 73 -11.10 -64.73 27.40
C GLY B 73 -11.68 -65.63 26.33
N SER B 74 -10.82 -66.09 25.43
CA SER B 74 -11.28 -66.81 24.27
C SER B 74 -10.34 -67.98 23.94
N ARG B 75 -10.93 -69.09 23.51
CA ARG B 75 -10.18 -70.23 23.03
C ARG B 75 -9.42 -69.91 21.76
N LEU B 76 -9.85 -68.90 21.04
CA LEU B 76 -9.14 -68.49 19.85
C LEU B 76 -7.93 -67.68 20.22
N GLY B 77 -7.79 -67.29 21.48
CA GLY B 77 -6.71 -66.41 21.83
C GLY B 77 -6.29 -66.38 23.28
N GLU B 78 -6.36 -65.20 23.90
CA GLU B 78 -5.96 -65.08 25.29
C GLU B 78 -7.08 -65.49 26.28
N PHE B 79 -6.69 -66.09 27.40
CA PHE B 79 -7.63 -66.48 28.43
C PHE B 79 -6.97 -66.68 29.79
N TRP B 80 -7.81 -66.64 30.81
CA TRP B 80 -7.48 -67.11 32.13
C TRP B 80 -8.53 -68.17 32.43
N LEU B 81 -8.10 -69.39 32.72
CA LEU B 81 -9.03 -70.53 32.82
C LEU B 81 -10.06 -70.32 33.95
N GLY B 82 -9.75 -69.45 34.90
CA GLY B 82 -10.58 -69.23 36.07
C GLY B 82 -10.02 -69.88 37.32
N ASN B 83 -10.05 -69.16 38.43
CA ASN B 83 -9.45 -69.67 39.65
C ASN B 83 -10.10 -70.91 40.26
N ASP B 84 -11.41 -71.03 40.11
CA ASP B 84 -12.10 -72.27 40.51
C ASP B 84 -11.60 -73.46 39.71
N ASN B 85 -11.55 -73.28 38.40
CA ASN B 85 -11.01 -74.30 37.52
C ASN B 85 -9.59 -74.69 37.90
N ILE B 86 -8.73 -73.69 38.10
CA ILE B 86 -7.33 -73.99 38.36
C ILE B 86 -7.24 -74.75 39.69
N HIS B 87 -8.00 -74.29 40.69
CA HIS B 87 -7.95 -75.00 41.96
C HIS B 87 -8.34 -76.44 41.74
N ALA B 88 -9.47 -76.61 41.04
CA ALA B 88 -10.04 -77.91 40.83
C ALA B 88 -9.01 -78.77 40.18
N LEU B 89 -8.16 -78.16 39.36
CA LEU B 89 -7.22 -78.88 38.51
C LEU B 89 -6.05 -79.38 39.29
N THR B 90 -5.72 -78.67 40.37
CA THR B 90 -4.45 -78.86 41.06
C THR B 90 -4.69 -79.33 42.50
N ALA B 91 -5.94 -79.32 42.93
CA ALA B 91 -6.28 -79.81 44.26
C ALA B 91 -5.79 -81.27 44.51
N GLN B 92 -6.04 -82.16 43.53
CA GLN B 92 -5.75 -83.59 43.70
C GLN B 92 -4.40 -83.88 43.08
N GLY B 93 -3.58 -84.65 43.77
CA GLY B 93 -2.28 -84.99 43.20
C GLY B 93 -1.27 -83.88 43.31
N THR B 94 -0.34 -83.89 42.35
CA THR B 94 0.84 -83.05 42.43
C THR B 94 1.27 -82.70 41.01
N SER B 95 1.09 -81.43 40.67
CA SER B 95 1.36 -80.97 39.33
C SER B 95 2.59 -80.06 39.22
N GLU B 96 3.44 -80.32 38.24
CA GLU B 96 4.51 -79.40 37.82
C GLU B 96 3.91 -78.10 37.27
N LEU B 97 4.62 -77.00 37.43
CA LEU B 97 4.21 -75.76 36.80
C LEU B 97 5.28 -75.38 35.80
N ARG B 98 4.87 -74.98 34.61
CA ARG B 98 5.83 -74.41 33.69
C ARG B 98 5.38 -73.02 33.24
N THR B 99 6.31 -72.09 33.12
CA THR B 99 6.06 -70.80 32.54
C THR B 99 6.93 -70.62 31.32
N ASP B 100 6.29 -70.42 30.18
CA ASP B 100 6.99 -70.18 28.94
C ASP B 100 6.81 -68.72 28.52
N LEU B 101 7.93 -68.08 28.14
CA LEU B 101 7.91 -66.65 27.81
C LEU B 101 8.62 -66.35 26.49
N VAL B 102 8.02 -65.49 25.67
CA VAL B 102 8.67 -65.03 24.46
C VAL B 102 8.69 -63.49 24.37
N ASP B 103 9.89 -62.95 24.09
CA ASP B 103 10.04 -61.52 23.93
C ASP B 103 9.72 -61.11 22.52
N PHE B 104 9.87 -59.83 22.21
CA PHE B 104 9.50 -59.40 20.86
C PHE B 104 10.61 -59.61 19.81
N GLU B 105 11.83 -59.91 20.25
CA GLU B 105 12.83 -60.51 19.35
C GLU B 105 12.63 -62.02 19.12
N ASP B 106 11.54 -62.58 19.64
CA ASP B 106 11.27 -64.02 19.52
C ASP B 106 12.27 -64.89 20.29
N ASN B 107 12.76 -64.37 21.40
CA ASN B 107 13.58 -65.15 22.29
C ASN B 107 12.77 -65.82 23.36
N TYR B 108 13.07 -67.08 23.58
CA TYR B 108 12.31 -67.91 24.45
C TYR B 108 12.96 -68.05 25.82
N GLN B 109 12.19 -67.92 26.89
CA GLN B 109 12.69 -68.16 28.24
C GLN B 109 11.67 -69.02 29.01
N PHE B 110 12.06 -69.61 30.13
CA PHE B 110 11.16 -70.51 30.84
C PHE B 110 11.52 -70.72 32.32
N ALA B 111 10.52 -71.03 33.14
CA ALA B 111 10.75 -71.41 34.54
C ALA B 111 9.88 -72.62 34.83
N LYS B 112 10.32 -73.44 35.78
CA LYS B 112 9.72 -74.74 36.06
C LYS B 112 9.75 -75.02 37.54
N TYR B 113 8.67 -75.56 38.09
CA TYR B 113 8.57 -75.74 39.52
C TYR B 113 7.98 -77.11 39.86
N ARG B 114 8.63 -77.86 40.76
CA ARG B 114 8.22 -79.20 41.20
C ARG B 114 6.71 -79.39 41.41
N SER B 115 6.02 -78.40 41.96
CA SER B 115 4.60 -78.57 42.20
C SER B 115 3.89 -77.23 42.27
N PHE B 116 2.59 -77.21 41.97
CA PHE B 116 1.85 -75.98 41.97
C PHE B 116 0.41 -76.32 42.30
N LYS B 117 -0.17 -75.71 43.34
CA LYS B 117 -1.63 -75.77 43.51
C LYS B 117 -2.14 -74.42 43.97
N VAL B 118 -3.43 -74.16 43.77
CA VAL B 118 -4.07 -73.01 44.38
C VAL B 118 -5.26 -73.47 45.25
N ALA B 119 -5.40 -72.89 46.44
CA ALA B 119 -6.48 -73.29 47.34
C ALA B 119 -7.79 -72.85 46.72
N ASP B 120 -8.91 -73.29 47.32
CA ASP B 120 -10.25 -72.90 46.87
C ASP B 120 -10.55 -71.43 47.19
N GLU B 121 -11.71 -70.95 46.75
CA GLU B 121 -12.02 -69.56 46.91
C GLU B 121 -12.04 -69.26 48.40
N ALA B 122 -12.45 -70.25 49.19
CA ALA B 122 -12.56 -70.03 50.62
C ALA B 122 -11.28 -69.37 51.10
N GLU B 123 -10.16 -69.95 50.71
CA GLU B 123 -8.87 -69.44 51.11
C GLU B 123 -8.28 -68.56 50.03
N LYS B 124 -9.11 -67.75 49.38
CA LYS B 124 -8.55 -66.70 48.55
C LYS B 124 -7.57 -67.19 47.46
N TYR B 125 -7.73 -68.44 47.04
CA TYR B 125 -6.88 -69.02 46.03
C TYR B 125 -5.41 -68.97 46.40
N ASN B 126 -5.13 -69.11 47.69
CA ASN B 126 -3.77 -69.15 48.20
C ASN B 126 -2.87 -69.96 47.28
N LEU B 127 -1.70 -69.41 46.97
CA LEU B 127 -0.75 -70.12 46.14
C LEU B 127 0.15 -71.03 46.98
N VAL B 128 0.40 -72.24 46.49
CA VAL B 128 1.26 -73.14 47.20
C VAL B 128 2.19 -73.74 46.19
N LEU B 129 3.43 -73.24 46.18
CA LEU B 129 4.38 -73.55 45.12
C LEU B 129 5.53 -74.38 45.63
N GLY B 130 5.99 -75.33 44.83
CA GLY B 130 7.09 -76.18 45.23
C GLY B 130 8.40 -75.60 44.74
N ALA B 131 9.49 -76.34 44.90
CA ALA B 131 10.81 -75.83 44.57
C ALA B 131 10.96 -75.51 43.09
N PHE B 132 11.82 -74.54 42.81
CA PHE B 132 12.22 -74.17 41.47
C PHE B 132 13.03 -75.32 40.92
N VAL B 133 12.82 -75.72 39.68
CA VAL B 133 13.60 -76.81 39.13
C VAL B 133 14.69 -76.26 38.25
N GLU B 134 14.31 -75.41 37.31
CA GLU B 134 15.26 -74.72 36.45
C GLU B 134 14.54 -73.71 35.58
N GLY B 135 15.32 -72.96 34.81
CA GLY B 135 14.79 -72.22 33.68
C GLY B 135 15.57 -70.95 33.40
N SER B 136 15.72 -70.63 32.13
CA SER B 136 16.48 -69.47 31.74
C SER B 136 15.85 -68.16 32.22
N ALA B 137 14.57 -68.19 32.59
CA ALA B 137 13.88 -66.99 32.98
C ALA B 137 14.21 -66.65 34.41
N GLY B 138 14.77 -67.60 35.15
CA GLY B 138 15.05 -67.39 36.57
C GLY B 138 13.80 -67.48 37.41
N ASP B 139 13.94 -67.60 38.73
CA ASP B 139 12.79 -67.80 39.60
C ASP B 139 12.11 -66.54 40.10
N SER B 140 11.10 -66.07 39.39
CA SER B 140 10.36 -64.93 39.90
C SER B 140 8.95 -65.31 40.34
N LEU B 141 8.83 -66.41 41.10
CA LEU B 141 7.54 -66.86 41.56
C LEU B 141 7.56 -67.32 43.01
N THR B 142 8.67 -67.90 43.47
CA THR B 142 8.80 -68.32 44.87
C THR B 142 8.56 -67.13 45.83
N PHE B 143 9.03 -65.95 45.48
CA PHE B 143 8.67 -64.78 46.26
C PHE B 143 7.18 -64.80 46.58
N HIS B 144 6.37 -65.26 45.64
CA HIS B 144 4.93 -65.21 45.83
C HIS B 144 4.35 -66.41 46.54
N ASN B 145 5.20 -67.37 46.89
CA ASN B 145 4.70 -68.53 47.57
C ASN B 145 3.84 -68.19 48.80
N ASN B 146 2.68 -68.82 48.92
CA ASN B 146 1.95 -68.74 50.17
C ASN B 146 1.12 -67.47 50.37
N GLN B 147 0.82 -66.77 49.26
CA GLN B 147 0.01 -65.54 49.27
C GLN B 147 -1.39 -65.70 48.70
N SER B 148 -2.33 -64.87 49.17
CA SER B 148 -3.68 -64.89 48.62
C SER B 148 -3.67 -64.22 47.27
N PHE B 149 -4.61 -64.58 46.42
CA PHE B 149 -4.76 -63.93 45.15
C PHE B 149 -5.39 -62.60 45.41
N SER B 150 -5.09 -61.60 44.59
CA SER B 150 -5.75 -60.32 44.71
C SER B 150 -6.18 -59.81 43.36
N THR B 151 -7.29 -59.09 43.34
CA THR B 151 -7.67 -58.35 42.15
C THR B 151 -7.92 -56.91 42.59
N LYS B 152 -8.28 -56.06 41.64
CA LYS B 152 -8.43 -54.64 41.93
C LYS B 152 -9.56 -54.29 42.91
N ASP B 153 -10.55 -55.17 43.03
CA ASP B 153 -11.67 -54.95 43.93
C ASP B 153 -11.60 -55.95 45.07
N GLN B 154 -10.44 -56.59 45.22
CA GLN B 154 -10.15 -57.45 46.36
C GLN B 154 -8.69 -57.38 46.82
N ASP B 155 -8.39 -56.41 47.67
CA ASP B 155 -7.05 -56.30 48.16
C ASP B 155 -6.78 -57.35 49.25
N ASN B 156 -5.90 -58.31 48.98
CA ASN B 156 -5.55 -59.29 49.99
C ASN B 156 -4.07 -59.31 50.17
N ASP B 157 -3.42 -58.20 49.81
CA ASP B 157 -1.97 -58.15 49.73
C ASP B 157 -1.31 -57.68 51.02
N LEU B 158 -0.02 -57.41 50.95
CA LEU B 158 0.73 -56.97 52.13
C LEU B 158 1.26 -55.52 51.95
N ASN B 159 0.62 -54.75 51.08
CA ASN B 159 0.92 -53.33 50.95
C ASN B 159 -0.26 -52.53 51.47
N THR B 160 -0.02 -51.33 52.00
CA THR B 160 -1.13 -50.56 52.51
C THR B 160 -1.92 -50.01 51.33
N GLY B 161 -1.35 -50.09 50.14
CA GLY B 161 -2.10 -49.73 48.94
C GLY B 161 -2.70 -50.99 48.34
N ASN B 162 -3.10 -50.83 47.07
CA ASN B 162 -3.66 -51.91 46.30
C ASN B 162 -2.71 -52.31 45.17
N CYS B 163 -1.90 -53.36 45.38
CA CYS B 163 -1.01 -53.85 44.30
C CYS B 163 -1.68 -54.01 42.94
N ALA B 164 -2.84 -54.64 42.92
CA ALA B 164 -3.50 -54.86 41.66
C ALA B 164 -3.76 -53.53 40.91
N VAL B 165 -4.06 -52.47 41.66
CA VAL B 165 -4.36 -51.20 41.01
C VAL B 165 -3.03 -50.58 40.60
N MET B 166 -2.12 -50.51 41.57
CA MET B 166 -0.78 -50.00 41.35
C MET B 166 -0.10 -50.65 40.16
N PHE B 167 -0.34 -51.93 39.94
CA PHE B 167 0.40 -52.62 38.90
C PHE B 167 -0.47 -53.20 37.83
N GLN B 168 -1.69 -52.71 37.76
CA GLN B 168 -2.70 -53.17 36.82
C GLN B 168 -2.72 -54.63 36.48
N GLY B 169 -2.85 -55.47 37.51
CA GLY B 169 -3.01 -56.87 37.22
C GLY B 169 -3.90 -57.59 38.20
N ALA B 170 -3.64 -58.88 38.34
CA ALA B 170 -4.27 -59.75 39.29
C ALA B 170 -3.32 -60.90 39.50
N TRP B 171 -2.93 -61.16 40.76
CA TRP B 171 -1.83 -62.08 41.05
C TRP B 171 -1.80 -62.37 42.54
N TRP B 172 -0.89 -63.24 42.96
CA TRP B 172 -0.68 -63.47 44.36
C TRP B 172 0.25 -62.40 44.94
N TYR B 173 -0.29 -61.19 45.02
CA TYR B 173 0.47 -60.05 45.42
C TYR B 173 0.93 -60.10 46.84
N LYS B 174 2.21 -59.79 47.02
CA LYS B 174 2.75 -59.66 48.34
C LYS B 174 2.92 -58.17 48.56
N ASN B 175 4.14 -57.66 48.36
CA ASN B 175 4.40 -56.25 48.55
C ASN B 175 5.49 -55.69 47.63
N CYS B 176 5.24 -55.70 46.32
CA CYS B 176 4.02 -56.22 45.76
C CYS B 176 4.30 -57.46 44.96
N HIS B 177 5.35 -57.43 44.14
CA HIS B 177 5.56 -58.52 43.23
C HIS B 177 6.95 -58.63 42.59
N THR B 178 7.15 -59.78 41.95
CA THR B 178 8.38 -60.05 41.25
C THR B 178 7.99 -60.68 39.91
N SER B 179 6.72 -61.07 39.80
CA SER B 179 6.10 -61.42 38.50
C SER B 179 4.74 -60.75 38.41
N ASN B 180 4.27 -60.49 37.20
CA ASN B 180 2.99 -59.85 37.04
C ASN B 180 2.39 -60.23 35.71
N LEU B 181 2.38 -61.54 35.44
CA LEU B 181 1.97 -62.05 34.14
C LEU B 181 0.53 -61.76 33.70
N ASN B 182 -0.32 -61.36 34.64
CA ASN B 182 -1.64 -60.87 34.22
C ASN B 182 -1.70 -59.34 34.10
N GLY B 183 -0.51 -58.73 34.09
CA GLY B 183 -0.35 -57.30 33.88
C GLY B 183 -0.75 -56.83 32.50
N ARG B 184 -0.60 -55.53 32.29
CA ARG B 184 -0.95 -55.00 31.00
C ARG B 184 -0.01 -55.41 29.87
N TYR B 185 -0.58 -55.54 28.69
CA TYR B 185 0.17 -55.89 27.52
C TYR B 185 0.84 -54.66 26.89
N LEU B 186 2.02 -54.29 27.40
CA LEU B 186 2.69 -53.06 26.95
C LEU B 186 3.69 -53.21 25.80
N ARG B 187 3.71 -54.37 25.14
CA ARG B 187 4.56 -54.60 23.98
C ARG B 187 6.01 -54.19 24.18
N GLY B 188 6.79 -55.02 24.85
CA GLY B 188 8.21 -54.76 24.99
C GLY B 188 8.43 -53.74 26.07
N THR B 189 9.37 -52.81 25.84
CA THR B 189 9.77 -51.81 26.87
C THR B 189 8.71 -50.79 27.26
N HIS B 190 8.67 -50.45 28.54
CA HIS B 190 7.76 -49.43 29.05
C HIS B 190 8.37 -48.73 30.25
N GLY B 191 8.13 -47.42 30.30
CA GLY B 191 8.70 -46.55 31.33
C GLY B 191 7.92 -46.58 32.63
N SER B 192 6.62 -46.88 32.56
CA SER B 192 5.93 -47.19 33.81
C SER B 192 6.63 -48.34 34.54
N PHE B 193 6.37 -48.40 35.83
CA PHE B 193 7.01 -49.36 36.68
C PHE B 193 6.20 -50.66 36.89
N ALA B 194 6.60 -51.73 36.22
CA ALA B 194 6.23 -53.04 36.75
C ALA B 194 4.71 -53.26 36.66
N ASN B 195 4.09 -52.64 35.67
CA ASN B 195 2.69 -52.88 35.38
C ASN B 195 2.51 -53.59 34.05
N GLY B 196 3.60 -54.16 33.52
CA GLY B 196 3.45 -54.95 32.31
C GLY B 196 3.43 -56.45 32.54
N ILE B 197 3.41 -57.22 31.45
CA ILE B 197 3.63 -58.66 31.55
C ILE B 197 5.08 -58.93 31.95
N ASN B 198 5.38 -58.74 33.22
CA ASN B 198 6.74 -58.73 33.74
C ASN B 198 7.15 -59.98 34.55
N TRP B 199 8.43 -60.32 34.45
CA TRP B 199 9.04 -61.41 35.20
C TRP B 199 10.45 -60.87 35.58
N LYS B 200 10.66 -60.55 36.86
CA LYS B 200 11.82 -59.69 37.23
C LYS B 200 13.16 -60.26 36.83
N SER B 201 13.39 -61.50 37.22
CA SER B 201 14.62 -62.20 36.86
C SER B 201 14.75 -62.48 35.36
N GLY B 202 13.72 -62.17 34.57
CA GLY B 202 13.75 -62.47 33.14
C GLY B 202 14.15 -61.25 32.32
N LYS B 203 13.21 -60.34 32.09
CA LYS B 203 13.56 -59.11 31.37
C LYS B 203 13.26 -57.86 32.19
N GLY B 204 13.14 -58.04 33.50
CA GLY B 204 13.00 -56.95 34.46
C GLY B 204 11.64 -56.30 34.54
N TYR B 205 11.57 -55.24 35.33
CA TYR B 205 10.32 -54.58 35.65
C TYR B 205 9.86 -53.61 34.62
N ASN B 206 10.58 -53.54 33.51
CA ASN B 206 10.33 -52.50 32.51
C ASN B 206 10.20 -53.05 31.11
N TYR B 207 9.97 -54.36 31.04
CA TYR B 207 9.76 -55.07 29.78
C TYR B 207 8.54 -56.02 29.91
N SER B 208 7.64 -55.95 28.94
CA SER B 208 6.43 -56.75 28.95
C SER B 208 6.45 -57.69 27.73
N TYR B 209 6.37 -58.99 28.01
CA TYR B 209 6.59 -60.02 27.01
C TYR B 209 5.53 -60.10 25.93
N LYS B 210 5.86 -60.78 24.84
CA LYS B 210 4.91 -60.97 23.75
C LYS B 210 4.01 -62.16 24.02
N VAL B 211 4.60 -63.22 24.53
CA VAL B 211 3.85 -64.40 24.75
C VAL B 211 4.08 -64.78 26.21
N SER B 212 3.01 -65.21 26.86
CA SER B 212 3.12 -65.79 28.19
C SER B 212 2.17 -66.95 28.26
N GLU B 213 2.62 -68.06 28.80
CA GLU B 213 1.81 -69.28 28.93
C GLU B 213 2.12 -69.95 30.26
N MET B 214 1.10 -70.17 31.08
CA MET B 214 1.27 -70.94 32.31
C MET B 214 0.55 -72.28 32.22
N LYS B 215 1.26 -73.36 32.52
CA LYS B 215 0.74 -74.70 32.27
C LYS B 215 1.16 -75.69 33.38
N VAL B 216 0.35 -76.71 33.58
CA VAL B 216 0.64 -77.74 34.55
C VAL B 216 0.61 -79.11 33.92
N ARG B 217 1.26 -80.06 34.58
CA ARG B 217 1.38 -81.45 34.11
C ARG B 217 1.67 -82.32 35.33
N PRO B 218 1.05 -83.51 35.42
CA PRO B 218 1.29 -84.33 36.62
C PRO B 218 2.76 -84.66 36.76
N ALA B 219 3.28 -84.59 37.98
CA ALA B 219 4.71 -84.89 38.23
C ALA B 219 5.07 -86.35 37.90
N PRO C 3 -29.00 -85.84 22.77
CA PRO C 3 -28.58 -84.52 23.31
C PRO C 3 -29.55 -83.34 23.14
N CYS C 4 -30.46 -83.40 22.17
CA CYS C 4 -31.37 -82.29 21.93
C CYS C 4 -32.23 -81.95 23.15
N LEU C 5 -32.67 -83.00 23.87
CA LEU C 5 -33.44 -82.90 25.12
C LEU C 5 -32.83 -82.04 26.22
N THR C 6 -33.41 -80.87 26.50
CA THR C 6 -32.80 -80.01 27.52
C THR C 6 -31.42 -79.45 27.14
N GLY C 7 -31.02 -79.62 25.88
CA GLY C 7 -29.79 -79.01 25.35
C GLY C 7 -29.89 -77.49 25.25
N PRO C 8 -28.74 -76.81 25.21
CA PRO C 8 -28.77 -75.34 25.20
C PRO C 8 -29.24 -74.77 23.84
N ARG C 9 -29.92 -73.63 23.85
CA ARG C 9 -30.53 -73.10 22.63
C ARG C 9 -29.73 -71.96 22.02
N THR C 10 -28.86 -71.37 22.81
CA THR C 10 -28.19 -70.15 22.42
C THR C 10 -26.96 -70.05 23.29
N CYS C 11 -26.06 -69.16 22.91
CA CYS C 11 -24.87 -68.96 23.69
C CYS C 11 -25.20 -68.44 25.07
N LYS C 12 -26.34 -67.77 25.22
CA LYS C 12 -26.80 -67.34 26.54
C LYS C 12 -26.99 -68.53 27.48
N ASP C 13 -27.62 -69.59 27.00
CA ASP C 13 -27.87 -70.71 27.88
C ASP C 13 -26.55 -71.26 28.30
N LEU C 14 -25.63 -71.28 27.35
CA LEU C 14 -24.30 -71.82 27.60
C LEU C 14 -23.53 -70.98 28.61
N LEU C 15 -23.64 -69.67 28.52
CA LEU C 15 -23.08 -68.83 29.58
C LEU C 15 -23.80 -69.11 30.91
N ASP C 16 -25.13 -69.19 30.90
CA ASP C 16 -25.88 -69.41 32.15
C ASP C 16 -25.48 -70.75 32.77
N ARG C 17 -25.16 -71.71 31.91
CA ARG C 17 -24.80 -73.01 32.36
C ARG C 17 -23.34 -73.13 32.76
N GLY C 18 -22.57 -72.04 32.69
CA GLY C 18 -21.20 -72.03 33.18
C GLY C 18 -20.03 -72.13 32.21
N HIS C 19 -20.21 -71.68 30.97
CA HIS C 19 -19.14 -71.69 29.97
C HIS C 19 -18.68 -70.28 29.80
N PHE C 20 -17.55 -69.91 30.38
CA PHE C 20 -17.13 -68.53 30.41
C PHE C 20 -16.07 -68.14 29.39
N LEU C 21 -15.59 -69.08 28.59
CA LEU C 21 -14.59 -68.79 27.55
C LEU C 21 -15.22 -68.63 26.16
N SER C 22 -14.81 -67.63 25.39
CA SER C 22 -15.34 -67.45 24.06
C SER C 22 -14.88 -68.56 23.15
N GLY C 23 -15.74 -69.07 22.28
CA GLY C 23 -15.36 -70.22 21.45
C GLY C 23 -16.54 -70.92 20.81
N TRP C 24 -16.26 -72.03 20.14
CA TRP C 24 -17.26 -72.75 19.40
C TRP C 24 -17.89 -73.82 20.24
N HIS C 25 -19.21 -73.83 20.31
CA HIS C 25 -19.96 -74.79 21.07
C HIS C 25 -21.11 -75.22 20.25
N THR C 26 -21.65 -76.38 20.54
CA THR C 26 -22.83 -76.74 19.80
C THR C 26 -24.10 -76.28 20.52
N ILE C 27 -25.12 -75.87 19.77
CA ILE C 27 -26.40 -75.51 20.36
C ILE C 27 -27.47 -76.24 19.58
N TYR C 28 -28.71 -76.15 20.04
CA TYR C 28 -29.78 -76.87 19.40
C TYR C 28 -30.87 -75.92 18.92
N LEU C 29 -31.01 -75.81 17.61
CA LEU C 29 -32.00 -74.97 16.97
C LEU C 29 -33.41 -75.52 17.23
N PRO C 30 -34.43 -74.65 17.09
CA PRO C 30 -35.80 -75.07 17.45
C PRO C 30 -36.19 -76.42 16.90
N ASP C 31 -35.82 -76.73 15.67
CA ASP C 31 -36.23 -78.02 15.14
C ASP C 31 -35.29 -79.12 15.58
N CYS C 32 -34.41 -78.83 16.54
CA CYS C 32 -33.49 -79.82 17.09
C CYS C 32 -32.19 -80.08 16.32
N ARG C 33 -31.99 -79.43 15.18
CA ARG C 33 -30.75 -79.63 14.44
C ARG C 33 -29.58 -79.07 15.26
N PRO C 34 -28.55 -79.90 15.52
CA PRO C 34 -27.41 -79.32 16.22
C PRO C 34 -26.61 -78.40 15.29
N LEU C 35 -26.16 -77.25 15.81
CA LEU C 35 -25.33 -76.31 15.06
C LEU C 35 -24.16 -75.97 15.93
N THR C 36 -22.96 -75.89 15.37
CA THR C 36 -21.82 -75.44 16.14
C THR C 36 -21.60 -73.97 15.85
N VAL C 37 -21.64 -73.13 16.87
CA VAL C 37 -21.61 -71.68 16.68
C VAL C 37 -20.54 -71.01 17.53
N LEU C 38 -20.16 -69.80 17.13
CA LEU C 38 -19.20 -69.04 17.89
C LEU C 38 -19.90 -68.24 18.99
N CYS C 39 -19.51 -68.50 20.24
CA CYS C 39 -20.04 -67.75 21.37
C CYS C 39 -19.11 -66.63 21.80
N ASP C 40 -19.62 -65.42 21.90
CA ASP C 40 -18.85 -64.36 22.56
C ASP C 40 -19.27 -64.25 24.02
N MET C 41 -18.43 -64.77 24.92
CA MET C 41 -18.78 -64.77 26.34
C MET C 41 -18.34 -63.53 27.10
N ASP C 42 -17.72 -62.58 26.40
CA ASP C 42 -17.06 -61.47 27.06
C ASP C 42 -17.77 -60.13 26.79
N THR C 43 -17.89 -59.74 25.52
CA THR C 43 -18.47 -58.44 25.17
C THR C 43 -19.82 -58.15 25.85
N ASP C 44 -19.98 -56.94 26.39
CA ASP C 44 -21.30 -56.48 26.90
C ASP C 44 -22.04 -57.54 27.70
N GLY C 45 -21.36 -58.12 28.70
CA GLY C 45 -21.94 -59.17 29.53
C GLY C 45 -21.95 -60.60 29.00
N GLY C 46 -21.52 -60.83 27.77
CA GLY C 46 -21.44 -62.19 27.23
C GLY C 46 -22.76 -62.85 26.81
N GLY C 47 -22.67 -64.06 26.29
CA GLY C 47 -23.82 -64.79 25.83
C GLY C 47 -24.26 -64.48 24.41
N TRP C 48 -23.37 -63.93 23.61
CA TRP C 48 -23.75 -63.56 22.24
C TRP C 48 -23.41 -64.66 21.24
N THR C 49 -24.33 -64.94 20.32
CA THR C 49 -24.05 -65.87 19.23
C THR C 49 -23.58 -65.14 18.01
N VAL C 50 -22.41 -65.48 17.51
CA VAL C 50 -21.82 -64.65 16.47
C VAL C 50 -22.11 -65.27 15.12
N PHE C 51 -22.74 -64.52 14.22
CA PHE C 51 -23.09 -65.10 12.93
C PHE C 51 -22.27 -64.56 11.76
N GLN C 52 -21.48 -63.52 12.04
CA GLN C 52 -20.56 -62.95 11.06
C GLN C 52 -19.27 -62.49 11.70
N ARG C 53 -18.15 -62.93 11.12
CA ARG C 53 -16.86 -62.45 11.58
C ARG C 53 -15.85 -62.14 10.45
N ARG C 54 -15.30 -60.92 10.51
CA ARG C 54 -14.20 -60.46 9.62
C ARG C 54 -13.04 -60.02 10.48
N VAL C 55 -11.85 -60.48 10.11
CA VAL C 55 -10.71 -60.40 10.97
C VAL C 55 -9.38 -60.25 10.26
N ASP C 56 -9.28 -60.68 9.01
CA ASP C 56 -7.96 -60.66 8.37
C ASP C 56 -7.88 -60.76 6.83
N GLY C 57 -9.02 -60.90 6.16
CA GLY C 57 -9.04 -60.88 4.71
C GLY C 57 -8.88 -62.24 4.08
N SER C 58 -8.66 -63.25 4.89
CA SER C 58 -8.33 -64.60 4.40
C SER C 58 -9.45 -65.36 3.70
N VAL C 59 -10.69 -64.94 3.87
CA VAL C 59 -11.80 -65.67 3.26
C VAL C 59 -12.47 -64.72 2.30
N ASP C 60 -12.93 -65.27 1.19
CA ASP C 60 -13.60 -64.49 0.17
C ASP C 60 -15.10 -64.39 0.46
N PHE C 61 -15.59 -63.17 0.57
CA PHE C 61 -16.98 -62.95 0.93
C PHE C 61 -17.85 -62.61 -0.25
N TYR C 62 -17.25 -62.53 -1.45
CA TYR C 62 -18.01 -62.22 -2.65
C TYR C 62 -18.66 -63.48 -3.20
N ARG C 63 -19.67 -63.97 -2.51
CA ARG C 63 -20.21 -65.29 -2.81
C ARG C 63 -21.67 -65.31 -3.28
N ASP C 64 -22.04 -66.36 -3.99
CA ASP C 64 -23.40 -66.44 -4.51
C ASP C 64 -24.44 -66.74 -3.46
N TRP C 65 -25.69 -66.78 -3.89
CA TRP C 65 -26.82 -66.94 -3.00
C TRP C 65 -26.80 -68.28 -2.26
N ALA C 66 -26.47 -69.33 -2.99
CA ALA C 66 -26.41 -70.68 -2.44
C ALA C 66 -25.39 -70.76 -1.29
N THR C 67 -24.28 -70.05 -1.48
CA THR C 67 -23.20 -70.06 -0.52
C THR C 67 -23.54 -69.23 0.73
N TYR C 68 -24.23 -68.11 0.56
CA TYR C 68 -24.65 -67.33 1.71
C TYR C 68 -25.78 -68.04 2.43
N LYS C 69 -26.42 -68.94 1.69
CA LYS C 69 -27.56 -69.68 2.19
C LYS C 69 -27.11 -70.68 3.22
N GLN C 70 -26.11 -71.48 2.84
CA GLN C 70 -25.64 -72.56 3.67
C GLN C 70 -24.56 -72.09 4.66
N GLY C 71 -23.87 -71.01 4.29
CA GLY C 71 -22.87 -70.39 5.14
C GLY C 71 -21.48 -70.74 4.66
N PHE C 72 -20.48 -70.00 5.08
CA PHE C 72 -19.15 -70.25 4.55
C PHE C 72 -18.08 -69.67 5.43
N GLY C 73 -16.84 -70.13 5.21
CA GLY C 73 -15.69 -69.65 5.96
C GLY C 73 -15.06 -70.68 6.89
N SER C 74 -14.35 -70.19 7.90
CA SER C 74 -13.66 -71.10 8.80
C SER C 74 -13.90 -70.75 10.28
N ARG C 75 -14.01 -71.80 11.10
CA ARG C 75 -14.05 -71.57 12.53
C ARG C 75 -12.75 -71.01 13.05
N LEU C 76 -11.66 -71.14 12.31
CA LEU C 76 -10.42 -70.58 12.81
C LEU C 76 -10.36 -69.09 12.50
N GLY C 77 -11.29 -68.57 11.71
CA GLY C 77 -11.24 -67.13 11.43
C GLY C 77 -12.52 -66.44 10.99
N GLU C 78 -12.66 -66.25 9.69
CA GLU C 78 -13.76 -65.47 9.17
C GLU C 78 -14.87 -66.35 8.64
N PHE C 79 -16.13 -65.93 8.84
CA PHE C 79 -17.27 -66.75 8.40
C PHE C 79 -18.61 -65.99 8.35
N TRP C 80 -19.58 -66.57 7.67
CA TRP C 80 -20.97 -66.13 7.70
C TRP C 80 -21.70 -67.41 8.03
N LEU C 81 -22.42 -67.43 9.16
CA LEU C 81 -23.01 -68.66 9.70
C LEU C 81 -23.99 -69.35 8.72
N GLY C 82 -24.59 -68.59 7.82
CA GLY C 82 -25.58 -69.11 6.90
C GLY C 82 -26.94 -68.46 7.10
N ASN C 83 -27.57 -68.07 6.02
CA ASN C 83 -28.88 -67.47 6.15
C ASN C 83 -29.98 -68.40 6.70
N ASP C 84 -30.01 -69.66 6.27
CA ASP C 84 -30.93 -70.61 6.90
C ASP C 84 -30.68 -70.68 8.42
N ASN C 85 -29.41 -70.69 8.81
CA ASN C 85 -29.04 -70.72 10.24
C ASN C 85 -29.45 -69.47 10.98
N ILE C 86 -29.12 -68.33 10.41
CA ILE C 86 -29.53 -67.07 11.02
C ILE C 86 -31.06 -67.00 11.19
N HIS C 87 -31.79 -67.36 10.13
CA HIS C 87 -33.23 -67.35 10.26
C HIS C 87 -33.63 -68.19 11.45
N ALA C 88 -33.11 -69.41 11.50
CA ALA C 88 -33.51 -70.29 12.58
C ALA C 88 -33.16 -69.71 13.98
N LEU C 89 -32.08 -68.95 14.09
CA LEU C 89 -31.67 -68.44 15.38
C LEU C 89 -32.55 -67.31 15.81
N THR C 90 -33.21 -66.68 14.84
CA THR C 90 -33.91 -65.44 15.15
C THR C 90 -35.42 -65.46 14.90
N ALA C 91 -35.94 -66.60 14.42
CA ALA C 91 -37.37 -66.71 14.05
C ALA C 91 -38.32 -66.63 15.24
N GLN C 92 -38.01 -67.37 16.30
CA GLN C 92 -38.90 -67.52 17.46
C GLN C 92 -38.30 -66.86 18.70
N GLY C 93 -38.92 -65.79 19.19
CA GLY C 93 -38.36 -65.06 20.33
C GLY C 93 -37.85 -63.69 19.89
N THR C 94 -37.11 -63.02 20.76
CA THR C 94 -36.58 -61.71 20.40
C THR C 94 -35.09 -61.61 20.68
N SER C 95 -34.30 -61.72 19.62
CA SER C 95 -32.87 -61.56 19.75
C SER C 95 -32.53 -60.11 19.51
N GLU C 96 -31.72 -59.51 20.39
CA GLU C 96 -31.13 -58.24 20.05
C GLU C 96 -29.81 -58.43 19.24
N LEU C 97 -29.39 -57.38 18.54
CA LEU C 97 -28.22 -57.46 17.66
C LEU C 97 -27.15 -56.48 18.05
N ARG C 98 -25.91 -56.99 18.13
CA ARG C 98 -24.76 -56.15 18.35
C ARG C 98 -23.83 -56.23 17.15
N THR C 99 -23.27 -55.09 16.77
CA THR C 99 -22.19 -55.04 15.80
C THR C 99 -20.97 -54.45 16.47
N ASP C 100 -19.91 -55.24 16.56
CA ASP C 100 -18.62 -54.76 17.03
C ASP C 100 -17.64 -54.49 15.86
N LEU C 101 -16.99 -53.33 15.89
CA LEU C 101 -16.08 -52.89 14.81
C LEU C 101 -14.73 -52.45 15.34
N VAL C 102 -13.67 -52.90 14.68
CA VAL C 102 -12.33 -52.46 15.05
C VAL C 102 -11.51 -51.97 13.83
N ASP C 103 -11.02 -50.73 13.89
CA ASP C 103 -10.15 -50.23 12.80
C ASP C 103 -8.70 -50.67 12.99
N PHE C 104 -7.83 -50.19 12.12
CA PHE C 104 -6.44 -50.65 12.14
C PHE C 104 -5.57 -49.92 13.13
N GLU C 105 -6.02 -48.74 13.56
CA GLU C 105 -5.40 -48.03 14.67
C GLU C 105 -5.83 -48.64 16.03
N ASP C 106 -6.53 -49.77 15.98
CA ASP C 106 -7.10 -50.43 17.17
C ASP C 106 -8.21 -49.71 17.94
N ASN C 107 -8.98 -48.85 17.28
CA ASN C 107 -10.17 -48.25 17.91
C ASN C 107 -11.42 -49.11 17.80
N TYR C 108 -12.14 -49.23 18.90
CA TYR C 108 -13.33 -50.05 18.95
C TYR C 108 -14.57 -49.21 18.86
N GLN C 109 -15.57 -49.67 18.13
CA GLN C 109 -16.87 -49.00 18.09
C GLN C 109 -17.99 -50.03 17.97
N PHE C 110 -19.17 -49.71 18.47
CA PHE C 110 -20.24 -50.69 18.41
C PHE C 110 -21.58 -50.07 18.01
N ALA C 111 -22.53 -50.96 17.77
CA ALA C 111 -23.89 -50.58 17.48
C ALA C 111 -24.79 -51.69 18.03
N LYS C 112 -25.80 -51.31 18.82
CA LYS C 112 -26.73 -52.25 19.45
C LYS C 112 -28.17 -51.95 19.07
N TYR C 113 -28.92 -52.99 18.71
CA TYR C 113 -30.28 -52.78 18.27
C TYR C 113 -31.23 -53.61 19.11
N ARG C 114 -32.43 -53.07 19.31
CA ARG C 114 -33.35 -53.62 20.29
C ARG C 114 -33.82 -55.02 19.88
N SER C 115 -33.87 -55.27 18.57
CA SER C 115 -34.27 -56.59 18.10
C SER C 115 -33.87 -56.84 16.67
N PHE C 116 -33.61 -58.12 16.34
CA PHE C 116 -33.09 -58.52 15.03
C PHE C 116 -33.66 -59.86 14.59
N LYS C 117 -34.15 -59.91 13.36
CA LYS C 117 -34.72 -61.12 12.85
C LYS C 117 -34.51 -61.12 11.34
N VAL C 118 -34.24 -62.30 10.76
CA VAL C 118 -34.25 -62.44 9.31
C VAL C 118 -35.19 -63.55 8.85
N ALA C 119 -35.98 -63.31 7.81
CA ALA C 119 -37.02 -64.23 7.43
C ALA C 119 -36.48 -65.44 6.67
N ASP C 120 -37.36 -66.33 6.26
CA ASP C 120 -36.91 -67.56 5.64
C ASP C 120 -36.45 -67.28 4.20
N GLU C 121 -35.97 -68.30 3.48
CA GLU C 121 -35.53 -68.08 2.09
C GLU C 121 -36.67 -67.68 1.14
N ALA C 122 -37.90 -68.08 1.47
CA ALA C 122 -39.04 -67.76 0.61
C ALA C 122 -39.30 -66.27 0.66
N GLU C 123 -39.01 -65.64 1.79
CA GLU C 123 -39.13 -64.18 1.87
C GLU C 123 -37.80 -63.47 1.73
N LYS C 124 -36.89 -64.08 0.98
CA LYS C 124 -35.67 -63.37 0.60
C LYS C 124 -34.78 -63.02 1.79
N TYR C 125 -34.93 -63.76 2.89
CA TYR C 125 -34.15 -63.49 4.09
C TYR C 125 -34.33 -62.04 4.49
N ASN C 126 -35.56 -61.57 4.35
CA ASN C 126 -35.91 -60.22 4.72
C ASN C 126 -35.39 -59.77 6.09
N LEU C 127 -34.76 -58.60 6.13
CA LEU C 127 -34.34 -58.03 7.40
C LEU C 127 -35.48 -57.30 8.16
N VAL C 128 -35.74 -57.74 9.38
CA VAL C 128 -36.67 -57.04 10.24
C VAL C 128 -35.92 -56.56 11.47
N LEU C 129 -35.67 -55.26 11.55
CA LEU C 129 -34.75 -54.73 12.54
C LEU C 129 -35.45 -53.79 13.50
N GLY C 130 -35.27 -54.01 14.81
CA GLY C 130 -35.85 -53.15 15.83
C GLY C 130 -35.11 -51.85 16.01
N ALA C 131 -35.41 -51.15 17.12
CA ALA C 131 -34.91 -49.79 17.33
C ALA C 131 -33.42 -49.75 17.67
N PHE C 132 -32.76 -48.69 17.22
CA PHE C 132 -31.38 -48.44 17.54
C PHE C 132 -31.35 -48.04 19.01
N VAL C 133 -30.43 -48.62 19.78
CA VAL C 133 -30.38 -48.43 21.23
C VAL C 133 -29.28 -47.42 21.62
N GLU C 134 -28.03 -47.77 21.38
CA GLU C 134 -26.92 -46.87 21.60
C GLU C 134 -25.83 -47.42 20.71
N GLY C 135 -24.70 -46.73 20.64
CA GLY C 135 -23.58 -47.30 19.95
C GLY C 135 -22.76 -46.20 19.37
N SER C 136 -21.44 -46.27 19.58
CA SER C 136 -20.59 -45.21 19.12
C SER C 136 -20.46 -45.26 17.61
N ALA C 137 -20.60 -46.45 17.03
CA ALA C 137 -20.46 -46.60 15.58
C ALA C 137 -21.53 -45.84 14.83
N GLY C 138 -22.58 -45.44 15.55
CA GLY C 138 -23.73 -44.78 14.95
C GLY C 138 -24.60 -45.78 14.23
N ASP C 139 -25.82 -45.36 13.89
CA ASP C 139 -26.80 -46.25 13.29
C ASP C 139 -26.70 -46.34 11.78
N SER C 140 -26.12 -47.43 11.28
CA SER C 140 -26.02 -47.60 9.85
C SER C 140 -26.68 -48.89 9.33
N LEU C 141 -27.79 -49.27 9.95
CA LEU C 141 -28.49 -50.48 9.53
C LEU C 141 -29.98 -50.26 9.42
N THR C 142 -30.49 -49.26 10.17
CA THR C 142 -31.91 -48.91 10.10
C THR C 142 -32.33 -48.58 8.67
N PHE C 143 -31.51 -47.76 8.01
CA PHE C 143 -31.60 -47.54 6.59
C PHE C 143 -31.92 -48.82 5.83
N HIS C 144 -31.46 -49.97 6.33
CA HIS C 144 -31.67 -51.22 5.58
C HIS C 144 -32.89 -51.99 6.01
N ASN C 145 -33.64 -51.45 6.97
CA ASN C 145 -34.73 -52.21 7.54
C ASN C 145 -35.71 -52.71 6.51
N ASN C 146 -36.25 -53.91 6.72
CA ASN C 146 -37.35 -54.40 5.90
C ASN C 146 -36.96 -54.59 4.44
N GLN C 147 -35.71 -54.98 4.19
CA GLN C 147 -35.21 -55.10 2.83
C GLN C 147 -34.83 -56.54 2.57
N SER C 148 -34.89 -56.99 1.33
CA SER C 148 -34.52 -58.38 1.06
C SER C 148 -33.02 -58.46 1.08
N PHE C 149 -32.48 -59.69 1.15
CA PHE C 149 -31.05 -59.91 1.09
C PHE C 149 -30.70 -60.13 -0.37
N SER C 150 -29.49 -59.75 -0.80
CA SER C 150 -29.12 -59.92 -2.21
C SER C 150 -27.67 -60.35 -2.37
N THR C 151 -27.40 -61.08 -3.45
CA THR C 151 -26.05 -61.50 -3.76
C THR C 151 -25.83 -61.27 -5.25
N LYS C 152 -24.56 -61.35 -5.67
CA LYS C 152 -24.21 -61.05 -7.05
C LYS C 152 -25.08 -61.75 -8.06
N ASP C 153 -25.51 -62.97 -7.74
CA ASP C 153 -26.30 -63.74 -8.69
C ASP C 153 -27.78 -63.72 -8.36
N GLN C 154 -28.19 -62.82 -7.48
CA GLN C 154 -29.62 -62.73 -7.17
C GLN C 154 -30.02 -61.34 -6.69
N ASP C 155 -30.55 -60.55 -7.62
CA ASP C 155 -30.85 -59.16 -7.36
C ASP C 155 -32.25 -58.96 -6.78
N ASN C 156 -32.34 -58.52 -5.51
CA ASN C 156 -33.63 -58.19 -4.86
C ASN C 156 -33.61 -56.79 -4.31
N ASP C 157 -32.74 -55.92 -4.85
CA ASP C 157 -32.61 -54.59 -4.29
C ASP C 157 -33.62 -53.61 -4.84
N LEU C 158 -33.51 -52.35 -4.43
CA LEU C 158 -34.35 -51.30 -4.98
C LEU C 158 -33.51 -50.38 -5.85
N ASN C 159 -32.58 -50.96 -6.62
CA ASN C 159 -31.78 -50.15 -7.51
C ASN C 159 -31.89 -50.72 -8.88
N THR C 160 -31.65 -49.88 -9.89
CA THR C 160 -31.76 -50.37 -11.26
C THR C 160 -30.58 -51.18 -11.60
N GLY C 161 -29.52 -51.05 -10.82
CA GLY C 161 -28.36 -51.92 -11.04
C GLY C 161 -28.41 -53.13 -10.13
N ASN C 162 -27.25 -53.80 -9.99
CA ASN C 162 -27.05 -54.77 -8.91
C ASN C 162 -26.08 -54.26 -7.82
N CYS C 163 -26.63 -53.87 -6.66
CA CYS C 163 -25.81 -53.37 -5.55
C CYS C 163 -24.71 -54.32 -5.07
N ALA C 164 -25.00 -55.62 -5.05
CA ALA C 164 -24.05 -56.57 -4.51
C ALA C 164 -22.83 -56.64 -5.40
N VAL C 165 -23.04 -56.42 -6.69
CA VAL C 165 -21.96 -56.37 -7.66
C VAL C 165 -21.21 -55.04 -7.60
N MET C 166 -21.95 -53.95 -7.54
CA MET C 166 -21.33 -52.64 -7.49
C MET C 166 -20.49 -52.46 -6.24
N PHE C 167 -20.91 -53.08 -5.15
CA PHE C 167 -20.19 -52.87 -3.90
C PHE C 167 -19.52 -54.15 -3.40
N GLN C 168 -19.62 -55.17 -4.26
CA GLN C 168 -18.82 -56.37 -4.13
C GLN C 168 -19.01 -56.97 -2.75
N GLY C 169 -20.25 -57.34 -2.47
CA GLY C 169 -20.60 -57.85 -1.15
C GLY C 169 -21.91 -58.61 -1.23
N ALA C 170 -22.68 -58.51 -0.15
CA ALA C 170 -23.94 -59.20 -0.04
C ALA C 170 -24.55 -58.64 1.23
N TRP C 171 -25.82 -58.28 1.13
CA TRP C 171 -26.43 -57.42 2.13
C TRP C 171 -27.92 -57.22 1.83
N TRP C 172 -28.63 -56.63 2.78
CA TRP C 172 -30.00 -56.21 2.59
C TRP C 172 -29.95 -54.84 1.90
N TYR C 173 -29.40 -54.84 0.68
CA TYR C 173 -29.17 -53.60 -0.05
C TYR C 173 -30.50 -53.00 -0.43
N LYS C 174 -30.55 -51.68 -0.44
CA LYS C 174 -31.71 -50.97 -0.92
C LYS C 174 -31.22 -50.19 -2.16
N ASN C 175 -30.68 -48.98 -1.98
CA ASN C 175 -30.16 -48.19 -3.12
C ASN C 175 -29.02 -47.20 -2.81
N CYS C 176 -27.84 -47.70 -2.52
CA CYS C 176 -27.61 -49.11 -2.34
C CYS C 176 -27.39 -49.43 -0.88
N HIS C 177 -26.55 -48.66 -0.21
CA HIS C 177 -26.18 -49.04 1.14
C HIS C 177 -25.57 -47.96 2.02
N THR C 178 -25.71 -48.18 3.31
CA THR C 178 -25.06 -47.36 4.31
C THR C 178 -24.10 -48.20 5.13
N SER C 179 -24.31 -49.52 5.07
CA SER C 179 -23.44 -50.47 5.74
C SER C 179 -23.18 -51.62 4.78
N ASN C 180 -22.03 -52.27 4.91
CA ASN C 180 -21.58 -53.22 3.91
C ASN C 180 -20.61 -54.26 4.49
N LEU C 181 -20.89 -54.76 5.69
CA LEU C 181 -19.91 -55.56 6.44
C LEU C 181 -19.41 -56.79 5.68
N ASN C 182 -20.14 -57.25 4.67
CA ASN C 182 -19.69 -58.41 3.89
C ASN C 182 -18.89 -57.98 2.66
N GLY C 183 -18.50 -56.71 2.61
CA GLY C 183 -17.71 -56.18 1.50
C GLY C 183 -16.28 -56.68 1.50
N ARG C 184 -15.47 -56.20 0.57
CA ARG C 184 -14.09 -56.69 0.46
C ARG C 184 -13.23 -56.14 1.57
N TYR C 185 -12.31 -56.99 2.02
CA TYR C 185 -11.35 -56.63 3.05
C TYR C 185 -10.25 -55.69 2.50
N LEU C 186 -10.45 -54.37 2.57
CA LEU C 186 -9.53 -53.46 1.87
C LEU C 186 -8.47 -52.80 2.77
N ARG C 187 -8.43 -53.16 4.04
CA ARG C 187 -7.39 -52.68 4.96
C ARG C 187 -7.30 -51.16 5.07
N GLY C 188 -8.22 -50.55 5.80
CA GLY C 188 -8.13 -49.12 6.10
C GLY C 188 -8.73 -48.24 5.02
N THR C 189 -8.27 -46.98 4.91
CA THR C 189 -8.79 -46.10 3.86
C THR C 189 -8.58 -46.75 2.50
N HIS C 190 -9.57 -46.59 1.62
CA HIS C 190 -9.44 -47.07 0.25
C HIS C 190 -10.05 -46.05 -0.71
N GLY C 191 -9.47 -45.98 -1.91
CA GLY C 191 -9.86 -45.00 -2.90
C GLY C 191 -11.21 -45.32 -3.48
N SER C 192 -11.44 -46.59 -3.80
CA SER C 192 -12.73 -47.00 -4.37
C SER C 192 -13.88 -46.66 -3.41
N PHE C 193 -15.06 -46.44 -3.98
CA PHE C 193 -16.19 -46.01 -3.18
C PHE C 193 -17.03 -47.16 -2.67
N ALA C 194 -17.08 -47.29 -1.33
CA ALA C 194 -18.10 -48.07 -0.62
C ALA C 194 -18.10 -49.58 -0.88
N ASN C 195 -17.00 -50.12 -1.39
CA ASN C 195 -16.97 -51.55 -1.68
C ASN C 195 -16.16 -52.36 -0.64
N GLY C 196 -15.69 -51.67 0.40
CA GLY C 196 -14.96 -52.32 1.49
C GLY C 196 -15.90 -52.62 2.64
N ILE C 197 -15.37 -53.23 3.70
CA ILE C 197 -16.15 -53.45 4.93
C ILE C 197 -16.42 -52.11 5.57
N ASN C 198 -17.54 -51.51 5.22
CA ASN C 198 -17.86 -50.11 5.58
C ASN C 198 -19.08 -49.92 6.48
N TRP C 199 -19.07 -48.84 7.25
CA TRP C 199 -20.19 -48.45 8.07
C TRP C 199 -20.23 -46.91 8.03
N LYS C 200 -21.15 -46.34 7.24
CA LYS C 200 -21.10 -44.88 6.98
C LYS C 200 -20.94 -44.00 8.24
N SER C 201 -21.80 -44.19 9.24
CA SER C 201 -21.69 -43.42 10.48
C SER C 201 -20.39 -43.67 11.25
N GLY C 202 -19.75 -44.80 11.02
CA GLY C 202 -18.53 -45.09 11.73
C GLY C 202 -17.34 -44.43 11.08
N LYS C 203 -16.59 -45.19 10.29
CA LYS C 203 -15.46 -44.64 9.59
C LYS C 203 -15.78 -44.33 8.14
N GLY C 204 -17.06 -44.27 7.77
CA GLY C 204 -17.46 -43.80 6.43
C GLY C 204 -17.23 -44.73 5.25
N TYR C 205 -17.59 -44.27 4.05
CA TYR C 205 -17.54 -45.08 2.83
C TYR C 205 -16.14 -45.40 2.32
N ASN C 206 -15.12 -44.83 2.94
CA ASN C 206 -13.76 -44.95 2.40
C ASN C 206 -12.75 -45.61 3.34
N TYR C 207 -13.25 -46.27 4.40
CA TYR C 207 -12.39 -46.99 5.34
C TYR C 207 -12.95 -48.39 5.68
N SER C 208 -12.14 -49.42 5.45
CA SER C 208 -12.56 -50.80 5.58
C SER C 208 -12.07 -51.40 6.88
N TYR C 209 -12.98 -51.68 7.80
CA TYR C 209 -12.59 -52.10 9.13
C TYR C 209 -11.66 -53.31 9.14
N LYS C 210 -10.89 -53.44 10.22
CA LYS C 210 -9.98 -54.53 10.42
C LYS C 210 -10.73 -55.73 11.00
N VAL C 211 -11.59 -55.45 11.96
CA VAL C 211 -12.42 -56.47 12.55
C VAL C 211 -13.89 -56.09 12.50
N SER C 212 -14.70 -57.10 12.20
CA SER C 212 -16.14 -56.95 12.17
C SER C 212 -16.78 -58.19 12.79
N GLU C 213 -17.69 -57.98 13.72
CA GLU C 213 -18.46 -59.08 14.27
C GLU C 213 -19.92 -58.71 14.41
N MET C 214 -20.79 -59.63 13.98
CA MET C 214 -22.23 -59.48 14.10
C MET C 214 -22.74 -60.64 14.94
N LYS C 215 -23.50 -60.29 15.96
CA LYS C 215 -23.91 -61.25 16.97
C LYS C 215 -25.28 -60.96 17.65
N VAL C 216 -25.95 -62.03 18.05
CA VAL C 216 -27.31 -61.97 18.60
C VAL C 216 -27.41 -62.50 20.05
N ARG C 217 -28.35 -61.95 20.80
CA ARG C 217 -28.65 -62.44 22.15
C ARG C 217 -30.15 -62.27 22.43
N PRO C 218 -30.78 -63.25 23.11
CA PRO C 218 -32.19 -63.09 23.47
C PRO C 218 -32.34 -61.84 24.33
N ALA C 219 -33.32 -61.00 23.98
CA ALA C 219 -33.66 -59.83 24.78
C ALA C 219 -33.83 -60.24 26.21
N PRO D 3 19.26 45.60 -5.39
CA PRO D 3 18.93 47.01 -5.68
C PRO D 3 20.02 47.99 -5.19
N CYS D 4 20.17 48.10 -3.88
CA CYS D 4 21.12 49.04 -3.28
C CYS D 4 22.52 48.46 -3.17
N LEU D 5 23.00 47.74 -4.20
CA LEU D 5 24.35 47.21 -4.13
C LEU D 5 25.36 48.34 -4.48
N THR D 6 25.52 48.63 -5.77
CA THR D 6 26.39 49.71 -6.19
C THR D 6 25.60 50.91 -6.74
N GLY D 7 24.28 50.90 -6.50
CA GLY D 7 23.40 52.04 -6.85
C GLY D 7 23.89 53.42 -6.42
N PRO D 8 23.28 54.49 -6.96
CA PRO D 8 23.63 55.84 -6.52
C PRO D 8 22.91 56.15 -5.19
N ARG D 9 23.65 56.67 -4.20
CA ARG D 9 23.09 56.97 -2.87
C ARG D 9 22.62 58.42 -2.75
N THR D 10 23.17 59.29 -3.60
CA THR D 10 22.79 60.70 -3.57
C THR D 10 22.84 61.29 -4.96
N CYS D 11 22.36 62.52 -5.09
CA CYS D 11 22.46 63.25 -6.35
C CYS D 11 23.91 63.52 -6.80
N LYS D 12 24.81 63.73 -5.84
CA LYS D 12 26.23 63.91 -6.19
C LYS D 12 26.79 62.67 -6.89
N ASP D 13 26.37 61.51 -6.39
CA ASP D 13 26.72 60.25 -7.00
C ASP D 13 26.31 60.22 -8.46
N LEU D 14 25.06 60.65 -8.74
CA LEU D 14 24.55 60.65 -10.11
C LEU D 14 25.40 61.56 -10.98
N LEU D 15 25.68 62.75 -10.50
CA LEU D 15 26.46 63.71 -11.28
C LEU D 15 27.81 63.09 -11.66
N ASP D 16 28.46 62.46 -10.68
CA ASP D 16 29.70 61.70 -10.92
C ASP D 16 29.53 60.57 -11.91
N ARG D 17 28.31 60.14 -12.17
CA ARG D 17 28.05 59.06 -13.11
C ARG D 17 27.76 59.60 -14.53
N GLY D 18 27.85 60.92 -14.71
CA GLY D 18 27.62 61.53 -16.02
C GLY D 18 26.23 62.11 -16.30
N HIS D 19 25.42 62.31 -15.26
CA HIS D 19 24.13 62.99 -15.40
C HIS D 19 24.28 64.50 -15.15
N PHE D 20 24.42 65.27 -16.23
CA PHE D 20 24.67 66.70 -16.07
C PHE D 20 23.43 67.57 -16.25
N LEU D 21 22.27 66.96 -16.39
CA LEU D 21 21.07 67.76 -16.47
C LEU D 21 20.29 67.63 -15.19
N SER D 22 19.78 68.74 -14.65
CA SER D 22 18.90 68.63 -13.50
C SER D 22 17.67 67.88 -13.94
N GLY D 23 17.08 67.11 -13.03
CA GLY D 23 15.85 66.36 -13.33
C GLY D 23 15.57 65.31 -12.28
N TRP D 24 14.45 64.61 -12.40
CA TRP D 24 14.12 63.54 -11.44
C TRP D 24 14.91 62.24 -11.75
N HIS D 25 15.61 61.74 -10.73
CA HIS D 25 16.47 60.57 -10.80
C HIS D 25 16.20 59.75 -9.56
N THR D 26 16.21 58.42 -9.67
CA THR D 26 16.04 57.62 -8.47
C THR D 26 17.39 57.33 -7.76
N ILE D 27 17.36 57.29 -6.45
CA ILE D 27 18.54 57.03 -5.66
C ILE D 27 18.18 56.01 -4.58
N TYR D 28 19.17 55.61 -3.81
CA TYR D 28 18.95 54.61 -2.78
C TYR D 28 19.32 55.14 -1.40
N LEU D 29 18.31 55.11 -0.52
CA LEU D 29 18.41 55.70 0.83
C LEU D 29 19.35 54.85 1.72
N PRO D 30 19.72 55.37 2.91
CA PRO D 30 20.61 54.56 3.77
C PRO D 30 20.02 53.20 4.08
N ASP D 31 18.70 53.06 3.95
CA ASP D 31 17.98 51.82 4.29
C ASP D 31 17.75 50.93 3.07
N CYS D 32 17.98 51.49 1.89
CA CYS D 32 17.84 50.78 0.60
C CYS D 32 16.59 51.09 -0.19
N ARG D 33 15.64 51.79 0.43
CA ARG D 33 14.38 52.16 -0.23
C ARG D 33 14.73 52.99 -1.46
N PRO D 34 14.24 52.59 -2.64
CA PRO D 34 14.39 53.52 -3.75
C PRO D 34 13.47 54.73 -3.56
N LEU D 35 14.05 55.93 -3.71
CA LEU D 35 13.30 57.18 -3.71
C LEU D 35 13.70 57.95 -4.95
N THR D 36 12.70 58.42 -5.69
CA THR D 36 12.93 59.26 -6.86
C THR D 36 12.88 60.74 -6.44
N VAL D 37 13.98 61.44 -6.65
CA VAL D 37 14.13 62.79 -6.16
C VAL D 37 14.61 63.70 -7.27
N LEU D 38 14.35 65.00 -7.13
CA LEU D 38 14.85 65.99 -8.06
C LEU D 38 16.30 66.38 -7.74
N CYS D 39 17.19 66.23 -8.71
CA CYS D 39 18.59 66.57 -8.52
C CYS D 39 18.90 67.85 -9.19
N ASP D 40 19.47 68.79 -8.45
CA ASP D 40 19.89 70.05 -9.04
C ASP D 40 21.37 69.95 -9.36
N MET D 41 21.70 69.90 -10.65
CA MET D 41 23.07 69.70 -11.15
C MET D 41 23.71 70.99 -11.66
N ASP D 42 22.99 72.10 -11.52
CA ASP D 42 23.36 73.33 -12.21
C ASP D 42 23.89 74.38 -11.23
N THR D 43 23.31 74.41 -10.03
CA THR D 43 23.60 75.45 -9.07
C THR D 43 24.85 75.12 -8.26
N ASP D 44 25.84 76.01 -8.35
CA ASP D 44 26.95 75.95 -7.41
C ASP D 44 27.57 74.56 -7.37
N GLY D 45 28.15 74.16 -8.51
CA GLY D 45 28.78 72.85 -8.64
C GLY D 45 27.82 71.70 -8.92
N GLY D 46 26.57 71.83 -8.50
CA GLY D 46 25.60 70.77 -8.74
C GLY D 46 25.75 69.58 -7.82
N GLY D 47 24.76 68.69 -7.82
CA GLY D 47 24.78 67.50 -6.98
C GLY D 47 23.84 67.67 -5.81
N TRP D 48 22.99 68.69 -5.86
CA TRP D 48 22.05 68.94 -4.78
C TRP D 48 20.74 68.17 -4.93
N THR D 49 20.32 67.55 -3.85
CA THR D 49 19.04 66.88 -3.82
C THR D 49 18.04 67.91 -3.32
N VAL D 50 17.02 68.20 -4.12
CA VAL D 50 16.07 69.24 -3.79
C VAL D 50 14.88 68.65 -3.06
N PHE D 51 14.59 69.11 -1.83
CA PHE D 51 13.46 68.56 -1.06
C PHE D 51 12.30 69.54 -0.88
N GLN D 52 12.46 70.75 -1.41
CA GLN D 52 11.40 71.75 -1.39
C GLN D 52 11.46 72.64 -2.63
N ARG D 53 10.31 72.84 -3.28
CA ARG D 53 10.29 73.68 -4.47
C ARG D 53 9.00 74.48 -4.60
N ARG D 54 9.13 75.80 -4.75
CA ARG D 54 7.96 76.64 -5.05
C ARG D 54 8.31 77.44 -6.28
N VAL D 55 7.35 77.58 -7.19
CA VAL D 55 7.67 78.22 -8.46
C VAL D 55 6.48 78.97 -9.10
N ASP D 56 5.24 78.61 -8.75
CA ASP D 56 4.09 79.20 -9.44
C ASP D 56 2.74 79.21 -8.65
N GLY D 57 2.75 78.69 -7.43
CA GLY D 57 1.57 78.71 -6.59
C GLY D 57 0.52 77.67 -6.93
N SER D 58 0.89 76.66 -7.71
CA SER D 58 -0.08 75.68 -8.18
C SER D 58 -0.49 74.64 -7.14
N VAL D 59 0.36 74.39 -6.16
CA VAL D 59 0.06 73.41 -5.13
C VAL D 59 -0.23 74.10 -3.80
N ASP D 60 -1.22 73.58 -3.08
CA ASP D 60 -1.55 74.03 -1.75
C ASP D 60 -0.54 73.54 -0.70
N PHE D 61 0.20 74.46 -0.07
CA PHE D 61 1.14 74.08 0.98
C PHE D 61 0.57 74.12 2.41
N TYR D 62 -0.68 74.53 2.54
CA TYR D 62 -1.35 74.52 3.85
C TYR D 62 -1.83 73.10 4.23
N ARG D 63 -0.90 72.22 4.57
CA ARG D 63 -1.27 70.83 4.73
C ARG D 63 -1.10 70.30 6.13
N ASP D 64 -1.78 69.19 6.41
CA ASP D 64 -1.74 68.58 7.74
C ASP D 64 -0.53 67.69 7.95
N TRP D 65 -0.39 67.20 9.17
CA TRP D 65 0.75 66.37 9.59
C TRP D 65 1.03 65.17 8.67
N ALA D 66 0.02 64.32 8.52
CA ALA D 66 0.11 63.17 7.62
C ALA D 66 0.73 63.56 6.29
N THR D 67 0.21 64.64 5.70
CA THR D 67 0.64 65.03 4.38
C THR D 67 2.11 65.44 4.35
N TYR D 68 2.53 66.26 5.29
CA TYR D 68 3.91 66.72 5.29
C TYR D 68 4.91 65.60 5.61
N LYS D 69 4.37 64.55 6.24
CA LYS D 69 5.15 63.41 6.63
C LYS D 69 5.49 62.54 5.41
N GLN D 70 4.49 62.33 4.55
CA GLN D 70 4.65 61.47 3.40
C GLN D 70 5.12 62.25 2.19
N GLY D 71 5.01 63.57 2.28
CA GLY D 71 5.39 64.43 1.17
C GLY D 71 4.24 64.57 0.20
N PHE D 72 4.21 65.70 -0.52
CA PHE D 72 3.06 66.05 -1.38
C PHE D 72 3.54 67.03 -2.43
N GLY D 73 2.75 67.18 -3.48
CA GLY D 73 3.08 68.08 -4.58
C GLY D 73 3.18 67.37 -5.93
N SER D 74 4.13 67.78 -6.76
CA SER D 74 4.27 67.20 -8.07
C SER D 74 5.67 67.33 -8.68
N ARG D 75 6.10 66.30 -9.38
CA ARG D 75 7.40 66.32 -10.05
C ARG D 75 7.44 67.34 -11.17
N LEU D 76 6.28 67.85 -11.59
CA LEU D 76 6.25 68.84 -12.65
C LEU D 76 6.45 70.23 -12.12
N GLY D 77 6.42 70.39 -10.81
CA GLY D 77 6.56 71.72 -10.23
C GLY D 77 6.82 71.75 -8.74
N GLU D 78 5.78 72.06 -7.97
CA GLU D 78 5.92 72.32 -6.55
C GLU D 78 5.72 71.07 -5.73
N PHE D 79 6.58 70.90 -4.74
CA PHE D 79 6.49 69.73 -3.88
C PHE D 79 7.23 69.94 -2.58
N TRP D 80 6.93 69.08 -1.63
CA TRP D 80 7.70 68.91 -0.42
C TRP D 80 7.93 67.40 -0.32
N LEU D 81 9.21 67.00 -0.30
CA LEU D 81 9.61 65.60 -0.42
C LEU D 81 9.03 64.71 0.66
N GLY D 82 8.77 65.32 1.82
CA GLY D 82 8.19 64.61 2.97
C GLY D 82 9.15 64.52 4.15
N ASN D 83 8.59 64.57 5.34
CA ASN D 83 9.45 64.59 6.52
C ASN D 83 10.18 63.26 6.75
N ASP D 84 9.53 62.14 6.42
CA ASP D 84 10.16 60.85 6.53
C ASP D 84 11.33 60.69 5.58
N ASN D 85 11.20 61.18 4.35
CA ASN D 85 12.29 61.11 3.42
C ASN D 85 13.40 62.06 3.82
N ILE D 86 13.04 63.25 4.28
CA ILE D 86 14.05 64.26 4.54
C ILE D 86 14.91 63.83 5.73
N HIS D 87 14.29 63.13 6.68
CA HIS D 87 15.05 62.56 7.78
C HIS D 87 15.95 61.43 7.27
N ALA D 88 15.38 60.54 6.47
CA ALA D 88 16.13 59.47 5.84
C ALA D 88 17.31 60.04 5.05
N LEU D 89 17.07 61.08 4.27
CA LEU D 89 18.14 61.68 3.50
C LEU D 89 19.26 62.25 4.36
N THR D 90 18.95 62.93 5.45
CA THR D 90 19.96 63.73 6.20
C THR D 90 20.50 63.06 7.48
N ALA D 91 20.28 61.75 7.61
CA ALA D 91 20.57 61.06 8.88
C ALA D 91 22.09 60.83 9.18
N GLN D 92 22.64 59.76 8.60
CA GLN D 92 24.07 59.48 8.73
C GLN D 92 24.82 60.33 7.73
N GLY D 93 25.62 61.28 8.23
CA GLY D 93 26.48 62.08 7.35
C GLY D 93 26.30 63.56 7.65
N THR D 94 27.06 64.38 6.93
CA THR D 94 26.91 65.83 6.96
C THR D 94 26.51 66.33 5.58
N SER D 95 25.31 66.90 5.50
CA SER D 95 24.85 67.50 4.25
C SER D 95 24.70 69.00 4.42
N GLU D 96 25.23 69.73 3.44
CA GLU D 96 25.02 71.18 3.40
C GLU D 96 23.55 71.52 3.13
N LEU D 97 23.18 72.77 3.36
CA LEU D 97 21.82 73.20 3.04
C LEU D 97 21.90 74.47 2.24
N ARG D 98 21.25 74.45 1.07
CA ARG D 98 21.15 75.65 0.26
C ARG D 98 19.71 76.07 0.08
N THR D 99 19.48 77.37 0.16
CA THR D 99 18.18 77.93 -0.15
C THR D 99 18.32 78.95 -1.26
N ASP D 100 17.80 78.62 -2.45
CA ASP D 100 17.78 79.60 -3.52
C ASP D 100 16.40 80.22 -3.55
N LEU D 101 16.37 81.53 -3.75
CA LEU D 101 15.12 82.28 -3.79
C LEU D 101 15.18 83.24 -4.96
N VAL D 102 14.03 83.53 -5.57
CA VAL D 102 14.01 84.43 -6.68
C VAL D 102 12.71 85.19 -6.62
N ASP D 103 12.81 86.51 -6.52
CA ASP D 103 11.62 87.39 -6.49
C ASP D 103 11.06 87.61 -7.87
N PHE D 104 10.21 88.62 -8.03
CA PHE D 104 9.58 88.83 -9.33
C PHE D 104 10.29 89.93 -10.13
N GLU D 105 11.30 90.55 -9.51
CA GLU D 105 12.22 91.43 -10.24
C GLU D 105 13.21 90.52 -10.93
N ASP D 106 12.98 89.22 -10.77
CA ASP D 106 13.95 88.22 -11.18
C ASP D 106 15.32 88.50 -10.53
N ASN D 107 15.38 88.71 -9.20
CA ASN D 107 16.70 88.72 -8.53
C ASN D 107 16.87 87.45 -7.75
N TYR D 108 18.11 87.03 -7.61
CA TYR D 108 18.40 85.72 -7.05
C TYR D 108 19.13 85.86 -5.75
N GLN D 109 18.75 85.09 -4.74
CA GLN D 109 19.40 85.23 -3.46
C GLN D 109 19.48 83.86 -2.86
N PHE D 110 20.42 83.66 -1.94
CA PHE D 110 20.62 82.33 -1.41
C PHE D 110 21.16 82.35 0.01
N ALA D 111 21.37 81.15 0.55
CA ALA D 111 21.85 81.02 1.89
C ALA D 111 22.33 79.58 2.01
N LYS D 112 23.60 79.41 2.39
CA LYS D 112 24.17 78.07 2.54
C LYS D 112 24.64 77.83 3.96
N TYR D 113 24.30 76.67 4.50
CA TYR D 113 24.74 76.29 5.82
C TYR D 113 25.71 75.09 5.76
N ARG D 114 26.50 74.88 6.81
CA ARG D 114 27.48 73.82 6.84
C ARG D 114 26.83 72.49 7.18
N SER D 115 25.60 72.54 7.69
CA SER D 115 25.00 71.35 8.29
C SER D 115 23.46 71.43 8.31
N PHE D 116 22.78 70.34 7.97
CA PHE D 116 21.33 70.30 8.03
C PHE D 116 20.87 68.88 8.28
N LYS D 117 19.91 68.75 9.18
CA LYS D 117 19.45 67.43 9.58
C LYS D 117 18.10 67.62 10.23
N VAL D 118 17.15 66.76 9.91
CA VAL D 118 15.91 66.72 10.69
C VAL D 118 15.78 65.34 11.36
N ALA D 119 15.16 65.33 12.53
CA ALA D 119 14.99 64.12 13.32
C ALA D 119 13.82 63.26 12.85
N ASP D 120 13.61 62.09 13.45
CA ASP D 120 12.52 61.25 12.98
C ASP D 120 11.23 61.79 13.58
N GLU D 121 10.14 61.06 13.38
CA GLU D 121 8.85 61.58 13.78
C GLU D 121 8.76 61.74 15.30
N ALA D 122 9.47 60.84 16.00
CA ALA D 122 9.54 60.83 17.45
C ALA D 122 9.98 62.20 18.01
N GLU D 123 10.98 62.84 17.37
CA GLU D 123 11.40 64.19 17.84
C GLU D 123 10.70 65.29 17.07
N LYS D 124 9.51 64.96 16.54
CA LYS D 124 8.75 65.96 15.79
C LYS D 124 9.54 66.53 14.58
N TYR D 125 10.46 65.75 14.02
CA TYR D 125 11.29 66.22 12.88
C TYR D 125 12.07 67.46 13.24
N ASN D 126 12.49 67.52 14.51
CA ASN D 126 13.30 68.63 15.01
C ASN D 126 14.40 69.07 14.04
N LEU D 127 14.60 70.38 13.89
CA LEU D 127 15.62 70.89 12.97
C LEU D 127 17.00 71.00 13.61
N VAL D 128 18.03 70.48 12.94
CA VAL D 128 19.39 70.55 13.46
C VAL D 128 20.28 71.23 12.42
N LEU D 129 20.33 72.55 12.47
CA LEU D 129 21.04 73.36 11.48
C LEU D 129 22.45 73.70 11.97
N GLY D 130 23.40 73.79 11.04
CA GLY D 130 24.78 74.15 11.39
C GLY D 130 25.11 75.57 10.98
N ALA D 131 26.34 75.99 11.27
CA ALA D 131 26.81 77.37 11.06
C ALA D 131 26.38 77.93 9.71
N PHE D 132 25.82 79.15 9.74
CA PHE D 132 25.52 79.89 8.53
C PHE D 132 26.84 80.18 7.84
N VAL D 133 26.95 79.76 6.58
CA VAL D 133 28.19 79.95 5.83
C VAL D 133 28.23 81.30 5.10
N GLU D 134 27.10 81.70 4.51
CA GLU D 134 27.06 82.89 3.66
C GLU D 134 25.80 82.97 2.76
N GLY D 135 25.50 84.15 2.24
CA GLY D 135 24.45 84.28 1.24
C GLY D 135 23.81 85.65 1.16
N SER D 136 23.47 86.09 -0.05
CA SER D 136 22.88 87.39 -0.25
C SER D 136 21.46 87.56 0.34
N ALA D 137 20.88 86.48 0.86
CA ALA D 137 19.51 86.60 1.39
C ALA D 137 19.51 86.72 2.93
N GLY D 138 20.70 86.58 3.51
CA GLY D 138 20.89 86.68 4.95
C GLY D 138 20.33 85.46 5.64
N ASP D 139 20.81 85.20 6.85
CA ASP D 139 20.37 84.03 7.60
C ASP D 139 19.00 84.19 8.27
N SER D 140 17.97 83.52 7.72
CA SER D 140 16.65 83.52 8.35
C SER D 140 16.23 82.10 8.70
N LEU D 141 17.17 81.35 9.22
CA LEU D 141 16.88 79.98 9.57
C LEU D 141 17.43 79.61 10.94
N THR D 142 18.64 80.07 11.25
CA THR D 142 19.26 79.72 12.53
C THR D 142 18.30 80.03 13.69
N PHE D 143 17.60 81.16 13.59
CA PHE D 143 16.55 81.49 14.56
C PHE D 143 15.58 80.34 14.85
N HIS D 144 15.43 79.40 13.92
CA HIS D 144 14.47 78.31 14.12
C HIS D 144 15.16 77.03 14.58
N ASN D 145 16.48 77.11 14.80
CA ASN D 145 17.21 75.91 15.20
C ASN D 145 16.64 75.17 16.43
N ASN D 146 16.93 73.87 16.49
CA ASN D 146 16.49 72.96 17.59
C ASN D 146 15.00 72.97 17.86
N GLN D 147 14.21 73.38 16.87
CA GLN D 147 12.77 73.51 17.09
C GLN D 147 12.01 72.45 16.29
N SER D 148 10.89 71.98 16.84
CA SER D 148 10.06 70.98 16.17
C SER D 148 9.36 71.50 14.91
N PHE D 149 8.85 70.58 14.12
CA PHE D 149 8.00 70.96 12.99
C PHE D 149 6.59 71.01 13.54
N SER D 150 5.81 71.97 13.07
CA SER D 150 4.40 71.91 13.35
C SER D 150 3.59 72.24 12.11
N THR D 151 2.38 71.68 12.06
CA THR D 151 1.43 71.87 10.98
C THR D 151 0.14 72.40 11.59
N LYS D 152 -0.80 72.78 10.75
CA LYS D 152 -2.02 73.39 11.21
C LYS D 152 -2.70 72.54 12.27
N ASP D 153 -2.62 71.23 12.12
CA ASP D 153 -3.36 70.33 13.00
C ASP D 153 -2.46 69.69 14.08
N GLN D 154 -1.20 70.07 14.17
CA GLN D 154 -0.40 69.63 15.30
C GLN D 154 0.55 70.74 15.77
N ASP D 155 0.18 71.38 16.86
CA ASP D 155 0.86 72.57 17.37
C ASP D 155 2.07 72.21 18.26
N ASN D 156 3.28 72.45 17.78
CA ASN D 156 4.46 72.20 18.61
C ASN D 156 5.31 73.46 18.71
N ASP D 157 4.72 74.63 18.44
CA ASP D 157 5.47 75.88 18.52
C ASP D 157 5.61 76.42 19.95
N LEU D 158 6.33 77.52 20.08
CA LEU D 158 6.46 78.18 21.36
C LEU D 158 5.55 79.42 21.42
N ASN D 159 4.46 79.39 20.66
CA ASN D 159 3.52 80.50 20.75
C ASN D 159 2.24 79.96 21.34
N THR D 160 1.57 80.75 22.18
CA THR D 160 0.34 80.29 22.83
C THR D 160 -0.71 79.98 21.76
N GLY D 161 -0.71 80.76 20.67
CA GLY D 161 -1.53 80.42 19.51
C GLY D 161 -0.89 79.37 18.61
N ASN D 162 -1.53 79.12 17.46
CA ASN D 162 -1.07 78.11 16.51
C ASN D 162 -0.36 78.75 15.28
N CYS D 163 0.98 78.83 15.33
CA CYS D 163 1.74 79.56 14.29
C CYS D 163 1.41 79.14 12.87
N ALA D 164 1.17 77.84 12.70
CA ALA D 164 0.85 77.24 11.39
C ALA D 164 -0.47 77.73 10.80
N VAL D 165 -1.43 78.00 11.68
CA VAL D 165 -2.67 78.60 11.25
C VAL D 165 -2.47 80.10 10.97
N MET D 166 -1.77 80.77 11.88
CA MET D 166 -1.60 82.21 11.80
C MET D 166 -0.83 82.63 10.55
N PHE D 167 0.12 81.82 10.15
CA PHE D 167 0.89 82.17 8.98
C PHE D 167 0.71 81.21 7.84
N GLN D 168 -0.38 80.45 7.94
CA GLN D 168 -0.80 79.49 6.93
C GLN D 168 0.40 78.80 6.31
N GLY D 169 1.10 78.02 7.12
CA GLY D 169 2.29 77.34 6.64
C GLY D 169 2.56 76.07 7.39
N ALA D 170 3.83 75.71 7.43
CA ALA D 170 4.32 74.55 8.16
C ALA D 170 5.82 74.76 8.18
N TRP D 171 6.41 74.56 9.36
CA TRP D 171 7.76 75.06 9.58
C TRP D 171 8.18 74.76 11.01
N TRP D 172 9.46 74.98 11.29
CA TRP D 172 9.99 74.80 12.63
C TRP D 172 9.76 76.10 13.42
N TYR D 173 8.47 76.42 13.53
CA TYR D 173 7.98 77.67 14.07
C TYR D 173 8.42 77.84 15.53
N LYS D 174 8.83 79.07 15.88
CA LYS D 174 9.14 79.44 17.28
C LYS D 174 8.01 80.33 17.84
N ASN D 175 8.19 81.65 17.77
CA ASN D 175 7.11 82.60 18.11
C ASN D 175 7.16 83.90 17.31
N CYS D 176 6.82 83.81 16.03
CA CYS D 176 6.56 82.53 15.40
C CYS D 176 7.66 82.17 14.39
N HIS D 177 7.92 83.09 13.47
CA HIS D 177 8.86 82.76 12.42
C HIS D 177 9.72 83.90 11.96
N THR D 178 10.77 83.52 11.27
CA THR D 178 11.65 84.48 10.62
C THR D 178 11.74 84.09 9.16
N SER D 179 11.49 82.80 8.90
CA SER D 179 11.35 82.29 7.53
C SER D 179 10.04 81.47 7.45
N ASN D 180 9.42 81.41 6.26
CA ASN D 180 8.12 80.74 6.10
C ASN D 180 7.95 80.19 4.67
N LEU D 181 8.90 79.38 4.23
CA LEU D 181 8.97 78.99 2.84
C LEU D 181 7.79 78.15 2.40
N ASN D 182 7.06 77.60 3.35
CA ASN D 182 5.85 76.86 3.03
C ASN D 182 4.56 77.66 3.25
N GLY D 183 4.68 78.98 3.39
CA GLY D 183 3.51 79.87 3.42
C GLY D 183 2.71 79.88 2.12
N ARG D 184 1.80 80.84 1.98
CA ARG D 184 0.94 80.89 0.81
C ARG D 184 1.64 81.58 -0.35
N TYR D 185 1.32 81.18 -1.59
CA TYR D 185 1.93 81.83 -2.75
C TYR D 185 1.21 83.14 -3.07
N LEU D 186 1.64 84.24 -2.44
CA LEU D 186 0.89 85.51 -2.51
C LEU D 186 1.42 86.46 -3.58
N ARG D 187 2.46 86.00 -4.28
CA ARG D 187 3.04 86.67 -5.45
C ARG D 187 3.59 88.07 -5.18
N GLY D 188 4.79 88.16 -4.60
CA GLY D 188 5.41 89.46 -4.36
C GLY D 188 4.81 90.17 -3.15
N THR D 189 4.75 91.50 -3.22
CA THR D 189 4.27 92.30 -2.09
C THR D 189 2.83 91.92 -1.75
N HIS D 190 2.58 91.66 -0.47
CA HIS D 190 1.23 91.36 -0.02
C HIS D 190 0.86 92.19 1.18
N GLY D 191 -0.40 92.61 1.22
CA GLY D 191 -0.91 93.39 2.31
C GLY D 191 -0.89 92.66 3.65
N SER D 192 -1.25 91.38 3.65
CA SER D 192 -1.33 90.59 4.89
C SER D 192 0.04 90.43 5.58
N PHE D 193 0.03 89.84 6.77
CA PHE D 193 1.26 89.82 7.58
C PHE D 193 1.96 88.47 7.72
N ALA D 194 3.10 88.34 7.01
CA ALA D 194 4.04 87.23 7.17
C ALA D 194 3.45 85.85 6.93
N ASN D 195 2.44 85.75 6.06
CA ASN D 195 1.83 84.49 5.72
C ASN D 195 2.12 84.08 4.26
N GLY D 196 3.06 84.75 3.63
CA GLY D 196 3.44 84.38 2.28
C GLY D 196 4.73 83.60 2.37
N ILE D 197 5.31 83.27 1.22
CA ILE D 197 6.62 82.64 1.21
C ILE D 197 7.59 83.73 1.58
N ASN D 198 7.92 83.81 2.87
CA ASN D 198 8.67 84.96 3.39
C ASN D 198 10.04 84.58 3.93
N TRP D 199 11.02 85.45 3.65
CA TRP D 199 12.37 85.37 4.23
C TRP D 199 12.69 86.74 4.79
N LYS D 200 12.61 86.86 6.12
CA LYS D 200 12.65 88.17 6.74
C LYS D 200 13.84 88.96 6.23
N SER D 201 15.04 88.40 6.41
CA SER D 201 16.29 89.10 6.12
C SER D 201 16.49 89.24 4.62
N GLY D 202 15.60 88.62 3.85
CA GLY D 202 15.66 88.70 2.41
C GLY D 202 14.80 89.81 1.85
N LYS D 203 13.49 89.62 1.89
CA LYS D 203 12.56 90.55 1.22
C LYS D 203 11.39 91.00 2.15
N GLY D 204 11.47 90.64 3.43
CA GLY D 204 10.52 91.15 4.41
C GLY D 204 9.23 90.35 4.53
N TYR D 205 8.44 90.64 5.56
CA TYR D 205 7.19 89.93 5.82
C TYR D 205 6.03 90.32 4.91
N ASN D 206 6.26 91.23 3.98
CA ASN D 206 5.21 91.62 3.05
C ASN D 206 5.58 91.35 1.61
N TYR D 207 6.31 90.25 1.40
CA TYR D 207 6.71 89.84 0.04
C TYR D 207 6.85 88.30 -0.12
N SER D 208 6.08 87.74 -1.05
CA SER D 208 6.12 86.30 -1.36
C SER D 208 6.97 86.02 -2.63
N TYR D 209 8.10 85.33 -2.47
CA TYR D 209 8.99 85.02 -3.61
C TYR D 209 8.30 84.29 -4.79
N LYS D 210 8.90 84.37 -5.97
CA LYS D 210 8.38 83.64 -7.13
C LYS D 210 8.87 82.21 -7.07
N VAL D 211 10.12 82.05 -6.66
CA VAL D 211 10.73 80.75 -6.56
C VAL D 211 11.40 80.52 -5.21
N SER D 212 11.16 79.36 -4.64
CA SER D 212 11.90 78.90 -3.48
C SER D 212 12.31 77.43 -3.64
N GLU D 213 13.56 77.16 -3.30
CA GLU D 213 14.13 75.81 -3.38
C GLU D 213 15.04 75.52 -2.20
N MET D 214 14.80 74.39 -1.55
CA MET D 214 15.63 73.94 -0.44
C MET D 214 16.27 72.58 -0.78
N LYS D 215 17.59 72.51 -0.72
CA LYS D 215 18.30 71.33 -1.20
C LYS D 215 19.49 70.93 -0.32
N VAL D 216 19.79 69.64 -0.25
CA VAL D 216 20.94 69.16 0.49
C VAL D 216 21.94 68.40 -0.38
N ARG D 217 23.21 68.41 0.03
CA ARG D 217 24.28 67.70 -0.68
C ARG D 217 25.37 67.30 0.32
N PRO D 218 25.85 66.04 0.25
CA PRO D 218 26.97 65.47 1.07
C PRO D 218 27.98 66.51 1.62
N PRO E 3 7.73 43.20 -16.31
CA PRO E 3 6.97 44.26 -15.62
C PRO E 3 5.44 44.16 -15.71
N CYS E 4 4.86 43.58 -16.75
CA CYS E 4 3.38 43.46 -16.72
C CYS E 4 2.85 42.70 -15.52
N LEU E 5 3.51 41.62 -15.13
CA LEU E 5 2.92 40.72 -14.12
C LEU E 5 2.92 41.36 -12.75
N THR E 6 3.86 42.27 -12.52
CA THR E 6 4.12 42.81 -11.19
C THR E 6 3.80 44.30 -11.15
N GLY E 7 3.94 44.96 -12.31
CA GLY E 7 3.75 46.41 -12.42
C GLY E 7 2.34 46.84 -12.11
N PRO E 8 2.12 48.15 -11.95
CA PRO E 8 0.81 48.71 -11.62
C PRO E 8 -0.14 48.83 -12.81
N ARG E 9 -1.45 48.85 -12.55
CA ARG E 9 -2.45 48.92 -13.62
C ARG E 9 -3.15 50.27 -13.69
N THR E 10 -2.96 51.12 -12.69
CA THR E 10 -3.65 52.38 -12.65
C THR E 10 -2.88 53.32 -11.74
N CYS E 11 -3.23 54.60 -11.73
CA CYS E 11 -2.53 55.52 -10.86
C CYS E 11 -2.89 55.27 -9.39
N LYS E 12 -4.03 54.63 -9.15
CA LYS E 12 -4.42 54.21 -7.79
C LYS E 12 -3.36 53.27 -7.24
N ASP E 13 -2.97 52.27 -8.03
CA ASP E 13 -1.96 51.29 -7.62
C ASP E 13 -0.66 51.96 -7.19
N LEU E 14 -0.19 52.94 -7.96
CA LEU E 14 1.08 53.58 -7.68
C LEU E 14 1.05 54.34 -6.37
N LEU E 15 -0.08 54.98 -6.09
CA LEU E 15 -0.27 55.66 -4.81
C LEU E 15 -0.19 54.63 -3.70
N ASP E 16 -1.05 53.62 -3.76
CA ASP E 16 -1.02 52.53 -2.78
C ASP E 16 0.40 51.99 -2.57
N ARG E 17 1.27 52.17 -3.56
CA ARG E 17 2.65 51.71 -3.47
C ARG E 17 3.57 52.80 -3.00
N GLY E 18 3.01 53.88 -2.47
CA GLY E 18 3.85 54.91 -1.86
C GLY E 18 4.48 55.91 -2.81
N HIS E 19 3.81 56.21 -3.91
CA HIS E 19 4.22 57.33 -4.75
C HIS E 19 3.28 58.48 -4.40
N PHE E 20 3.80 59.51 -3.73
CA PHE E 20 2.94 60.55 -3.19
C PHE E 20 3.03 61.85 -3.96
N LEU E 21 4.00 61.93 -4.87
CA LEU E 21 4.10 63.04 -5.80
C LEU E 21 3.38 62.74 -7.12
N SER E 22 2.71 63.74 -7.69
CA SER E 22 2.18 63.60 -9.04
C SER E 22 3.31 63.60 -10.06
N GLY E 23 3.07 62.96 -11.21
CA GLY E 23 4.07 62.85 -12.26
C GLY E 23 3.80 61.73 -13.24
N TRP E 24 4.68 61.60 -14.25
CA TRP E 24 4.55 60.56 -15.26
C TRP E 24 5.09 59.22 -14.79
N HIS E 25 4.20 58.22 -14.75
CA HIS E 25 4.57 56.84 -14.47
C HIS E 25 4.02 55.88 -15.54
N THR E 26 4.74 54.79 -15.81
CA THR E 26 4.20 53.83 -16.74
C THR E 26 3.33 52.79 -16.04
N ILE E 27 2.16 52.51 -16.60
CA ILE E 27 1.23 51.53 -16.08
C ILE E 27 0.96 50.51 -17.14
N TYR E 28 0.10 49.55 -16.81
CA TYR E 28 -0.19 48.52 -17.75
C TYR E 28 -1.67 48.37 -17.98
N LEU E 29 -2.05 48.57 -19.24
CA LEU E 29 -3.43 48.43 -19.66
C LEU E 29 -3.74 46.97 -19.56
N PRO E 30 -5.05 46.61 -19.59
CA PRO E 30 -5.45 45.24 -19.26
C PRO E 30 -4.90 44.14 -20.18
N ASP E 31 -4.38 44.50 -21.35
CA ASP E 31 -3.76 43.55 -22.28
C ASP E 31 -2.23 43.64 -22.23
N CYS E 32 -1.73 44.26 -21.18
CA CYS E 32 -0.30 44.41 -20.89
C CYS E 32 0.48 45.48 -21.65
N ARG E 33 -0.14 46.16 -22.59
CA ARG E 33 0.56 47.26 -23.26
C ARG E 33 0.94 48.34 -22.22
N PRO E 34 2.23 48.71 -22.20
CA PRO E 34 2.65 49.77 -21.29
C PRO E 34 2.19 51.14 -21.80
N LEU E 35 1.91 52.07 -20.89
CA LEU E 35 1.52 53.42 -21.26
C LEU E 35 1.98 54.35 -20.17
N THR E 36 2.72 55.39 -20.55
CA THR E 36 3.18 56.41 -19.59
C THR E 36 2.14 57.49 -19.38
N VAL E 37 1.62 57.56 -18.17
CA VAL E 37 0.49 58.43 -17.88
C VAL E 37 0.84 59.38 -16.77
N LEU E 38 0.10 60.47 -16.68
CA LEU E 38 0.32 61.46 -15.64
C LEU E 38 -0.58 61.15 -14.47
N CYS E 39 0.02 60.90 -13.32
CA CYS E 39 -0.80 60.63 -12.14
C CYS E 39 -0.91 61.88 -11.28
N ASP E 40 -2.14 62.25 -10.94
CA ASP E 40 -2.41 63.27 -9.94
C ASP E 40 -2.51 62.53 -8.62
N MET E 41 -1.55 62.77 -7.74
CA MET E 41 -1.52 62.10 -6.43
C MET E 41 -2.09 63.01 -5.37
N ASP E 42 -2.33 64.26 -5.76
CA ASP E 42 -2.72 65.29 -4.84
C ASP E 42 -4.23 65.40 -4.66
N THR E 43 -4.91 65.81 -5.73
CA THR E 43 -6.35 66.10 -5.70
C THR E 43 -7.25 64.98 -5.14
N ASP E 44 -8.07 65.34 -4.16
CA ASP E 44 -9.20 64.49 -3.76
C ASP E 44 -8.81 63.01 -3.55
N GLY E 45 -7.90 62.80 -2.62
CA GLY E 45 -7.48 61.43 -2.30
C GLY E 45 -6.26 60.97 -3.07
N GLY E 46 -6.13 61.42 -4.33
CA GLY E 46 -5.01 61.06 -5.19
C GLY E 46 -5.29 59.84 -6.04
N GLY E 47 -4.35 59.47 -6.90
CA GLY E 47 -4.48 58.26 -7.72
C GLY E 47 -5.32 58.37 -8.98
N TRP E 48 -5.58 59.59 -9.43
CA TRP E 48 -6.29 59.82 -10.67
C TRP E 48 -5.33 59.79 -11.86
N THR E 49 -5.72 59.06 -12.91
CA THR E 49 -5.04 59.12 -14.20
C THR E 49 -5.53 60.33 -15.03
N VAL E 50 -4.61 61.23 -15.36
CA VAL E 50 -4.95 62.46 -16.05
C VAL E 50 -4.87 62.25 -17.55
N PHE E 51 -5.97 62.45 -18.27
CA PHE E 51 -5.95 62.24 -19.73
C PHE E 51 -6.10 63.52 -20.55
N GLN E 52 -6.32 64.63 -19.87
CA GLN E 52 -6.42 65.92 -20.53
C GLN E 52 -5.86 66.99 -19.65
N ARG E 53 -4.98 67.82 -20.16
CA ARG E 53 -4.42 68.91 -19.38
C ARG E 53 -4.23 70.18 -20.18
N ARG E 54 -4.85 71.25 -19.69
CA ARG E 54 -4.67 72.58 -20.23
C ARG E 54 -4.06 73.44 -19.13
N VAL E 55 -3.09 74.25 -19.51
CA VAL E 55 -2.27 74.93 -18.52
C VAL E 55 -1.83 76.29 -19.04
N ASP E 56 -1.29 76.35 -20.24
CA ASP E 56 -0.66 77.59 -20.65
C ASP E 56 -0.89 77.99 -22.11
N GLY E 57 -1.62 77.21 -22.88
CA GLY E 57 -1.88 77.58 -24.26
C GLY E 57 -0.80 77.23 -25.28
N SER E 58 0.22 76.52 -24.83
CA SER E 58 1.38 76.22 -25.69
C SER E 58 1.15 75.15 -26.74
N VAL E 59 0.02 74.45 -26.69
CA VAL E 59 -0.23 73.37 -27.63
C VAL E 59 -1.51 73.61 -28.38
N ASP E 60 -1.51 73.27 -29.67
CA ASP E 60 -2.69 73.43 -30.51
C ASP E 60 -3.61 72.24 -30.35
N PHE E 61 -4.84 72.51 -29.96
CA PHE E 61 -5.83 71.46 -29.71
C PHE E 61 -6.81 71.34 -30.84
N TYR E 62 -6.68 72.21 -31.84
CA TYR E 62 -7.54 72.20 -33.00
C TYR E 62 -6.96 71.22 -34.01
N ARG E 63 -7.30 69.94 -33.81
CA ARG E 63 -6.62 68.87 -34.49
C ARG E 63 -7.57 67.91 -35.12
N ASP E 64 -7.04 67.12 -36.05
CA ASP E 64 -7.84 66.17 -36.81
C ASP E 64 -8.12 64.88 -36.06
N TRP E 65 -8.90 64.01 -36.68
CA TRP E 65 -9.35 62.76 -36.07
C TRP E 65 -8.20 61.84 -35.67
N ALA E 66 -7.21 61.72 -36.56
CA ALA E 66 -6.09 60.82 -36.38
C ALA E 66 -5.25 61.23 -35.19
N THR E 67 -5.03 62.55 -35.06
CA THR E 67 -4.24 63.11 -33.97
C THR E 67 -4.92 62.91 -32.58
N TYR E 68 -6.22 63.18 -32.48
CA TYR E 68 -6.95 62.93 -31.24
C TYR E 68 -7.03 61.45 -30.90
N LYS E 69 -6.93 60.63 -31.93
CA LYS E 69 -6.97 59.20 -31.73
C LYS E 69 -5.65 58.71 -31.13
N GLN E 70 -4.54 59.21 -31.64
CA GLN E 70 -3.27 58.72 -31.20
C GLN E 70 -2.76 59.51 -30.00
N GLY E 71 -3.34 60.67 -29.74
CA GLY E 71 -2.83 61.51 -28.66
C GLY E 71 -1.81 62.51 -29.19
N PHE E 72 -1.75 63.66 -28.54
CA PHE E 72 -0.83 64.73 -28.92
C PHE E 72 -0.49 65.53 -27.68
N GLY E 73 0.51 66.40 -27.79
CA GLY E 73 0.89 67.22 -26.66
C GLY E 73 2.27 66.96 -26.10
N SER E 74 2.46 67.29 -24.83
CA SER E 74 3.76 67.19 -24.19
C SER E 74 3.62 66.86 -22.71
N ARG E 75 4.55 66.06 -22.21
CA ARG E 75 4.54 65.71 -20.81
C ARG E 75 4.99 66.89 -19.96
N LEU E 76 5.65 67.86 -20.60
CA LEU E 76 6.07 69.06 -19.91
C LEU E 76 4.90 69.98 -19.55
N GLY E 77 3.85 69.98 -20.37
CA GLY E 77 2.72 70.87 -20.15
C GLY E 77 1.35 70.32 -20.51
N GLU E 78 0.89 70.62 -21.73
CA GLU E 78 -0.48 70.29 -22.17
C GLU E 78 -0.56 69.05 -23.06
N PHE E 79 -1.60 68.26 -22.92
CA PHE E 79 -1.70 67.06 -23.74
C PHE E 79 -3.12 66.53 -23.85
N TRP E 80 -3.34 65.67 -24.86
CA TRP E 80 -4.49 64.77 -24.87
C TRP E 80 -4.00 63.33 -24.97
N LEU E 81 -4.32 62.53 -23.96
CA LEU E 81 -3.76 61.21 -23.81
C LEU E 81 -3.91 60.32 -25.03
N GLY E 82 -4.99 60.51 -25.78
CA GLY E 82 -5.26 59.69 -26.97
C GLY E 82 -6.55 58.91 -26.81
N ASN E 83 -7.41 58.96 -27.83
CA ASN E 83 -8.73 58.33 -27.72
C ASN E 83 -8.73 56.80 -27.60
N ASP E 84 -7.84 56.11 -28.31
CA ASP E 84 -7.65 54.69 -28.05
C ASP E 84 -7.20 54.51 -26.60
N ASN E 85 -6.14 55.21 -26.19
CA ASN E 85 -5.66 55.10 -24.84
C ASN E 85 -6.78 55.32 -23.83
N ILE E 86 -7.54 56.39 -23.95
CA ILE E 86 -8.62 56.66 -23.01
C ILE E 86 -9.62 55.51 -22.99
N HIS E 87 -9.86 54.94 -24.16
CA HIS E 87 -10.82 53.85 -24.27
C HIS E 87 -10.32 52.66 -23.48
N ALA E 88 -9.11 52.25 -23.80
CA ALA E 88 -8.48 51.15 -23.12
C ALA E 88 -8.47 51.35 -21.62
N LEU E 89 -8.16 52.58 -21.20
CA LEU E 89 -8.09 52.92 -19.82
C LEU E 89 -9.42 52.74 -19.16
N THR E 90 -10.50 52.89 -19.91
CA THR E 90 -11.82 52.88 -19.25
C THR E 90 -12.81 51.82 -19.75
N ALA E 91 -12.34 50.84 -20.53
CA ALA E 91 -13.26 49.79 -21.03
C ALA E 91 -13.83 48.89 -19.93
N GLN E 92 -12.94 48.31 -19.12
CA GLN E 92 -13.33 47.45 -18.01
C GLN E 92 -13.54 48.26 -16.74
N GLY E 93 -13.98 47.56 -15.69
CA GLY E 93 -14.26 48.17 -14.39
C GLY E 93 -15.19 49.37 -14.48
N THR E 94 -15.14 50.20 -13.44
CA THR E 94 -15.89 51.43 -13.46
C THR E 94 -15.02 52.58 -12.92
N SER E 95 -14.78 53.56 -13.79
CA SER E 95 -13.90 54.67 -13.46
C SER E 95 -14.71 55.92 -13.12
N GLU E 96 -14.35 56.57 -12.03
CA GLU E 96 -14.88 57.87 -11.76
C GLU E 96 -14.23 58.89 -12.70
N LEU E 97 -14.90 60.02 -12.93
CA LEU E 97 -14.29 61.10 -13.68
C LEU E 97 -14.33 62.38 -12.88
N ARG E 98 -13.20 63.06 -12.80
CA ARG E 98 -13.17 64.36 -12.18
C ARG E 98 -12.68 65.38 -13.19
N THR E 99 -13.32 66.55 -13.22
CA THR E 99 -12.79 67.66 -13.98
C THR E 99 -12.35 68.72 -13.02
N ASP E 100 -11.12 69.20 -13.17
CA ASP E 100 -10.63 70.28 -12.34
C ASP E 100 -10.41 71.51 -13.20
N LEU E 101 -10.78 72.69 -12.68
CA LEU E 101 -10.78 73.91 -13.46
C LEU E 101 -10.21 75.05 -12.66
N VAL E 102 -9.36 75.86 -13.26
CA VAL E 102 -8.87 77.05 -12.58
C VAL E 102 -8.90 78.27 -13.50
N ASP E 103 -9.51 79.35 -13.04
CA ASP E 103 -9.53 80.61 -13.78
C ASP E 103 -8.28 81.43 -13.51
N PHE E 104 -8.22 82.61 -14.13
CA PHE E 104 -7.03 83.45 -14.05
C PHE E 104 -6.95 84.28 -12.77
N GLU E 105 -7.87 84.01 -11.83
CA GLU E 105 -7.86 84.65 -10.52
C GLU E 105 -7.71 83.56 -9.48
N ASP E 106 -7.09 82.45 -9.90
CA ASP E 106 -6.82 81.34 -9.00
C ASP E 106 -8.06 80.79 -8.30
N ASN E 107 -9.21 80.78 -8.96
CA ASN E 107 -10.38 80.17 -8.34
C ASN E 107 -10.62 78.77 -8.87
N TYR E 108 -10.96 77.87 -7.98
CA TYR E 108 -10.95 76.45 -8.30
C TYR E 108 -12.34 75.85 -8.28
N GLN E 109 -12.68 75.11 -9.33
CA GLN E 109 -13.99 74.48 -9.41
C GLN E 109 -13.80 73.09 -9.95
N PHE E 110 -14.76 72.21 -9.73
CA PHE E 110 -14.58 70.84 -10.15
C PHE E 110 -15.91 70.15 -10.43
N ALA E 111 -15.84 68.97 -11.05
CA ALA E 111 -17.03 68.22 -11.37
C ALA E 111 -16.71 66.74 -11.33
N LYS E 112 -17.57 65.97 -10.65
CA LYS E 112 -17.32 64.56 -10.40
C LYS E 112 -18.45 63.70 -10.96
N TYR E 113 -18.14 62.55 -11.56
CA TYR E 113 -19.18 61.68 -12.12
C TYR E 113 -18.99 60.21 -11.72
N ARG E 114 -20.06 59.55 -11.29
CA ARG E 114 -19.88 58.22 -10.70
C ARG E 114 -19.20 57.23 -11.66
N SER E 115 -19.35 57.46 -12.96
CA SER E 115 -18.62 56.67 -13.95
C SER E 115 -18.35 57.42 -15.25
N PHE E 116 -17.40 56.92 -16.02
CA PHE E 116 -17.01 57.54 -17.26
C PHE E 116 -16.27 56.56 -18.13
N LYS E 117 -16.77 56.35 -19.34
CA LYS E 117 -16.00 55.61 -20.32
C LYS E 117 -16.27 56.15 -21.72
N VAL E 118 -15.39 55.84 -22.66
CA VAL E 118 -15.65 56.17 -24.03
C VAL E 118 -15.58 54.88 -24.82
N ALA E 119 -16.60 54.63 -25.64
CA ALA E 119 -16.57 53.46 -26.52
C ALA E 119 -15.33 53.46 -27.42
N ASP E 120 -15.20 52.47 -28.31
CA ASP E 120 -14.00 52.37 -29.14
C ASP E 120 -14.16 53.16 -30.43
N GLU E 121 -13.14 53.12 -31.29
CA GLU E 121 -13.19 53.91 -32.53
C GLU E 121 -14.40 53.59 -33.43
N ALA E 122 -14.55 52.31 -33.79
CA ALA E 122 -15.65 51.90 -34.65
C ALA E 122 -16.97 52.44 -34.11
N GLU E 123 -17.06 52.53 -32.79
CA GLU E 123 -18.23 53.11 -32.13
C GLU E 123 -18.01 54.62 -31.85
N LYS E 124 -17.03 55.19 -32.55
CA LYS E 124 -16.83 56.63 -32.56
C LYS E 124 -16.46 57.24 -31.18
N TYR E 125 -15.85 56.44 -30.33
CA TYR E 125 -15.47 56.89 -29.01
C TYR E 125 -16.65 57.53 -28.31
N ASN E 126 -17.82 56.89 -28.39
CA ASN E 126 -19.07 57.38 -27.78
C ASN E 126 -18.92 57.60 -26.29
N LEU E 127 -19.45 58.70 -25.80
CA LEU E 127 -19.30 59.02 -24.40
C LEU E 127 -20.36 58.32 -23.56
N VAL E 128 -19.92 57.56 -22.57
CA VAL E 128 -20.86 56.87 -21.70
C VAL E 128 -20.61 57.34 -20.28
N LEU E 129 -21.52 58.13 -19.74
CA LEU E 129 -21.23 58.90 -18.55
C LEU E 129 -22.18 58.64 -17.40
N GLY E 130 -21.62 58.23 -16.27
CA GLY E 130 -22.41 58.04 -15.06
C GLY E 130 -23.03 59.32 -14.53
N ALA E 131 -23.78 59.21 -13.44
CA ALA E 131 -24.41 60.38 -12.85
C ALA E 131 -23.39 61.38 -12.32
N PHE E 132 -23.81 62.63 -12.31
CA PHE E 132 -23.05 63.72 -11.75
C PHE E 132 -23.11 63.64 -10.23
N VAL E 133 -21.97 63.45 -9.57
CA VAL E 133 -21.92 63.32 -8.10
C VAL E 133 -22.04 64.67 -7.39
N GLU E 134 -21.05 65.53 -7.59
CA GLU E 134 -21.08 66.88 -7.01
C GLU E 134 -20.07 67.76 -7.75
N GLY E 135 -19.97 69.01 -7.31
CA GLY E 135 -18.92 69.88 -7.82
C GLY E 135 -19.40 71.30 -7.99
N SER E 136 -18.54 72.24 -7.59
CA SER E 136 -18.77 73.69 -7.72
C SER E 136 -18.65 74.26 -9.15
N ALA E 137 -18.41 73.42 -10.15
CA ALA E 137 -18.39 73.89 -11.54
C ALA E 137 -19.76 73.69 -12.18
N GLY E 138 -20.58 72.86 -11.57
CA GLY E 138 -21.90 72.61 -12.11
C GLY E 138 -21.75 71.50 -13.11
N ASP E 139 -22.80 70.70 -13.28
CA ASP E 139 -22.82 69.67 -14.31
C ASP E 139 -22.94 70.27 -15.72
N SER E 140 -21.81 70.42 -16.41
CA SER E 140 -21.80 70.80 -17.81
C SER E 140 -21.25 69.68 -18.71
N LEU E 141 -21.61 68.44 -18.43
CA LEU E 141 -21.13 67.34 -19.27
C LEU E 141 -22.16 66.27 -19.51
N THR E 142 -23.21 66.22 -18.70
CA THR E 142 -24.28 65.25 -18.95
C THR E 142 -24.97 65.54 -20.28
N PHE E 143 -25.17 66.83 -20.57
CA PHE E 143 -25.70 67.24 -21.85
C PHE E 143 -25.05 66.43 -22.97
N HIS E 144 -23.83 65.92 -22.73
CA HIS E 144 -23.07 65.32 -23.80
C HIS E 144 -23.11 63.81 -23.82
N ASN E 145 -23.91 63.23 -22.95
CA ASN E 145 -24.02 61.77 -22.86
C ASN E 145 -24.46 61.07 -24.15
N ASN E 146 -23.98 59.85 -24.36
CA ASN E 146 -24.44 59.00 -25.46
C ASN E 146 -24.16 59.66 -26.82
N GLN E 147 -23.06 60.40 -26.91
CA GLN E 147 -22.77 61.11 -28.13
C GLN E 147 -21.39 60.81 -28.69
N SER E 148 -21.28 60.71 -30.00
CA SER E 148 -20.01 60.45 -30.63
C SER E 148 -19.00 61.57 -30.49
N PHE E 149 -17.72 61.22 -30.54
CA PHE E 149 -16.68 62.24 -30.50
C PHE E 149 -16.57 62.86 -31.89
N SER E 150 -16.32 64.17 -31.96
CA SER E 150 -16.20 64.82 -33.26
C SER E 150 -14.95 65.64 -33.35
N THR E 151 -14.36 65.70 -34.54
CA THR E 151 -13.26 66.62 -34.80
C THR E 151 -13.49 67.41 -36.10
N LYS E 152 -12.59 68.36 -36.36
CA LYS E 152 -12.78 69.25 -37.50
C LYS E 152 -12.93 68.52 -38.83
N ASP E 153 -12.27 67.36 -38.95
CA ASP E 153 -12.32 66.60 -40.18
C ASP E 153 -13.25 65.38 -40.11
N GLN E 154 -14.02 65.26 -39.05
CA GLN E 154 -15.05 64.21 -38.95
C GLN E 154 -16.24 64.64 -38.12
N ASP E 155 -17.29 65.07 -38.81
CA ASP E 155 -18.50 65.56 -38.19
C ASP E 155 -19.46 64.42 -37.78
N ASN E 156 -19.60 64.15 -36.47
CA ASN E 156 -20.52 63.13 -35.97
C ASN E 156 -21.57 63.75 -35.05
N ASP E 157 -21.83 65.04 -35.24
CA ASP E 157 -22.65 65.75 -34.27
C ASP E 157 -24.10 65.80 -34.70
N LEU E 158 -24.96 66.35 -33.83
CA LEU E 158 -26.39 66.51 -34.11
C LEU E 158 -26.71 67.96 -34.52
N ASN E 159 -25.88 68.54 -35.36
CA ASN E 159 -26.15 69.90 -35.80
C ASN E 159 -25.86 69.99 -37.29
N THR E 160 -26.59 70.84 -38.02
CA THR E 160 -26.41 70.90 -39.48
C THR E 160 -25.00 71.30 -39.85
N GLY E 161 -24.39 72.17 -39.07
CA GLY E 161 -23.00 72.50 -39.35
C GLY E 161 -22.03 71.46 -38.79
N ASN E 162 -20.81 71.93 -38.56
CA ASN E 162 -19.70 71.15 -38.03
C ASN E 162 -19.22 71.78 -36.71
N CYS E 163 -19.77 71.31 -35.61
CA CYS E 163 -19.54 71.92 -34.31
C CYS E 163 -18.07 72.18 -33.96
N ALA E 164 -17.19 71.28 -34.39
CA ALA E 164 -15.77 71.38 -34.02
C ALA E 164 -15.10 72.55 -34.71
N VAL E 165 -15.50 72.82 -35.96
CA VAL E 165 -15.01 73.98 -36.69
C VAL E 165 -15.61 75.26 -36.10
N MET E 166 -16.92 75.25 -35.89
CA MET E 166 -17.60 76.40 -35.33
C MET E 166 -16.96 76.80 -33.99
N PHE E 167 -16.63 75.81 -33.15
CA PHE E 167 -16.14 76.10 -31.80
C PHE E 167 -14.68 75.73 -31.59
N GLN E 168 -14.01 75.45 -32.70
CA GLN E 168 -12.57 75.35 -32.74
C GLN E 168 -12.03 74.43 -31.64
N GLY E 169 -12.57 73.23 -31.62
CA GLY E 169 -12.16 72.22 -30.68
C GLY E 169 -12.44 70.81 -31.15
N ALA E 170 -12.80 69.96 -30.18
CA ALA E 170 -13.02 68.56 -30.37
C ALA E 170 -13.67 68.01 -29.10
N TRP E 171 -14.83 67.38 -29.24
CA TRP E 171 -15.62 67.01 -28.09
C TRP E 171 -16.69 66.03 -28.52
N TRP E 172 -17.47 65.56 -27.58
CA TRP E 172 -18.63 64.77 -27.92
C TRP E 172 -19.78 65.75 -28.18
N TYR E 173 -19.60 66.54 -29.25
CA TYR E 173 -20.53 67.59 -29.63
C TYR E 173 -21.89 67.05 -30.05
N LYS E 174 -22.92 67.70 -29.52
CA LYS E 174 -24.29 67.37 -29.79
C LYS E 174 -24.87 68.49 -30.70
N ASN E 175 -25.39 69.57 -30.09
CA ASN E 175 -25.93 70.72 -30.86
C ASN E 175 -25.89 72.08 -30.14
N CYS E 176 -24.71 72.58 -29.82
CA CYS E 176 -23.47 71.88 -30.08
C CYS E 176 -22.82 71.37 -28.80
N HIS E 177 -22.77 72.23 -27.78
CA HIS E 177 -21.98 71.96 -26.59
C HIS E 177 -22.35 72.77 -25.36
N THR E 178 -21.98 72.23 -24.23
CA THR E 178 -22.23 72.92 -23.01
C THR E 178 -20.91 72.95 -22.23
N SER E 179 -19.93 72.23 -22.78
CA SER E 179 -18.54 72.32 -22.36
C SER E 179 -17.68 72.07 -23.60
N ASN E 180 -16.43 72.53 -23.56
CA ASN E 180 -15.57 72.60 -24.74
C ASN E 180 -14.12 72.71 -24.30
N LEU E 181 -13.67 71.78 -23.46
CA LEU E 181 -12.38 71.94 -22.78
C LEU E 181 -11.20 71.82 -23.73
N ASN E 182 -11.46 71.27 -24.91
CA ASN E 182 -10.45 71.20 -25.95
C ASN E 182 -10.54 72.38 -26.91
N GLY E 183 -11.27 73.42 -26.52
CA GLY E 183 -11.33 74.65 -27.28
C GLY E 183 -10.02 75.41 -27.24
N ARG E 184 -10.04 76.67 -27.70
CA ARG E 184 -8.83 77.47 -27.78
C ARG E 184 -8.43 78.16 -26.47
N TYR E 185 -7.14 78.19 -26.20
CA TYR E 185 -6.65 78.86 -25.01
C TYR E 185 -6.81 80.38 -25.17
N LEU E 186 -8.01 80.89 -24.92
CA LEU E 186 -8.29 82.34 -25.10
C LEU E 186 -8.31 82.97 -23.73
N ARG E 187 -7.15 83.32 -23.20
CA ARG E 187 -6.99 83.67 -21.80
C ARG E 187 -8.12 84.51 -21.16
N GLY E 188 -9.03 83.86 -20.45
CA GLY E 188 -10.04 84.58 -19.69
C GLY E 188 -11.34 84.88 -20.41
N THR E 189 -11.84 86.10 -20.24
CA THR E 189 -13.03 86.56 -20.97
C THR E 189 -12.66 86.71 -22.43
N HIS E 190 -13.57 86.30 -23.30
CA HIS E 190 -13.36 86.47 -24.74
C HIS E 190 -14.63 86.97 -25.39
N GLY E 191 -14.44 87.87 -26.35
CA GLY E 191 -15.54 88.36 -27.18
C GLY E 191 -16.24 87.28 -28.00
N SER E 192 -15.50 86.38 -28.64
CA SER E 192 -16.14 85.34 -29.46
C SER E 192 -16.95 84.40 -28.60
N PHE E 193 -17.88 83.70 -29.24
CA PHE E 193 -18.82 82.86 -28.49
C PHE E 193 -18.44 81.37 -28.45
N ALA E 194 -18.32 80.86 -27.23
CA ALA E 194 -18.18 79.43 -26.95
C ALA E 194 -17.02 78.67 -27.61
N ASN E 195 -15.96 79.36 -28.01
CA ASN E 195 -14.88 78.69 -28.71
C ASN E 195 -13.59 78.66 -27.91
N GLY E 196 -13.71 78.85 -26.60
CA GLY E 196 -12.57 78.75 -25.72
C GLY E 196 -12.70 77.55 -24.81
N ILE E 197 -11.87 77.50 -23.78
CA ILE E 197 -11.96 76.42 -22.81
C ILE E 197 -13.11 76.74 -21.87
N ASN E 198 -14.30 76.39 -22.30
CA ASN E 198 -15.53 76.84 -21.69
C ASN E 198 -16.25 75.74 -20.94
N TRP E 199 -16.84 76.10 -19.81
CA TRP E 199 -17.70 75.18 -19.06
C TRP E 199 -18.96 75.99 -18.69
N LYS E 200 -20.07 75.73 -19.37
CA LYS E 200 -21.22 76.64 -19.29
C LYS E 200 -21.54 77.05 -17.86
N SER E 201 -21.86 76.06 -17.03
CA SER E 201 -22.31 76.31 -15.67
C SER E 201 -21.20 76.77 -14.76
N GLY E 202 -19.98 76.81 -15.28
CA GLY E 202 -18.84 77.23 -14.48
C GLY E 202 -18.56 78.71 -14.69
N LYS E 203 -17.89 79.08 -15.76
CA LYS E 203 -17.68 80.49 -15.98
C LYS E 203 -18.27 80.99 -17.30
N GLY E 204 -19.14 80.17 -17.91
CA GLY E 204 -19.93 80.59 -19.05
C GLY E 204 -19.31 80.46 -20.44
N TYR E 205 -20.07 80.87 -21.46
CA TYR E 205 -19.65 80.71 -22.82
C TYR E 205 -18.61 81.74 -23.22
N ASN E 206 -18.26 82.64 -22.30
CA ASN E 206 -17.35 83.72 -22.69
C ASN E 206 -16.11 83.91 -21.81
N TYR E 207 -15.82 82.88 -21.02
CA TYR E 207 -14.60 82.84 -20.23
C TYR E 207 -13.85 81.52 -20.50
N SER E 208 -12.59 81.62 -20.89
CA SER E 208 -11.76 80.45 -21.10
C SER E 208 -10.82 80.23 -19.90
N TYR E 209 -10.89 79.05 -19.25
CA TYR E 209 -10.10 78.81 -18.04
C TYR E 209 -8.59 78.81 -18.24
N LYS E 210 -7.86 78.91 -17.14
CA LYS E 210 -6.40 78.91 -17.20
C LYS E 210 -5.84 77.47 -17.22
N VAL E 211 -6.42 76.63 -16.39
CA VAL E 211 -5.98 75.28 -16.27
C VAL E 211 -7.23 74.46 -16.37
N SER E 212 -7.09 73.25 -16.92
CA SER E 212 -8.20 72.34 -17.01
C SER E 212 -7.62 70.96 -17.00
N GLU E 213 -8.18 70.06 -16.20
CA GLU E 213 -7.69 68.69 -16.16
C GLU E 213 -8.83 67.68 -16.10
N MET E 214 -8.79 66.68 -16.96
CA MET E 214 -9.78 65.62 -16.95
C MET E 214 -9.07 64.35 -16.52
N LYS E 215 -9.60 63.70 -15.48
CA LYS E 215 -8.92 62.58 -14.83
C LYS E 215 -9.83 61.44 -14.36
N VAL E 216 -9.33 60.21 -14.45
CA VAL E 216 -10.10 59.03 -14.07
C VAL E 216 -9.45 58.21 -12.93
N ARG E 217 -10.28 57.48 -12.20
CA ARG E 217 -9.81 56.66 -11.08
C ARG E 217 -10.74 55.47 -11.01
N PRO E 218 -10.22 54.30 -10.63
CA PRO E 218 -11.15 53.19 -10.58
C PRO E 218 -12.04 53.47 -9.39
N ALA E 219 -13.34 53.26 -9.54
CA ALA E 219 -14.31 53.41 -8.43
C ALA E 219 -13.68 53.98 -7.15
N PRO F 3 19.95 46.08 -23.19
CA PRO F 3 18.95 46.72 -24.06
C PRO F 3 19.51 47.43 -25.27
N CYS F 4 20.67 48.05 -25.13
CA CYS F 4 21.14 48.91 -26.21
C CYS F 4 20.68 48.47 -27.60
N LEU F 5 20.90 47.20 -27.91
CA LEU F 5 20.90 46.76 -29.30
C LEU F 5 19.51 46.62 -29.89
N THR F 6 18.52 46.58 -28.99
CA THR F 6 17.12 46.55 -29.39
C THR F 6 16.39 47.79 -28.86
N GLY F 7 17.12 48.75 -28.34
CA GLY F 7 16.49 49.99 -27.87
C GLY F 7 16.48 51.04 -28.98
N PRO F 8 15.65 52.08 -28.82
CA PRO F 8 15.56 53.18 -29.78
C PRO F 8 16.86 53.95 -29.86
N ARG F 9 17.26 54.31 -31.08
CA ARG F 9 18.45 55.06 -31.29
C ARG F 9 18.14 56.55 -31.39
N THR F 10 16.93 56.88 -31.83
CA THR F 10 16.54 58.26 -31.97
C THR F 10 15.13 58.48 -31.47
N CYS F 11 14.75 59.75 -31.39
CA CYS F 11 13.39 60.13 -31.07
C CYS F 11 12.46 59.69 -32.18
N LYS F 12 12.94 59.64 -33.40
CA LYS F 12 12.12 59.10 -34.46
C LYS F 12 11.75 57.63 -34.23
N ASP F 13 12.65 56.82 -33.70
CA ASP F 13 12.23 55.47 -33.41
C ASP F 13 11.07 55.48 -32.45
N LEU F 14 11.17 56.33 -31.43
CA LEU F 14 10.16 56.37 -30.39
C LEU F 14 8.80 56.76 -30.93
N LEU F 15 8.77 57.69 -31.87
CA LEU F 15 7.51 58.02 -32.54
C LEU F 15 6.96 56.78 -33.28
N ASP F 16 7.79 56.18 -34.14
CA ASP F 16 7.44 54.92 -34.81
C ASP F 16 6.89 53.87 -33.87
N ARG F 17 7.50 53.73 -32.70
CA ARG F 17 7.07 52.76 -31.71
C ARG F 17 5.87 53.17 -30.88
N GLY F 18 5.17 54.24 -31.27
CA GLY F 18 3.94 54.63 -30.58
C GLY F 18 4.05 55.57 -29.37
N HIS F 19 5.12 56.36 -29.34
CA HIS F 19 5.27 57.38 -28.32
C HIS F 19 4.86 58.74 -28.91
N PHE F 20 3.65 59.18 -28.59
CA PHE F 20 3.10 60.37 -29.23
C PHE F 20 3.20 61.67 -28.44
N LEU F 21 3.57 61.60 -27.16
CA LEU F 21 3.75 62.82 -26.36
C LEU F 21 5.19 63.25 -26.27
N SER F 22 5.44 64.55 -26.39
CA SER F 22 6.80 65.05 -26.24
C SER F 22 7.23 64.77 -24.84
N GLY F 23 8.53 64.62 -24.65
CA GLY F 23 9.04 64.30 -23.33
C GLY F 23 10.45 63.76 -23.34
N TRP F 24 10.94 63.48 -22.14
CA TRP F 24 12.27 62.90 -21.97
C TRP F 24 12.20 61.38 -22.05
N HIS F 25 12.96 60.80 -22.96
CA HIS F 25 12.99 59.35 -23.13
C HIS F 25 14.46 58.98 -23.23
N THR F 26 14.81 57.75 -22.89
CA THR F 26 16.20 57.38 -23.10
C THR F 26 16.40 56.70 -24.47
N ILE F 27 17.44 57.12 -25.17
CA ILE F 27 17.81 56.51 -26.43
C ILE F 27 19.23 55.99 -26.32
N TYR F 28 19.64 55.20 -27.29
CA TYR F 28 20.96 54.62 -27.21
C TYR F 28 21.79 55.17 -28.31
N LEU F 29 22.90 55.81 -27.95
CA LEU F 29 23.75 56.45 -28.95
C LEU F 29 24.41 55.39 -29.84
N PRO F 30 25.14 55.82 -30.86
CA PRO F 30 25.84 54.86 -31.71
C PRO F 30 26.58 53.74 -30.94
N ASP F 31 27.35 54.10 -29.91
CA ASP F 31 28.14 53.12 -29.17
C ASP F 31 27.43 52.49 -27.96
N CYS F 32 26.14 52.74 -27.83
CA CYS F 32 25.32 52.12 -26.77
C CYS F 32 25.31 52.80 -25.42
N ARG F 33 26.05 53.88 -25.27
CA ARG F 33 25.82 54.73 -24.10
C ARG F 33 24.38 55.21 -24.17
N PRO F 34 23.64 55.00 -23.09
CA PRO F 34 22.28 55.50 -22.97
C PRO F 34 22.33 57.00 -22.73
N LEU F 35 21.42 57.71 -23.36
CA LEU F 35 21.30 59.14 -23.22
C LEU F 35 19.83 59.43 -23.16
N THR F 36 19.41 60.10 -22.09
CA THR F 36 18.04 60.59 -21.92
C THR F 36 17.93 61.95 -22.57
N VAL F 37 16.96 62.11 -23.47
CA VAL F 37 16.87 63.28 -24.30
C VAL F 37 15.43 63.70 -24.45
N LEU F 38 15.23 64.93 -24.95
CA LEU F 38 13.89 65.47 -25.16
C LEU F 38 13.42 65.28 -26.60
N CYS F 39 12.32 64.55 -26.74
CA CYS F 39 11.69 64.32 -28.04
C CYS F 39 10.56 65.31 -28.23
N ASP F 40 10.54 66.00 -29.37
CA ASP F 40 9.40 66.81 -29.81
C ASP F 40 8.59 65.96 -30.77
N MET F 41 7.44 65.47 -30.31
CA MET F 41 6.63 64.55 -31.10
C MET F 41 5.52 65.27 -31.88
N ASP F 42 5.60 66.59 -31.93
CA ASP F 42 4.51 67.39 -32.41
C ASP F 42 4.85 68.20 -33.68
N THR F 43 5.96 68.93 -33.65
CA THR F 43 6.28 69.87 -34.74
C THR F 43 6.69 69.18 -36.03
N ASP F 44 6.12 69.63 -37.15
CA ASP F 44 6.54 69.17 -38.46
C ASP F 44 6.60 67.64 -38.49
N GLY F 45 5.54 67.01 -37.99
CA GLY F 45 5.43 65.56 -37.97
C GLY F 45 6.15 64.81 -36.84
N GLY F 46 6.77 65.52 -35.92
CA GLY F 46 7.36 64.86 -34.76
C GLY F 46 8.66 64.12 -35.04
N GLY F 47 9.16 63.42 -34.03
CA GLY F 47 10.36 62.62 -34.13
C GLY F 47 11.66 63.40 -34.03
N TRP F 48 11.62 64.54 -33.37
CA TRP F 48 12.80 65.40 -33.29
C TRP F 48 13.48 65.28 -31.95
N THR F 49 14.78 65.09 -31.98
CA THR F 49 15.59 65.09 -30.78
C THR F 49 16.10 66.51 -30.53
N VAL F 50 15.69 67.07 -29.38
CA VAL F 50 15.99 68.47 -29.06
C VAL F 50 17.27 68.65 -28.26
N PHE F 51 18.23 69.38 -28.81
CA PHE F 51 19.48 69.57 -28.08
C PHE F 51 19.70 70.93 -27.40
N GLN F 52 18.90 71.94 -27.77
CA GLN F 52 18.97 73.26 -27.16
C GLN F 52 17.57 73.79 -26.91
N ARG F 53 17.37 74.43 -25.76
CA ARG F 53 16.03 74.86 -25.40
C ARG F 53 16.05 76.08 -24.45
N ARG F 54 15.59 77.22 -24.94
CA ARG F 54 15.41 78.40 -24.13
C ARG F 54 13.92 78.60 -24.01
N VAL F 55 13.42 78.87 -22.81
CA VAL F 55 11.99 79.04 -22.64
C VAL F 55 11.57 80.15 -21.66
N ASP F 56 12.41 80.49 -20.67
CA ASP F 56 12.01 81.38 -19.56
C ASP F 56 13.12 82.21 -18.88
N GLY F 57 14.37 82.10 -19.31
CA GLY F 57 15.48 82.80 -18.66
C GLY F 57 16.00 82.18 -17.37
N SER F 58 15.46 81.04 -16.96
CA SER F 58 15.86 80.43 -15.69
C SER F 58 17.30 79.88 -15.60
N VAL F 59 17.94 79.62 -16.74
CA VAL F 59 19.27 79.02 -16.76
C VAL F 59 20.24 79.97 -17.44
N ASP F 60 21.45 80.03 -16.91
CA ASP F 60 22.51 80.87 -17.42
C ASP F 60 23.33 80.15 -18.49
N PHE F 61 23.36 80.70 -19.70
CA PHE F 61 23.95 80.02 -20.84
C PHE F 61 25.32 80.59 -21.17
N TYR F 62 25.77 81.51 -20.33
CA TYR F 62 27.06 82.14 -20.54
C TYR F 62 28.09 81.29 -19.80
N ARG F 63 28.43 80.14 -20.41
CA ARG F 63 29.20 79.12 -19.70
C ARG F 63 30.48 78.75 -20.40
N ASP F 64 31.30 77.95 -19.72
CA ASP F 64 32.62 77.63 -20.25
C ASP F 64 32.65 76.37 -21.10
N TRP F 65 33.79 76.15 -21.77
CA TRP F 65 34.01 75.02 -22.63
C TRP F 65 33.71 73.71 -21.91
N ALA F 66 34.18 73.58 -20.69
CA ALA F 66 33.92 72.36 -19.90
C ALA F 66 32.43 72.11 -19.73
N THR F 67 31.67 73.19 -19.67
CA THR F 67 30.24 73.10 -19.40
C THR F 67 29.49 72.80 -20.69
N TYR F 68 29.88 73.47 -21.78
CA TYR F 68 29.24 73.21 -23.06
C TYR F 68 29.49 71.79 -23.61
N LYS F 69 30.71 71.31 -23.40
CA LYS F 69 31.09 70.00 -23.87
C LYS F 69 30.27 68.98 -23.09
N GLN F 70 29.86 69.37 -21.90
CA GLN F 70 29.31 68.42 -20.95
C GLN F 70 27.79 68.37 -21.00
N GLY F 71 27.20 69.52 -21.30
CA GLY F 71 25.76 69.69 -21.18
C GLY F 71 25.41 70.34 -19.86
N PHE F 72 24.40 71.21 -19.88
CA PHE F 72 23.89 71.83 -18.67
C PHE F 72 22.43 72.28 -18.80
N GLY F 73 21.78 72.46 -17.66
CA GLY F 73 20.43 72.96 -17.68
C GLY F 73 19.56 72.02 -16.90
N SER F 74 18.27 72.01 -17.20
CA SER F 74 17.36 71.18 -16.45
C SER F 74 16.35 70.56 -17.39
N ARG F 75 15.99 69.31 -17.14
CA ARG F 75 14.94 68.69 -17.92
C ARG F 75 13.59 69.39 -17.75
N LEU F 76 13.44 70.17 -16.68
CA LEU F 76 12.17 70.85 -16.47
C LEU F 76 12.08 72.15 -17.27
N GLY F 77 13.13 72.51 -18.00
CA GLY F 77 13.14 73.78 -18.70
C GLY F 77 14.22 73.91 -19.73
N GLU F 78 15.21 74.76 -19.44
CA GLU F 78 16.22 75.11 -20.43
C GLU F 78 17.48 74.27 -20.30
N PHE F 79 18.11 73.97 -21.44
CA PHE F 79 19.30 73.10 -21.48
C PHE F 79 20.10 73.19 -22.78
N TRP F 80 21.38 72.84 -22.68
CA TRP F 80 22.19 72.49 -23.84
C TRP F 80 22.60 71.04 -23.59
N LEU F 81 22.36 70.17 -24.57
CA LEU F 81 22.51 68.73 -24.37
C LEU F 81 23.95 68.38 -24.09
N GLY F 82 24.85 69.12 -24.73
CA GLY F 82 26.27 68.89 -24.55
C GLY F 82 26.97 68.66 -25.86
N ASN F 83 28.08 69.35 -26.07
CA ASN F 83 28.82 69.19 -27.31
C ASN F 83 29.20 67.73 -27.65
N ASP F 84 29.60 66.96 -26.64
CA ASP F 84 29.89 65.52 -26.81
C ASP F 84 28.68 64.74 -27.23
N ASN F 85 27.55 64.99 -26.57
CA ASN F 85 26.33 64.33 -26.96
C ASN F 85 25.91 64.74 -28.36
N ILE F 86 26.03 66.01 -28.73
CA ILE F 86 25.52 66.40 -30.05
C ILE F 86 26.39 65.81 -31.18
N HIS F 87 27.68 65.60 -30.91
CA HIS F 87 28.52 64.81 -31.80
C HIS F 87 27.96 63.40 -31.97
N ALA F 88 27.82 62.69 -30.86
CA ALA F 88 27.25 61.36 -30.87
C ALA F 88 25.96 61.22 -31.69
N LEU F 89 25.01 62.15 -31.54
CA LEU F 89 23.74 62.02 -32.23
C LEU F 89 23.88 62.31 -33.70
N THR F 90 24.87 63.08 -34.09
CA THR F 90 25.01 63.48 -35.49
C THR F 90 26.24 62.90 -36.18
N ALA F 91 26.90 61.92 -35.54
CA ALA F 91 28.10 61.32 -36.13
C ALA F 91 27.73 60.47 -37.35
N GLN F 92 26.75 59.58 -37.19
CA GLN F 92 26.37 58.64 -38.25
C GLN F 92 25.07 59.04 -38.92
N GLY F 93 24.90 58.60 -40.17
CA GLY F 93 23.69 58.92 -40.93
C GLY F 93 23.70 60.40 -41.22
N THR F 94 22.57 60.92 -41.70
CA THR F 94 22.44 62.36 -41.85
C THR F 94 21.24 62.87 -41.06
N SER F 95 21.46 63.89 -40.25
CA SER F 95 20.38 64.48 -39.47
C SER F 95 19.90 65.82 -40.02
N GLU F 96 18.59 65.94 -40.24
CA GLU F 96 17.94 67.24 -40.46
C GLU F 96 17.99 68.11 -39.17
N LEU F 97 18.30 69.39 -39.33
CA LEU F 97 18.27 70.35 -38.23
C LEU F 97 17.09 71.25 -38.44
N ARG F 98 16.34 71.49 -37.37
CA ARG F 98 15.24 72.46 -37.42
C ARG F 98 15.34 73.41 -36.23
N THR F 99 15.10 74.69 -36.50
CA THR F 99 15.11 75.70 -35.44
C THR F 99 13.73 76.28 -35.29
N ASP F 100 13.13 76.13 -34.11
CA ASP F 100 11.87 76.77 -33.80
C ASP F 100 12.11 77.97 -32.90
N LEU F 101 11.55 79.11 -33.28
CA LEU F 101 11.68 80.36 -32.52
C LEU F 101 10.31 80.96 -32.28
N VAL F 102 10.04 81.40 -31.05
CA VAL F 102 8.82 82.16 -30.76
C VAL F 102 9.17 83.49 -30.10
N ASP F 103 8.47 84.54 -30.52
CA ASP F 103 8.69 85.86 -29.98
C ASP F 103 7.71 86.12 -28.84
N PHE F 104 7.78 87.31 -28.25
CA PHE F 104 7.08 87.54 -27.00
C PHE F 104 5.63 87.90 -27.24
N GLU F 105 5.30 87.98 -28.53
CA GLU F 105 3.94 88.23 -29.00
C GLU F 105 3.31 86.92 -29.50
N ASP F 106 4.05 85.81 -29.39
CA ASP F 106 3.52 84.51 -29.78
C ASP F 106 3.46 84.24 -31.29
N ASN F 107 4.11 85.07 -32.10
CA ASN F 107 4.37 84.66 -33.47
C ASN F 107 5.46 83.61 -33.45
N TYR F 108 5.34 82.64 -34.34
CA TYR F 108 6.24 81.51 -34.38
C TYR F 108 6.92 81.41 -35.73
N GLN F 109 8.24 81.39 -35.75
CA GLN F 109 8.95 81.12 -37.00
C GLN F 109 9.93 79.97 -36.88
N PHE F 110 10.59 79.67 -37.99
CA PHE F 110 11.43 78.49 -38.03
C PHE F 110 12.38 78.54 -39.23
N ALA F 111 13.40 77.70 -39.20
CA ALA F 111 14.32 77.56 -40.32
C ALA F 111 14.68 76.11 -40.33
N LYS F 112 14.96 75.55 -41.50
CA LYS F 112 15.16 74.11 -41.60
C LYS F 112 16.31 73.82 -42.51
N TYR F 113 17.26 73.01 -42.07
CA TYR F 113 18.43 72.71 -42.89
C TYR F 113 18.46 71.23 -43.21
N ARG F 114 19.14 70.86 -44.30
CA ARG F 114 19.00 69.51 -44.86
C ARG F 114 19.87 68.50 -44.14
N SER F 115 21.00 68.98 -43.60
CA SER F 115 21.89 68.13 -42.83
C SER F 115 22.58 68.95 -41.74
N PHE F 116 22.95 68.29 -40.65
CA PHE F 116 23.58 68.99 -39.53
C PHE F 116 24.54 68.08 -38.82
N LYS F 117 25.73 68.58 -38.54
CA LYS F 117 26.72 67.74 -37.89
C LYS F 117 27.70 68.59 -37.06
N VAL F 118 28.05 68.14 -35.86
CA VAL F 118 29.18 68.76 -35.18
C VAL F 118 30.29 67.72 -34.96
N ALA F 119 31.53 68.10 -35.22
CA ALA F 119 32.68 67.19 -35.09
C ALA F 119 32.96 66.76 -33.64
N ASP F 120 34.03 65.99 -33.42
CA ASP F 120 34.35 65.60 -32.05
C ASP F 120 35.11 66.75 -31.37
N GLU F 121 35.42 66.59 -30.09
CA GLU F 121 36.07 67.66 -29.36
C GLU F 121 37.43 67.99 -29.96
N ALA F 122 38.24 66.95 -30.20
CA ALA F 122 39.57 67.13 -30.78
C ALA F 122 39.54 68.05 -32.02
N GLU F 123 38.35 68.30 -32.57
CA GLU F 123 38.26 69.15 -33.74
C GLU F 123 37.41 70.39 -33.47
N LYS F 124 37.22 70.71 -32.20
CA LYS F 124 36.59 71.97 -31.82
C LYS F 124 35.10 72.00 -32.17
N TYR F 125 34.46 70.83 -32.05
CA TYR F 125 33.02 70.64 -32.38
C TYR F 125 32.61 71.43 -33.62
N ASN F 126 33.46 71.40 -34.63
CA ASN F 126 33.20 72.13 -35.86
C ASN F 126 31.80 71.88 -36.39
N LEU F 127 31.17 72.94 -36.88
CA LEU F 127 29.83 72.86 -37.43
C LEU F 127 29.86 72.53 -38.90
N VAL F 128 29.14 71.48 -39.30
CA VAL F 128 28.94 71.18 -40.72
C VAL F 128 27.45 71.17 -41.03
N LEU F 129 27.04 72.06 -41.92
CA LEU F 129 25.64 72.29 -42.10
C LEU F 129 25.32 72.24 -43.56
N GLY F 130 24.25 71.53 -43.92
CA GLY F 130 23.82 71.39 -45.29
C GLY F 130 22.85 72.47 -45.71
N ALA F 131 22.41 72.40 -46.97
CA ALA F 131 21.62 73.46 -47.60
C ALA F 131 20.45 73.97 -46.75
N PHE F 132 20.12 75.24 -46.94
CA PHE F 132 18.92 75.79 -46.34
C PHE F 132 17.79 75.20 -47.16
N VAL F 133 16.80 74.65 -46.47
CA VAL F 133 15.65 74.06 -47.13
C VAL F 133 14.53 75.11 -47.23
N GLU F 134 14.04 75.57 -46.10
CA GLU F 134 13.03 76.62 -46.06
C GLU F 134 12.94 77.18 -44.65
N GLY F 135 12.19 78.26 -44.48
CA GLY F 135 11.93 78.80 -43.14
C GLY F 135 11.61 80.27 -43.03
N SER F 136 10.41 80.54 -42.50
CA SER F 136 9.91 81.87 -42.20
C SER F 136 10.83 82.67 -41.26
N ALA F 137 11.88 82.04 -40.74
CA ALA F 137 12.85 82.72 -39.88
C ALA F 137 13.99 83.28 -40.72
N GLY F 138 14.08 82.82 -41.96
CA GLY F 138 15.21 83.16 -42.83
C GLY F 138 16.43 82.36 -42.47
N ASP F 139 17.43 82.38 -43.33
CA ASP F 139 18.65 81.59 -43.10
C ASP F 139 19.63 82.42 -42.31
N SER F 140 19.86 82.05 -41.06
CA SER F 140 20.88 82.72 -40.25
C SER F 140 21.72 81.66 -39.53
N LEU F 141 22.21 80.70 -40.31
CA LEU F 141 23.15 79.76 -39.77
C LEU F 141 24.18 79.39 -40.83
N THR F 142 23.80 79.50 -42.12
CA THR F 142 24.73 79.13 -43.19
C THR F 142 26.02 79.91 -43.02
N PHE F 143 25.89 81.21 -42.78
CA PHE F 143 27.01 82.08 -42.36
C PHE F 143 28.03 81.43 -41.42
N HIS F 144 27.57 80.63 -40.47
CA HIS F 144 28.41 80.06 -39.44
C HIS F 144 29.03 78.69 -39.80
N ASN F 145 28.73 78.18 -41.00
CA ASN F 145 29.30 76.90 -41.43
C ASN F 145 30.84 76.80 -41.40
N ASN F 146 31.34 75.60 -41.13
CA ASN F 146 32.79 75.34 -41.06
C ASN F 146 33.59 76.02 -39.91
N GLN F 147 32.85 76.67 -38.98
CA GLN F 147 33.44 77.32 -37.83
C GLN F 147 33.45 76.45 -36.59
N SER F 148 34.50 76.58 -35.77
CA SER F 148 34.53 75.84 -34.51
C SER F 148 33.56 76.44 -33.52
N PHE F 149 33.45 75.78 -32.37
CA PHE F 149 32.59 76.25 -31.31
C PHE F 149 33.46 77.13 -30.42
N SER F 150 32.91 78.23 -29.91
CA SER F 150 33.69 79.11 -29.05
C SER F 150 32.97 79.39 -27.74
N THR F 151 33.69 79.31 -26.62
CA THR F 151 33.13 79.76 -25.36
C THR F 151 33.98 80.86 -24.75
N LYS F 152 33.42 81.54 -23.75
CA LYS F 152 34.11 82.64 -23.09
C LYS F 152 35.60 82.36 -22.84
N ASP F 153 35.92 81.10 -22.51
CA ASP F 153 37.27 80.76 -22.07
C ASP F 153 38.04 79.93 -23.09
N GLN F 154 37.61 79.94 -24.34
CA GLN F 154 38.35 79.24 -25.37
C GLN F 154 37.96 79.84 -26.70
N ASP F 155 38.59 80.98 -27.00
CA ASP F 155 38.35 81.68 -28.25
C ASP F 155 38.89 80.92 -29.46
N ASN F 156 38.05 80.73 -30.47
CA ASN F 156 38.40 80.03 -31.71
C ASN F 156 37.71 80.71 -32.87
N ASP F 157 37.48 82.03 -32.77
CA ASP F 157 36.76 82.77 -33.81
C ASP F 157 37.69 83.43 -34.77
N LEU F 158 37.12 84.21 -35.69
CA LEU F 158 37.91 84.91 -36.67
C LEU F 158 38.27 86.32 -36.22
N ASN F 159 37.47 86.85 -35.29
CA ASN F 159 37.65 88.22 -34.83
C ASN F 159 38.68 88.42 -33.71
N THR F 160 39.48 89.48 -33.87
CA THR F 160 40.59 89.79 -32.94
C THR F 160 40.13 89.89 -31.49
N GLY F 161 38.90 90.36 -31.32
CA GLY F 161 38.25 90.25 -30.00
C GLY F 161 37.83 88.81 -29.69
N ASN F 162 37.12 88.65 -28.57
CA ASN F 162 36.55 87.35 -28.17
C ASN F 162 35.02 87.37 -28.30
N CYS F 163 34.51 86.84 -29.42
CA CYS F 163 33.09 86.94 -29.71
C CYS F 163 32.20 86.41 -28.57
N ALA F 164 32.59 85.30 -27.98
CA ALA F 164 31.85 84.71 -26.88
C ALA F 164 31.59 85.74 -25.76
N VAL F 165 32.64 86.50 -25.40
CA VAL F 165 32.56 87.54 -24.38
C VAL F 165 31.81 88.74 -24.89
N MET F 166 32.14 89.15 -26.10
CA MET F 166 31.48 90.30 -26.71
C MET F 166 29.97 90.15 -26.76
N PHE F 167 29.49 88.93 -27.04
CA PHE F 167 28.06 88.72 -27.15
C PHE F 167 27.46 87.72 -26.16
N GLN F 168 28.15 87.50 -25.05
CA GLN F 168 27.58 86.71 -23.97
C GLN F 168 26.91 85.39 -24.39
N GLY F 169 27.58 84.65 -25.26
CA GLY F 169 27.08 83.36 -25.67
C GLY F 169 28.15 82.34 -25.98
N ALA F 170 27.69 81.22 -26.53
CA ALA F 170 28.54 80.15 -26.95
C ALA F 170 28.02 79.76 -28.34
N TRP F 171 28.92 79.71 -29.31
CA TRP F 171 28.50 79.52 -30.68
C TRP F 171 29.66 79.21 -31.61
N TRP F 172 29.30 78.95 -32.86
CA TRP F 172 30.25 78.73 -33.92
C TRP F 172 30.57 80.12 -34.47
N TYR F 173 31.23 80.92 -33.64
CA TYR F 173 31.41 82.33 -33.95
C TYR F 173 32.37 82.52 -35.09
N LYS F 174 31.98 83.35 -36.05
CA LYS F 174 32.82 83.77 -37.16
C LYS F 174 33.44 85.12 -36.84
N ASN F 175 32.75 86.18 -37.31
CA ASN F 175 33.23 87.57 -37.18
C ASN F 175 32.09 88.60 -37.16
N CYS F 176 31.18 88.55 -36.19
CA CYS F 176 31.18 87.48 -35.20
C CYS F 176 30.00 86.51 -35.40
N HIS F 177 28.79 87.03 -35.54
CA HIS F 177 27.65 86.14 -35.69
C HIS F 177 26.42 86.75 -36.36
N THR F 178 25.60 85.87 -36.90
CA THR F 178 24.33 86.25 -37.49
C THR F 178 23.19 85.58 -36.73
N SER F 179 23.56 84.56 -35.94
CA SER F 179 22.68 83.96 -34.93
C SER F 179 23.41 83.77 -33.58
N ASN F 180 22.68 83.83 -32.48
CA ASN F 180 23.28 83.80 -31.15
C ASN F 180 22.35 83.11 -30.18
N LEU F 181 21.87 81.93 -30.55
CA LEU F 181 20.76 81.36 -29.80
C LEU F 181 21.17 81.05 -28.37
N ASN F 182 22.48 81.01 -28.12
CA ASN F 182 22.94 80.71 -26.77
C ASN F 182 23.25 81.97 -25.99
N GLY F 183 22.76 83.11 -26.49
CA GLY F 183 22.95 84.40 -25.84
C GLY F 183 22.12 84.61 -24.60
N ARG F 184 22.19 85.81 -24.04
CA ARG F 184 21.42 86.15 -22.84
C ARG F 184 19.89 86.30 -23.07
N TYR F 185 19.12 85.87 -22.08
CA TYR F 185 17.66 85.96 -22.15
C TYR F 185 17.20 87.39 -21.86
N LEU F 186 17.23 88.26 -22.85
CA LEU F 186 16.95 89.65 -22.63
C LEU F 186 15.47 90.00 -22.86
N ARG F 187 14.61 89.01 -22.62
CA ARG F 187 13.15 89.10 -22.83
C ARG F 187 12.69 89.62 -24.21
N GLY F 188 12.28 90.91 -24.40
CA GLY F 188 11.91 91.23 -25.79
C GLY F 188 13.00 91.92 -26.60
N THR F 189 12.64 93.11 -27.09
CA THR F 189 13.56 94.08 -27.67
C THR F 189 14.49 94.59 -26.56
N HIS F 190 15.76 94.76 -26.91
CA HIS F 190 16.77 95.16 -25.94
C HIS F 190 17.77 96.10 -26.61
N GLY F 191 18.12 97.18 -25.93
CA GLY F 191 19.08 98.13 -26.44
C GLY F 191 20.48 97.59 -26.72
N SER F 192 20.91 96.60 -25.93
CA SER F 192 22.22 95.98 -26.13
C SER F 192 22.34 95.47 -27.56
N PHE F 193 23.55 95.48 -28.10
CA PHE F 193 23.76 94.95 -29.44
C PHE F 193 24.21 93.48 -29.45
N ALA F 194 23.38 92.64 -30.06
CA ALA F 194 23.78 91.28 -30.47
C ALA F 194 24.13 90.28 -29.36
N ASN F 195 23.62 90.47 -28.15
CA ASN F 195 23.94 89.55 -27.04
C ASN F 195 22.71 88.91 -26.41
N GLY F 196 21.55 89.14 -27.03
CA GLY F 196 20.36 88.40 -26.65
C GLY F 196 20.28 87.13 -27.46
N ILE F 197 19.23 86.36 -27.25
CA ILE F 197 18.92 85.23 -28.10
C ILE F 197 18.44 85.76 -29.45
N ASN F 198 19.38 85.97 -30.35
CA ASN F 198 19.17 86.69 -31.60
C ASN F 198 19.27 85.81 -32.84
N TRP F 199 18.49 86.14 -33.84
CA TRP F 199 18.57 85.46 -35.13
C TRP F 199 18.41 86.51 -36.22
N LYS F 200 19.53 86.99 -36.77
CA LYS F 200 19.49 88.17 -37.65
C LYS F 200 18.26 88.22 -38.54
N SER F 201 18.16 87.29 -39.49
CA SER F 201 17.10 87.34 -40.51
C SER F 201 15.71 87.19 -39.96
N GLY F 202 15.58 86.82 -38.69
CA GLY F 202 14.27 86.70 -38.04
C GLY F 202 13.87 88.04 -37.45
N LYS F 203 14.18 88.25 -36.17
CA LYS F 203 13.81 89.51 -35.54
C LYS F 203 14.97 90.48 -35.31
N GLY F 204 16.17 90.12 -35.77
CA GLY F 204 17.32 91.04 -35.77
C GLY F 204 18.20 91.10 -34.51
N TYR F 205 19.14 92.04 -34.51
CA TYR F 205 20.14 92.14 -33.45
C TYR F 205 19.60 92.73 -32.14
N ASN F 206 18.42 93.34 -32.19
CA ASN F 206 17.88 93.95 -30.98
C ASN F 206 16.60 93.31 -30.44
N TYR F 207 16.49 91.99 -30.61
CA TYR F 207 15.34 91.26 -30.13
C TYR F 207 15.72 89.84 -29.72
N SER F 208 15.31 89.48 -28.51
CA SER F 208 15.65 88.21 -27.90
C SER F 208 14.37 87.38 -27.76
N TYR F 209 14.34 86.19 -28.35
CA TYR F 209 13.11 85.37 -28.41
C TYR F 209 12.61 84.85 -27.08
N LYS F 210 11.33 84.48 -27.01
CA LYS F 210 10.79 83.90 -25.78
C LYS F 210 11.14 82.43 -25.75
N VAL F 211 10.94 81.79 -26.91
CA VAL F 211 11.29 80.39 -27.04
C VAL F 211 12.28 80.15 -28.16
N SER F 212 13.25 79.29 -27.89
CA SER F 212 14.19 78.82 -28.90
C SER F 212 14.40 77.31 -28.68
N GLU F 213 14.43 76.55 -29.78
CA GLU F 213 14.65 75.11 -29.74
C GLU F 213 15.43 74.67 -30.96
N MET F 214 16.48 73.89 -30.73
CA MET F 214 17.25 73.33 -31.81
C MET F 214 17.05 71.82 -31.76
N LYS F 215 16.73 71.24 -32.91
CA LYS F 215 16.44 69.83 -32.97
C LYS F 215 16.92 69.12 -34.25
N VAL F 216 17.17 67.83 -34.11
CA VAL F 216 17.64 67.01 -35.20
C VAL F 216 16.71 65.83 -35.40
N ARG F 217 16.78 65.25 -36.58
CA ARG F 217 15.96 64.11 -36.93
C ARG F 217 16.62 63.46 -38.13
N PRO F 218 16.47 62.14 -38.25
CA PRO F 218 17.15 61.50 -39.37
C PRO F 218 16.41 61.79 -40.70
N ALA F 219 17.16 62.19 -41.72
CA ALA F 219 16.57 62.42 -43.03
C ALA F 219 16.46 61.11 -43.81
CA CA G . 22.54 -87.41 1.86
C ACT H . -5.10 -84.71 17.04
O ACT H . -5.57 -84.02 16.08
OXT ACT H . -4.60 -85.84 16.76
CH3 ACT H . -5.10 -84.18 18.47
C1 NAG I . 2.89 -71.20 21.61
C1 NAG I . -1.48 -72.76 20.03
C2 NAG I . 2.25 -72.59 21.70
C2 NAG I . -0.11 -73.25 20.50
C3 NAG I . 2.84 -73.39 22.86
C3 NAG I . 1.11 -72.69 19.75
C4 NAG I . 4.16 -72.87 23.46
C4 NAG I . 0.85 -71.64 18.65
C5 NAG I . 4.79 -71.62 22.88
C5 NAG I . -0.57 -71.07 18.69
C6 NAG I . 6.30 -71.83 22.92
C6 NAG I . -0.83 -70.24 17.44
C7 NAG I . -0.05 -73.43 22.21
C7 NAG I . 0.00 -73.96 22.86
C8 NAG I . -0.99 -73.88 21.13
C8 NAG I . -0.81 -75.18 22.58
N2 NAG I . 0.78 -72.46 21.84
N2 NAG I . -0.03 -73.00 21.93
O1 NAG I . 2.39 -70.51 20.49
O1 NAG I . -2.32 -73.88 19.98
O3 NAG I . 3.02 -74.74 22.44
O3 NAG I . 1.83 -73.74 19.16
O4 NAG I . 3.98 -72.57 24.82
O4 NAG I . 1.77 -70.57 18.82
O5 NAG I . 4.30 -71.34 21.57
O5 NAG I . -1.46 -72.16 18.75
O6 NAG I . 6.62 -72.60 24.08
O6 NAG I . -1.93 -69.39 17.68
O7 NAG I . -0.03 -73.93 23.36
O7 NAG I . 0.65 -73.90 23.91
CA CA J . -3.53 -53.78 50.96
C ACT K . 7.72 -54.36 43.56
O ACT K . 6.83 -54.35 42.65
OXT ACT K . 7.40 -54.94 44.63
CH3 ACT K . 9.05 -53.67 43.39
C1 NAG L . 2.14 -69.78 56.17
C2 NAG L . 2.77 -71.17 56.25
C3 NAG L . 2.24 -71.92 57.48
C4 NAG L . 2.87 -71.22 58.67
C5 NAG L . 3.00 -69.70 58.40
C6 NAG L . 2.94 -68.89 59.70
C7 NAG L . 3.76 -72.44 54.41
C8 NAG L . 3.59 -73.66 53.53
N2 NAG L . 2.66 -71.95 55.02
O3 NAG L . 2.66 -73.26 57.48
O4 NAG L . 2.15 -71.50 59.84
O5 NAG L . 2.04 -69.22 57.46
O6 NAG L . 3.07 -67.53 59.37
O7 NAG L . 4.88 -71.95 54.55
C1 NAG M . -8.43 -71.67 8.39
C2 NAG M . -9.03 -72.33 7.17
C3 NAG M . -9.34 -71.34 6.05
C4 NAG M . -9.38 -69.88 6.53
C5 NAG M . -8.10 -69.52 7.30
C6 NAG M . -8.29 -68.32 8.23
C7 NAG M . -8.09 -73.82 5.56
C8 NAG M . -7.85 -72.89 4.40
N2 NAG M . -8.03 -73.29 6.76
O1 NAG M . -9.48 -71.23 9.26
O3 NAG M . -10.59 -71.67 5.43
O4 NAG M . -9.51 -69.01 5.43
O5 NAG M . -7.55 -70.62 8.02
O6 NAG M . -7.18 -68.27 9.11
O7 NAG M . -8.34 -75.02 5.39
C1 NAG N . -14.98 -60.05 20.39
C2 NAG N . -14.26 -61.15 19.58
C3 NAG N . -12.85 -60.68 19.24
C4 NAG N . -12.96 -59.30 18.59
C5 NAG N . -13.51 -58.30 19.62
C6 NAG N . -14.53 -57.32 19.08
C7 NAG N . -14.56 -63.58 19.78
C8 NAG N . -16.03 -63.68 19.49
N2 NAG N . -14.18 -62.42 20.28
O1 NAG N . -16.05 -59.51 19.63
O3 NAG N . -12.25 -61.61 18.37
O4 NAG N . -11.68 -58.93 18.12
O5 NAG N . -14.10 -58.99 20.74
O6 NAG N . -15.52 -57.12 20.09
O7 NAG N . -13.75 -64.51 19.62
CA CA O . -31.66 -54.23 -9.08
C1 NAG P . 17.09 77.02 -9.94
C2 NAG P . 16.02 75.89 -10.07
C3 NAG P . 14.75 76.30 -10.82
C4 NAG P . 14.38 77.77 -10.66
C5 NAG P . 15.59 78.61 -11.08
C6 NAG P . 15.31 80.13 -11.17
C7 NAG P . 16.01 73.43 -10.52
C8 NAG P . 16.34 72.62 -9.28
N2 NAG P . 16.57 74.64 -10.63
O1 NAG P . 17.78 76.93 -8.68
O3 NAG P . 13.66 75.50 -10.42
O4 NAG P . 13.21 78.05 -11.40
O5 NAG P . 16.61 78.38 -10.11
O6 NAG P . 14.31 80.50 -12.13
O7 NAG P . 15.25 72.95 -11.38
CA CA Q . 0.64 77.00 20.29
C1 NAG R . 1.53 69.76 -11.88
C2 NAG R . 0.19 69.53 -11.19
C3 NAG R . -0.59 70.85 -11.00
C4 NAG R . -0.06 72.14 -11.70
C5 NAG R . 1.35 71.97 -12.28
C6 NAG R . 2.16 73.28 -12.38
C7 NAG R . -1.43 67.66 -11.44
C8 NAG R . -1.66 67.73 -9.95
N2 NAG R . -0.52 68.49 -11.95
O1 NAG R . 2.43 68.72 -11.56
O3 NAG R . -0.65 71.12 -9.61
O4 NAG R . -0.96 72.56 -12.72
O5 NAG R . 2.02 71.03 -11.50
O6 NAG R . 3.43 72.95 -13.00
O7 NAG R . -2.07 66.88 -12.15
CA CA S . -22.84 68.21 -38.26
C1 NAG T . -28.13 56.14 -27.08
C2 NAG T . -28.95 54.93 -26.64
C3 NAG T . -29.40 54.01 -27.79
C4 NAG T . -29.69 54.75 -29.09
C5 NAG T . -28.75 55.92 -29.30
C6 NAG T . -29.07 56.69 -30.60
C7 NAG T . -28.03 54.61 -24.45
C8 NAG T . -26.76 54.21 -23.74
N2 NAG T . -28.20 54.16 -25.69
O3 NAG T . -30.58 53.35 -27.39
O4 NAG T . -29.53 53.85 -30.16
O5 NAG T . -28.82 56.75 -28.15
O6 NAG T . -27.87 57.03 -31.28
O7 NAG T . -28.87 55.35 -23.91
C1 NAG U . 6.99 71.69 -24.15
C2 NAG U . 6.84 71.86 -25.65
C3 NAG U . 5.92 73.04 -26.01
C4 NAG U . 6.02 74.23 -25.03
C5 NAG U . 6.23 73.80 -23.55
C6 NAG U . 5.43 74.64 -22.52
C7 NAG U . 8.88 70.84 -26.43
C8 NAG U . 8.50 69.78 -25.46
N2 NAG U . 8.16 71.95 -26.27
O1 NAG U . 6.97 70.31 -23.86
O3 NAG U . 4.60 72.57 -26.11
O4 NAG U . 7.06 75.09 -25.46
O5 NAG U . 5.98 72.41 -23.46
O6 NAG U . 5.26 73.98 -21.26
O7 NAG U . 9.77 70.64 -27.30
CA CA V . 39.55 86.06 -31.47
#